data_2DPR
# 
_entry.id   2DPR 
# 
_audit_conform.dict_name       mmcif_pdbx.dic 
_audit_conform.dict_version    5.389 
_audit_conform.dict_location   http://mmcif.pdb.org/dictionaries/ascii/mmcif_pdbx.dic 
# 
loop_
_database_2.database_id 
_database_2.database_code 
_database_2.pdbx_database_accession 
_database_2.pdbx_DOI 
PDB   2DPR         pdb_00002dpr 10.2210/pdb2dpr/pdb 
RCSB  RCSB025697   ?            ?                   
WWPDB D_1000025697 ?            ?                   
# 
loop_
_pdbx_audit_revision_history.ordinal 
_pdbx_audit_revision_history.data_content_type 
_pdbx_audit_revision_history.major_revision 
_pdbx_audit_revision_history.minor_revision 
_pdbx_audit_revision_history.revision_date 
1 'Structure model' 1 0 2007-04-24 
2 'Structure model' 1 1 2008-04-01 
3 'Structure model' 1 2 2011-07-13 
4 'Structure model' 1 3 2013-07-24 
5 'Structure model' 1 4 2017-10-11 
6 'Structure model' 1 5 2024-04-03 
# 
_pdbx_audit_revision_details.ordinal             1 
_pdbx_audit_revision_details.revision_ordinal    1 
_pdbx_audit_revision_details.data_content_type   'Structure model' 
_pdbx_audit_revision_details.provider            repository 
_pdbx_audit_revision_details.type                'Initial release' 
_pdbx_audit_revision_details.description         ? 
_pdbx_audit_revision_details.details             ? 
# 
loop_
_pdbx_audit_revision_group.ordinal 
_pdbx_audit_revision_group.revision_ordinal 
_pdbx_audit_revision_group.data_content_type 
_pdbx_audit_revision_group.group 
1  2 'Structure model' 'Version format compliance' 
2  3 'Structure model' 'Derived calculations'      
3  3 'Structure model' 'Version format compliance' 
4  4 'Structure model' 'Database references'       
5  4 'Structure model' 'Structure summary'         
6  5 'Structure model' Advisory                    
7  5 'Structure model' 'Refinement description'    
8  6 'Structure model' Advisory                    
9  6 'Structure model' 'Data collection'           
10 6 'Structure model' 'Database references'       
11 6 'Structure model' 'Derived calculations'      
12 6 'Structure model' 'Refinement description'    
# 
loop_
_pdbx_audit_revision_category.ordinal 
_pdbx_audit_revision_category.revision_ordinal 
_pdbx_audit_revision_category.data_content_type 
_pdbx_audit_revision_category.category 
1  5 'Structure model' pdbx_unobs_or_zero_occ_atoms  
2  5 'Structure model' software                      
3  6 'Structure model' chem_comp_atom                
4  6 'Structure model' chem_comp_bond                
5  6 'Structure model' database_2                    
6  6 'Structure model' pdbx_initial_refinement_model 
7  6 'Structure model' pdbx_struct_conn_angle        
8  6 'Structure model' pdbx_unobs_or_zero_occ_atoms  
9  6 'Structure model' struct_conn                   
10 6 'Structure model' struct_conn_type              
11 6 'Structure model' struct_ref_seq_dif            
12 6 'Structure model' struct_site                   
# 
loop_
_pdbx_audit_revision_item.ordinal 
_pdbx_audit_revision_item.revision_ordinal 
_pdbx_audit_revision_item.data_content_type 
_pdbx_audit_revision_item.item 
1  6 'Structure model' '_database_2.pdbx_DOI'                        
2  6 'Structure model' '_database_2.pdbx_database_accession'         
3  6 'Structure model' '_pdbx_struct_conn_angle.ptnr1_auth_asym_id'  
4  6 'Structure model' '_pdbx_struct_conn_angle.ptnr1_auth_comp_id'  
5  6 'Structure model' '_pdbx_struct_conn_angle.ptnr1_auth_seq_id'   
6  6 'Structure model' '_pdbx_struct_conn_angle.ptnr1_label_asym_id' 
7  6 'Structure model' '_pdbx_struct_conn_angle.ptnr1_label_atom_id' 
8  6 'Structure model' '_pdbx_struct_conn_angle.ptnr1_label_comp_id' 
9  6 'Structure model' '_pdbx_struct_conn_angle.ptnr1_label_seq_id'  
10 6 'Structure model' '_pdbx_struct_conn_angle.ptnr1_symmetry'      
11 6 'Structure model' '_pdbx_struct_conn_angle.ptnr2_auth_asym_id'  
12 6 'Structure model' '_pdbx_struct_conn_angle.ptnr2_auth_seq_id'   
13 6 'Structure model' '_pdbx_struct_conn_angle.ptnr2_label_asym_id' 
14 6 'Structure model' '_pdbx_struct_conn_angle.ptnr3_auth_asym_id'  
15 6 'Structure model' '_pdbx_struct_conn_angle.ptnr3_auth_comp_id'  
16 6 'Structure model' '_pdbx_struct_conn_angle.ptnr3_auth_seq_id'   
17 6 'Structure model' '_pdbx_struct_conn_angle.ptnr3_label_asym_id' 
18 6 'Structure model' '_pdbx_struct_conn_angle.ptnr3_label_atom_id' 
19 6 'Structure model' '_pdbx_struct_conn_angle.ptnr3_label_comp_id' 
20 6 'Structure model' '_pdbx_struct_conn_angle.ptnr3_label_seq_id'  
21 6 'Structure model' '_pdbx_struct_conn_angle.ptnr3_symmetry'      
22 6 'Structure model' '_pdbx_struct_conn_angle.value'               
23 6 'Structure model' '_struct_conn.conn_type_id'                   
24 6 'Structure model' '_struct_conn.id'                             
25 6 'Structure model' '_struct_conn.pdbx_dist_value'                
26 6 'Structure model' '_struct_conn.pdbx_leaving_atom_flag'         
27 6 'Structure model' '_struct_conn.ptnr1_auth_asym_id'             
28 6 'Structure model' '_struct_conn.ptnr1_auth_comp_id'             
29 6 'Structure model' '_struct_conn.ptnr1_auth_seq_id'              
30 6 'Structure model' '_struct_conn.ptnr1_label_asym_id'            
31 6 'Structure model' '_struct_conn.ptnr1_label_atom_id'            
32 6 'Structure model' '_struct_conn.ptnr1_label_comp_id'            
33 6 'Structure model' '_struct_conn.ptnr1_label_seq_id'             
34 6 'Structure model' '_struct_conn.ptnr1_symmetry'                 
35 6 'Structure model' '_struct_conn.ptnr2_auth_asym_id'             
36 6 'Structure model' '_struct_conn.ptnr2_auth_comp_id'             
37 6 'Structure model' '_struct_conn.ptnr2_auth_seq_id'              
38 6 'Structure model' '_struct_conn.ptnr2_label_asym_id'            
39 6 'Structure model' '_struct_conn.ptnr2_label_atom_id'            
40 6 'Structure model' '_struct_conn.ptnr2_label_comp_id'            
41 6 'Structure model' '_struct_conn.ptnr2_label_seq_id'             
42 6 'Structure model' '_struct_conn.ptnr2_symmetry'                 
43 6 'Structure model' '_struct_conn_type.id'                        
44 6 'Structure model' '_struct_ref_seq_dif.details'                 
45 6 'Structure model' '_struct_site.pdbx_auth_asym_id'              
46 6 'Structure model' '_struct_site.pdbx_auth_comp_id'              
47 6 'Structure model' '_struct_site.pdbx_auth_seq_id'               
# 
_pdbx_database_status.entry_id                        2DPR 
_pdbx_database_status.deposit_site                    PDBJ 
_pdbx_database_status.process_site                    PDBJ 
_pdbx_database_status.recvd_initial_deposition_date   2006-05-13 
_pdbx_database_status.status_code                     REL 
_pdbx_database_status.status_code_sf                  REL 
_pdbx_database_status.status_code_mr                  ? 
_pdbx_database_status.SG_entry                        ? 
_pdbx_database_status.status_code_cs                  ? 
_pdbx_database_status.methods_development_category    ? 
_pdbx_database_status.pdb_format_compatible           Y 
_pdbx_database_status.status_code_nmr_data            ? 
# 
_pdbx_database_related.db_name        PDB 
_pdbx_database_related.db_id          2DPQ 
_pdbx_database_related.details        'A different peptide, con-G bound to calcium.' 
_pdbx_database_related.content_type   unspecified 
# 
loop_
_audit_author.name 
_audit_author.pdbx_ordinal 
'Cnudde, S.E.'     1 
'Prorok, M.'       2 
'Dai, Q.'          3 
'Castellino, F.J.' 4 
'Geiger, J.H.'     5 
# 
_citation.id                        primary 
_citation.title                     
;The crystal structures of the calcium-bound con-G and con-T[K7gamma] dimeric peptides demonstrate a metal-dependent helix-forming motif
;
_citation.journal_abbrev            J.Am.Chem.Soc. 
_citation.journal_volume            129 
_citation.page_first                1586 
_citation.page_last                 1593 
_citation.year                      2007 
_citation.journal_id_ASTM           JACSAT 
_citation.country                   US 
_citation.journal_id_ISSN           0002-7863 
_citation.journal_id_CSD            0004 
_citation.book_publisher            ? 
_citation.pdbx_database_id_PubMed   17243678 
_citation.pdbx_database_id_DOI      10.1021/ja065722q 
# 
loop_
_citation_author.citation_id 
_citation_author.name 
_citation_author.ordinal 
_citation_author.identifier_ORCID 
primary 'Cnudde, S.E.'     1 ? 
primary 'Prorok, M.'       2 ? 
primary 'Dai, Q.'          3 ? 
primary 'Castellino, F.J.' 4 ? 
primary 'Geiger, J.H.'     5 ? 
# 
loop_
_entity.id 
_entity.type 
_entity.src_method 
_entity.pdbx_description 
_entity.formula_weight 
_entity.pdbx_number_of_molecules 
_entity.pdbx_ec 
_entity.pdbx_mutation 
_entity.pdbx_fragment 
_entity.details 
1 polymer     syn Conantokin-T  2732.773 2   ? K7E ? ? 
2 non-polymer syn 'CALCIUM ION' 40.078   4   ? ?   ? ? 
3 water       nat water         18.015   142 ? ?   ? ? 
# 
_entity_name_com.entity_id   1 
_entity_name_com.name        Con-T 
# 
_entity_poly.entity_id                      1 
_entity_poly.type                           'polypeptide(L)' 
_entity_poly.nstd_linkage                   no 
_entity_poly.nstd_monomer                   yes 
_entity_poly.pdbx_seq_one_letter_code       'GE(CGU)(CGU)YQ(CGU)ML(CGU)NLR(CGU)AEVKKNA' 
_entity_poly.pdbx_seq_one_letter_code_can   GEEEYQEMLENLREAEVKKNA 
_entity_poly.pdbx_strand_id                 A,B 
_entity_poly.pdbx_target_identifier         ? 
# 
loop_
_pdbx_entity_nonpoly.entity_id 
_pdbx_entity_nonpoly.name 
_pdbx_entity_nonpoly.comp_id 
2 'CALCIUM ION' CA  
3 water         HOH 
# 
loop_
_entity_poly_seq.entity_id 
_entity_poly_seq.num 
_entity_poly_seq.mon_id 
_entity_poly_seq.hetero 
1 1  GLY n 
1 2  GLU n 
1 3  CGU n 
1 4  CGU n 
1 5  TYR n 
1 6  GLN n 
1 7  CGU n 
1 8  MET n 
1 9  LEU n 
1 10 CGU n 
1 11 ASN n 
1 12 LEU n 
1 13 ARG n 
1 14 CGU n 
1 15 ALA n 
1 16 GLU n 
1 17 VAL n 
1 18 LYS n 
1 19 LYS n 
1 20 ASN n 
1 21 ALA n 
# 
_pdbx_entity_src_syn.entity_id              1 
_pdbx_entity_src_syn.pdbx_src_id            1 
_pdbx_entity_src_syn.pdbx_alt_source_flag   sample 
_pdbx_entity_src_syn.pdbx_beg_seq_num       ? 
_pdbx_entity_src_syn.pdbx_end_seq_num       ? 
_pdbx_entity_src_syn.organism_scientific    'Conus tulipa' 
_pdbx_entity_src_syn.organism_common_name   'fish-hunting cone snail' 
_pdbx_entity_src_syn.ncbi_taxonomy_id       6495 
_pdbx_entity_src_syn.details                
'con-T(K7Glu) was synthesized. The sequence of the peptide is naturally found in Conus tulipa (tulip cone)' 
# 
loop_
_chem_comp.id 
_chem_comp.type 
_chem_comp.mon_nstd_flag 
_chem_comp.name 
_chem_comp.pdbx_synonyms 
_chem_comp.formula 
_chem_comp.formula_weight 
ALA 'L-peptide linking' y ALANINE                       ? 'C3 H7 N O2'     89.093  
ARG 'L-peptide linking' y ARGININE                      ? 'C6 H15 N4 O2 1' 175.209 
ASN 'L-peptide linking' y ASPARAGINE                    ? 'C4 H8 N2 O3'    132.118 
CA  non-polymer         . 'CALCIUM ION'                 ? 'Ca 2'           40.078  
CGU 'L-peptide linking' n 'GAMMA-CARBOXY-GLUTAMIC ACID' ? 'C6 H9 N O6'     191.139 
GLN 'L-peptide linking' y GLUTAMINE                     ? 'C5 H10 N2 O3'   146.144 
GLU 'L-peptide linking' y 'GLUTAMIC ACID'               ? 'C5 H9 N O4'     147.129 
GLY 'peptide linking'   y GLYCINE                       ? 'C2 H5 N O2'     75.067  
HOH non-polymer         . WATER                         ? 'H2 O'           18.015  
LEU 'L-peptide linking' y LEUCINE                       ? 'C6 H13 N O2'    131.173 
LYS 'L-peptide linking' y LYSINE                        ? 'C6 H15 N2 O2 1' 147.195 
MET 'L-peptide linking' y METHIONINE                    ? 'C5 H11 N O2 S'  149.211 
TYR 'L-peptide linking' y TYROSINE                      ? 'C9 H11 N O3'    181.189 
VAL 'L-peptide linking' y VALINE                        ? 'C5 H11 N O2'    117.146 
# 
loop_
_pdbx_poly_seq_scheme.asym_id 
_pdbx_poly_seq_scheme.entity_id 
_pdbx_poly_seq_scheme.seq_id 
_pdbx_poly_seq_scheme.mon_id 
_pdbx_poly_seq_scheme.ndb_seq_num 
_pdbx_poly_seq_scheme.pdb_seq_num 
_pdbx_poly_seq_scheme.auth_seq_num 
_pdbx_poly_seq_scheme.pdb_mon_id 
_pdbx_poly_seq_scheme.auth_mon_id 
_pdbx_poly_seq_scheme.pdb_strand_id 
_pdbx_poly_seq_scheme.pdb_ins_code 
_pdbx_poly_seq_scheme.hetero 
A 1 1  GLY 1  1  1  GLY GLY A . n 
A 1 2  GLU 2  2  2  GLU GLU A . n 
A 1 3  CGU 3  3  3  CGU CGU A . n 
A 1 4  CGU 4  4  4  CGU CGU A . n 
A 1 5  TYR 5  5  5  TYR TYR A . n 
A 1 6  GLN 6  6  6  GLN GLN A . n 
A 1 7  CGU 7  7  7  CGU CGU A . n 
A 1 8  MET 8  8  8  MET MET A . n 
A 1 9  LEU 9  9  9  LEU LEU A . n 
A 1 10 CGU 10 10 10 CGU CGU A . n 
A 1 11 ASN 11 11 11 ASN ASN A . n 
A 1 12 LEU 12 12 12 LEU LEU A . n 
A 1 13 ARG 13 13 13 ARG ARG A . n 
A 1 14 CGU 14 14 14 CGU CGU A . n 
A 1 15 ALA 15 15 15 ALA ALA A . n 
A 1 16 GLU 16 16 16 GLU GLU A . n 
A 1 17 VAL 17 17 17 VAL VAL A . n 
A 1 18 LYS 18 18 18 LYS LYS A . n 
A 1 19 LYS 19 19 19 LYS LYS A . n 
A 1 20 ASN 20 20 20 ASN ASN A . n 
A 1 21 ALA 21 21 21 ALA ALA A . n 
B 1 1  GLY 1  1  1  GLY GLY B . n 
B 1 2  GLU 2  2  2  GLU GLU B . n 
B 1 3  CGU 3  3  3  CGU CGU B . n 
B 1 4  CGU 4  4  4  CGU CGU B . n 
B 1 5  TYR 5  5  5  TYR TYR B . n 
B 1 6  GLN 6  6  6  GLN GLN B . n 
B 1 7  CGU 7  7  7  CGU CGU B . n 
B 1 8  MET 8  8  8  MET MET B . n 
B 1 9  LEU 9  9  9  LEU LEU B . n 
B 1 10 CGU 10 10 10 CGU CGU B . n 
B 1 11 ASN 11 11 11 ASN ASN B . n 
B 1 12 LEU 12 12 12 LEU LEU B . n 
B 1 13 ARG 13 13 13 ARG ARG B . n 
B 1 14 CGU 14 14 14 CGU CGU B . n 
B 1 15 ALA 15 15 15 ALA ALA B . n 
B 1 16 GLU 16 16 16 GLU GLU B . n 
B 1 17 VAL 17 17 17 VAL VAL B . n 
B 1 18 LYS 18 18 18 LYS LYS B . n 
B 1 19 LYS 19 19 19 LYS LYS B . n 
B 1 20 ASN 20 20 20 ASN ASN B . n 
B 1 21 ALA 21 21 21 ALA ALA B . n 
# 
loop_
_pdbx_nonpoly_scheme.asym_id 
_pdbx_nonpoly_scheme.entity_id 
_pdbx_nonpoly_scheme.mon_id 
_pdbx_nonpoly_scheme.ndb_seq_num 
_pdbx_nonpoly_scheme.pdb_seq_num 
_pdbx_nonpoly_scheme.auth_seq_num 
_pdbx_nonpoly_scheme.pdb_mon_id 
_pdbx_nonpoly_scheme.auth_mon_id 
_pdbx_nonpoly_scheme.pdb_strand_id 
_pdbx_nonpoly_scheme.pdb_ins_code 
C 2 CA  1  102 2   CA  CA  A . 
D 2 CA  1  101 1   CA  CA  B . 
E 2 CA  1  103 3   CA  CA  B . 
F 2 CA  1  104 4   CA  CA  B . 
G 3 HOH 1  103 1   HOH HOH A . 
G 3 HOH 2  104 5   HOH HOH A . 
G 3 HOH 3  105 15  HOH HOH A . 
G 3 HOH 4  106 19  HOH HOH A . 
G 3 HOH 5  107 20  HOH HOH A . 
G 3 HOH 6  108 21  HOH HOH A . 
G 3 HOH 7  109 23  HOH HOH A . 
G 3 HOH 8  110 24  HOH HOH A . 
G 3 HOH 9  111 26  HOH HOH A . 
G 3 HOH 10 112 28  HOH HOH A . 
G 3 HOH 11 113 32  HOH HOH A . 
G 3 HOH 12 114 35  HOH HOH A . 
G 3 HOH 13 115 37  HOH HOH A . 
G 3 HOH 14 116 40  HOH HOH A . 
G 3 HOH 15 117 43  HOH HOH A . 
G 3 HOH 16 118 45  HOH HOH A . 
G 3 HOH 17 119 48  HOH HOH A . 
G 3 HOH 18 120 49  HOH HOH A . 
G 3 HOH 19 121 50  HOH HOH A . 
G 3 HOH 20 122 51  HOH HOH A . 
G 3 HOH 21 123 54  HOH HOH A . 
G 3 HOH 22 124 55  HOH HOH A . 
G 3 HOH 23 125 57  HOH HOH A . 
G 3 HOH 24 126 60  HOH HOH A . 
G 3 HOH 25 127 61  HOH HOH A . 
G 3 HOH 26 128 64  HOH HOH A . 
G 3 HOH 27 129 70  HOH HOH A . 
G 3 HOH 28 130 71  HOH HOH A . 
G 3 HOH 29 131 73  HOH HOH A . 
G 3 HOH 30 132 74  HOH HOH A . 
G 3 HOH 31 133 76  HOH HOH A . 
G 3 HOH 32 134 77  HOH HOH A . 
G 3 HOH 33 135 78  HOH HOH A . 
G 3 HOH 34 136 79  HOH HOH A . 
G 3 HOH 35 137 80  HOH HOH A . 
G 3 HOH 36 138 81  HOH HOH A . 
G 3 HOH 37 139 82  HOH HOH A . 
G 3 HOH 38 140 84  HOH HOH A . 
G 3 HOH 39 141 85  HOH HOH A . 
G 3 HOH 40 142 88  HOH HOH A . 
G 3 HOH 41 143 89  HOH HOH A . 
G 3 HOH 42 144 90  HOH HOH A . 
G 3 HOH 43 145 91  HOH HOH A . 
G 3 HOH 44 146 92  HOH HOH A . 
G 3 HOH 45 147 93  HOH HOH A . 
G 3 HOH 46 148 94  HOH HOH A . 
G 3 HOH 47 149 99  HOH HOH A . 
G 3 HOH 48 150 100 HOH HOH A . 
G 3 HOH 49 151 101 HOH HOH A . 
G 3 HOH 50 152 102 HOH HOH A . 
G 3 HOH 51 153 103 HOH HOH A . 
G 3 HOH 52 154 105 HOH HOH A . 
G 3 HOH 53 155 108 HOH HOH A . 
G 3 HOH 54 156 112 HOH HOH A . 
G 3 HOH 55 157 114 HOH HOH A . 
G 3 HOH 56 158 116 HOH HOH A . 
G 3 HOH 57 159 117 HOH HOH A . 
G 3 HOH 58 160 121 HOH HOH A . 
G 3 HOH 59 161 122 HOH HOH A . 
G 3 HOH 60 162 123 HOH HOH A . 
G 3 HOH 61 163 124 HOH HOH A . 
G 3 HOH 62 164 125 HOH HOH A . 
G 3 HOH 63 165 126 HOH HOH A . 
G 3 HOH 64 166 130 HOH HOH A . 
G 3 HOH 65 167 134 HOH HOH A . 
G 3 HOH 66 168 135 HOH HOH A . 
G 3 HOH 67 169 137 HOH HOH A . 
G 3 HOH 68 170 139 HOH HOH A . 
G 3 HOH 69 171 140 HOH HOH A . 
H 3 HOH 1  105 2   HOH HOH B . 
H 3 HOH 2  106 3   HOH HOH B . 
H 3 HOH 3  107 4   HOH HOH B . 
H 3 HOH 4  108 6   HOH HOH B . 
H 3 HOH 5  109 7   HOH HOH B . 
H 3 HOH 6  110 8   HOH HOH B . 
H 3 HOH 7  111 9   HOH HOH B . 
H 3 HOH 8  112 10  HOH HOH B . 
H 3 HOH 9  113 11  HOH HOH B . 
H 3 HOH 10 114 12  HOH HOH B . 
H 3 HOH 11 115 13  HOH HOH B . 
H 3 HOH 12 116 14  HOH HOH B . 
H 3 HOH 13 117 16  HOH HOH B . 
H 3 HOH 14 118 17  HOH HOH B . 
H 3 HOH 15 119 18  HOH HOH B . 
H 3 HOH 16 120 22  HOH HOH B . 
H 3 HOH 17 121 25  HOH HOH B . 
H 3 HOH 18 122 27  HOH HOH B . 
H 3 HOH 19 123 29  HOH HOH B . 
H 3 HOH 20 124 30  HOH HOH B . 
H 3 HOH 21 125 31  HOH HOH B . 
H 3 HOH 22 126 33  HOH HOH B . 
H 3 HOH 23 127 34  HOH HOH B . 
H 3 HOH 24 128 36  HOH HOH B . 
H 3 HOH 25 129 38  HOH HOH B . 
H 3 HOH 26 130 39  HOH HOH B . 
H 3 HOH 27 131 41  HOH HOH B . 
H 3 HOH 28 132 42  HOH HOH B . 
H 3 HOH 29 133 44  HOH HOH B . 
H 3 HOH 30 134 46  HOH HOH B . 
H 3 HOH 31 135 47  HOH HOH B . 
H 3 HOH 32 136 52  HOH HOH B . 
H 3 HOH 33 137 53  HOH HOH B . 
H 3 HOH 34 138 56  HOH HOH B . 
H 3 HOH 35 139 58  HOH HOH B . 
H 3 HOH 36 140 59  HOH HOH B . 
H 3 HOH 37 141 62  HOH HOH B . 
H 3 HOH 38 142 63  HOH HOH B . 
H 3 HOH 39 143 65  HOH HOH B . 
H 3 HOH 40 144 66  HOH HOH B . 
H 3 HOH 41 145 67  HOH HOH B . 
H 3 HOH 42 146 68  HOH HOH B . 
H 3 HOH 43 147 69  HOH HOH B . 
H 3 HOH 44 148 72  HOH HOH B . 
H 3 HOH 45 149 75  HOH HOH B . 
H 3 HOH 46 150 83  HOH HOH B . 
H 3 HOH 47 151 86  HOH HOH B . 
H 3 HOH 48 152 87  HOH HOH B . 
H 3 HOH 49 153 95  HOH HOH B . 
H 3 HOH 50 154 96  HOH HOH B . 
H 3 HOH 51 155 97  HOH HOH B . 
H 3 HOH 52 156 98  HOH HOH B . 
H 3 HOH 53 157 104 HOH HOH B . 
H 3 HOH 54 158 106 HOH HOH B . 
H 3 HOH 55 159 107 HOH HOH B . 
H 3 HOH 56 160 109 HOH HOH B . 
H 3 HOH 57 161 110 HOH HOH B . 
H 3 HOH 58 162 111 HOH HOH B . 
H 3 HOH 59 163 113 HOH HOH B . 
H 3 HOH 60 164 115 HOH HOH B . 
H 3 HOH 61 165 118 HOH HOH B . 
H 3 HOH 62 166 119 HOH HOH B . 
H 3 HOH 63 167 120 HOH HOH B . 
H 3 HOH 64 168 127 HOH HOH B . 
H 3 HOH 65 169 128 HOH HOH B . 
H 3 HOH 66 170 129 HOH HOH B . 
H 3 HOH 67 171 131 HOH HOH B . 
H 3 HOH 68 172 132 HOH HOH B . 
H 3 HOH 69 173 133 HOH HOH B . 
H 3 HOH 70 174 136 HOH HOH B . 
H 3 HOH 71 175 138 HOH HOH B . 
H 3 HOH 72 176 141 HOH HOH B . 
H 3 HOH 73 177 142 HOH HOH B . 
# 
_pdbx_unobs_or_zero_occ_atoms.id               1 
_pdbx_unobs_or_zero_occ_atoms.PDB_model_num    1 
_pdbx_unobs_or_zero_occ_atoms.polymer_flag     Y 
_pdbx_unobs_or_zero_occ_atoms.occupancy_flag   0 
_pdbx_unobs_or_zero_occ_atoms.auth_asym_id     B 
_pdbx_unobs_or_zero_occ_atoms.auth_comp_id     LYS 
_pdbx_unobs_or_zero_occ_atoms.auth_seq_id      19 
_pdbx_unobs_or_zero_occ_atoms.PDB_ins_code     ? 
_pdbx_unobs_or_zero_occ_atoms.auth_atom_id     NZ 
_pdbx_unobs_or_zero_occ_atoms.label_alt_id     ? 
_pdbx_unobs_or_zero_occ_atoms.label_asym_id    B 
_pdbx_unobs_or_zero_occ_atoms.label_comp_id    LYS 
_pdbx_unobs_or_zero_occ_atoms.label_seq_id     19 
_pdbx_unobs_or_zero_occ_atoms.label_atom_id    NZ 
# 
loop_
_software.name 
_software.version 
_software.date 
_software.type 
_software.contact_author 
_software.contact_author_email 
_software.classification 
_software.location 
_software.language 
_software.citation_id 
_software.pdbx_ordinal 
DENZO       .     ?                package 'Zbyszek Otwinowski' zbyszek@mix.swmed.edu        'data reduction'  
http://www.lnls.br/infra/linhasluz/denzo-hkl.htm ?          ? 1 
SCALEPACK   .     ?                package 'Zbyszek Otwinowski' zbyszek@mix.swmed.edu        'data scaling'    
http://www.lnls.br/infra/linhasluz/denzo-hkl.htm ?          ? 2 
SHELX       .     ?                package 'George Sheldrick'   gsheldr@shelx.uni-ac.gwdg.de refinement        
http://shelx.uni-ac.gwdg.de/SHELX/               Fortran_77 ? 3 
PDB_EXTRACT 2.000 'April. 3, 2006' package PDB                  sw-help@rcsb.rutgers.edu     'data extraction' 
http://pdb.rutgers.edu/software/                 C++        ? 4 
AUTOMAR     .     ?                ?       ?                    ?                            'data reduction'  ? ?          ? 5 
PHASER      .     ?                ?       ?                    ?                            phasing           ? ?          ? 6 
SHELXL      .     ?                ?       ?                    ?                            refinement        ? ?          ? 7 
# 
_cell.length_a           89.013 
_cell.length_b           89.013 
_cell.length_c           89.013 
_cell.angle_alpha        90.000 
_cell.angle_beta         90.000 
_cell.angle_gamma        90.000 
_cell.entry_id           2DPR 
_cell.pdbx_unique_axis   ? 
_cell.Z_PDB              48 
_cell.length_a_esd       ? 
_cell.length_b_esd       ? 
_cell.length_c_esd       ? 
_cell.angle_alpha_esd    ? 
_cell.angle_beta_esd     ? 
_cell.angle_gamma_esd    ? 
# 
_symmetry.space_group_name_H-M             'P 43 3 2' 
_symmetry.entry_id                         2DPR 
_symmetry.Int_Tables_number                212 
_symmetry.pdbx_full_space_group_name_H-M   ? 
_symmetry.cell_setting                     ? 
_symmetry.space_group_name_Hall            ? 
# 
_exptl.crystals_number   1 
_exptl.entry_id          2DPR 
_exptl.method            'X-RAY DIFFRACTION' 
# 
_exptl_crystal.id                    1 
_exptl_crystal.density_Matthews      5.38 
_exptl_crystal.density_meas          ? 
_exptl_crystal.density_percent_sol   77.12 
_exptl_crystal.description           ? 
_exptl_crystal.F_000                 ? 
_exptl_crystal.preparation           ? 
# 
_exptl_crystal_grow.crystal_id      1 
_exptl_crystal_grow.method          'VAPOR DIFFUSION, HANGING DROP' 
_exptl_crystal_grow.pH              5.5 
_exptl_crystal_grow.temp            277 
_exptl_crystal_grow.temp_details    ? 
_exptl_crystal_grow.pdbx_details    '3M (NH4)2SO4, 0.1M NaOAc, pH 5.5, VAPOR DIFFUSION, HANGING DROP, temperature 277K' 
_exptl_crystal_grow.pdbx_pH_range   . 
# 
_diffrn.id                     1 
_diffrn.ambient_temp           277 
_diffrn.ambient_temp_details   ? 
_diffrn.crystal_id             1 
# 
_diffrn_detector.diffrn_id              1 
_diffrn_detector.detector               CCD 
_diffrn_detector.type                   'MAR CCD 165 mm' 
_diffrn_detector.pdbx_collection_date   2005-07-12 
_diffrn_detector.details                ? 
# 
_diffrn_radiation.diffrn_id                        1 
_diffrn_radiation.wavelength_id                    1 
_diffrn_radiation.pdbx_diffrn_protocol             'SINGLE WAVELENGTH' 
_diffrn_radiation.monochromator                    ? 
_diffrn_radiation.pdbx_monochromatic_or_laue_m_l   M 
_diffrn_radiation.pdbx_scattering_type             x-ray 
# 
_diffrn_radiation_wavelength.id           1 
_diffrn_radiation_wavelength.wavelength   1.0 
_diffrn_radiation_wavelength.wt           1.0 
# 
_diffrn_source.diffrn_id                   1 
_diffrn_source.source                      SYNCHROTRON 
_diffrn_source.type                        'APS BEAMLINE 31-ID' 
_diffrn_source.pdbx_wavelength             ? 
_diffrn_source.pdbx_wavelength_list        1.0 
_diffrn_source.pdbx_synchrotron_site       APS 
_diffrn_source.pdbx_synchrotron_beamline   31-ID 
# 
_reflns.entry_id                     2DPR 
_reflns.d_resolution_high            1.600 
_reflns.d_resolution_low             40.000 
_reflns.number_obs                   16448 
_reflns.percent_possible_obs         99.500 
_reflns.observed_criterion_sigma_F   0.0 
_reflns.observed_criterion_sigma_I   -3.0 
_reflns.number_all                   ? 
_reflns.pdbx_Rmerge_I_obs            ? 
_reflns.pdbx_Rsym_value              ? 
_reflns.pdbx_netI_over_sigmaI        ? 
_reflns.B_iso_Wilson_estimate        ? 
_reflns.pdbx_redundancy              ? 
_reflns.R_free_details               ? 
_reflns.limit_h_max                  ? 
_reflns.limit_h_min                  ? 
_reflns.limit_k_max                  ? 
_reflns.limit_k_min                  ? 
_reflns.limit_l_max                  ? 
_reflns.limit_l_min                  ? 
_reflns.observed_criterion_F_max     ? 
_reflns.observed_criterion_F_min     ? 
_reflns.pdbx_chi_squared             ? 
_reflns.pdbx_scaling_rejects         ? 
_reflns.pdbx_ordinal                 1 
_reflns.pdbx_diffrn_id               1 
# 
_reflns_shell.d_res_high             1.60 
_reflns_shell.d_res_low              1.66 
_reflns_shell.number_measured_obs    ? 
_reflns_shell.number_measured_all    ? 
_reflns_shell.number_unique_obs      ? 
_reflns_shell.Rmerge_I_obs           ? 
_reflns_shell.meanI_over_sigI_obs    ? 
_reflns_shell.percent_possible_obs   ? 
_reflns_shell.number_unique_all      1614 
_reflns_shell.percent_possible_all   100.00 
_reflns_shell.pdbx_Rsym_value        ? 
_reflns_shell.pdbx_redundancy        ? 
_reflns_shell.pdbx_chi_squared       ? 
_reflns_shell.pdbx_ordinal           1 
_reflns_shell.pdbx_diffrn_id         1 
# 
_refine.entry_id                                 2DPR 
_refine.B_iso_mean                               36.578 
_refine.ls_d_res_high                            1.7 
_refine.ls_d_res_low                             10 
_refine.pdbx_ls_sigma_F                          2.0 
_refine.pdbx_ls_sigma_I                          ? 
_refine.ls_number_reflns_all                     ? 
_refine.ls_number_reflns_obs                     16448 
_refine.ls_number_reflns_R_free                  ? 
_refine.ls_percent_reflns_obs                    ? 
_refine.ls_R_factor_all                          0.14 
_refine.ls_R_factor_obs                          0.133 
_refine.ls_R_factor_R_work                       0.133 
_refine.ls_R_factor_R_free                       0.186 
_refine.ls_redundancy_reflns_obs                 ? 
_refine.pdbx_data_cutoff_high_absF               ? 
_refine.pdbx_data_cutoff_low_absF                ? 
_refine.ls_number_parameters                     ? 
_refine.ls_number_restraints                     ? 
_refine.ls_percent_reflns_R_free                 ? 
_refine.ls_R_factor_R_free_error                 ? 
_refine.ls_R_factor_R_free_error_details         ? 
_refine.pdbx_method_to_determine_struct          'MOLECULAR REPLACEMENT' 
_refine.pdbx_starting_model                      '14-mer polyalanine helix' 
_refine.pdbx_ls_cross_valid_method               ? 
_refine.pdbx_R_Free_selection_details            random 
_refine.pdbx_stereochem_target_val_spec_case     ? 
_refine.pdbx_stereochemistry_target_values       'Engh & Huber' 
_refine.solvent_model_details                    ? 
_refine.solvent_model_param_bsol                 ? 
_refine.solvent_model_param_ksol                 ? 
_refine.occupancy_max                            ? 
_refine.occupancy_min                            ? 
_refine.pdbx_isotropic_thermal_model             ? 
_refine.aniso_B[1][1]                            ? 
_refine.aniso_B[1][2]                            ? 
_refine.aniso_B[1][3]                            ? 
_refine.aniso_B[2][2]                            ? 
_refine.aniso_B[2][3]                            ? 
_refine.aniso_B[3][3]                            ? 
_refine.details                                  ? 
_refine.B_iso_min                                ? 
_refine.B_iso_max                                ? 
_refine.correlation_coeff_Fo_to_Fc               ? 
_refine.correlation_coeff_Fo_to_Fc_free          ? 
_refine.pdbx_solvent_vdw_probe_radii             ? 
_refine.pdbx_solvent_ion_probe_radii             ? 
_refine.pdbx_solvent_shrinkage_radii             ? 
_refine.overall_SU_R_Cruickshank_DPI             ? 
_refine.overall_SU_R_free                        ? 
_refine.overall_SU_ML                            ? 
_refine.overall_SU_B                             ? 
_refine.pdbx_overall_ESU_R_Free                  ? 
_refine.pdbx_data_cutoff_high_rms_absF           ? 
_refine.pdbx_overall_ESU_R                       ? 
_refine.ls_wR_factor_R_free                      ? 
_refine.ls_wR_factor_R_work                      ? 
_refine.overall_FOM_free_R_set                   ? 
_refine.overall_FOM_work_R_set                   ? 
_refine.pdbx_refine_id                           'X-RAY DIFFRACTION' 
_refine.pdbx_diffrn_id                           1 
_refine.pdbx_overall_phase_error                 ? 
_refine.pdbx_TLS_residual_ADP_flag               ? 
_refine.pdbx_overall_SU_R_free_Cruickshank_DPI   ? 
_refine.pdbx_overall_SU_R_Blow_DPI               ? 
_refine.pdbx_overall_SU_R_free_Blow_DPI          ? 
# 
_refine_hist.pdbx_refine_id                   'X-RAY DIFFRACTION' 
_refine_hist.cycle_id                         LAST 
_refine_hist.pdbx_number_atoms_protein        378 
_refine_hist.pdbx_number_atoms_nucleic_acid   0 
_refine_hist.pdbx_number_atoms_ligand         4 
_refine_hist.number_atoms_solvent             142 
_refine_hist.number_atoms_total               524 
_refine_hist.d_res_high                       1.7 
_refine_hist.d_res_low                        10 
# 
loop_
_refine_ls_restr.type 
_refine_ls_restr.dev_ideal 
_refine_ls_restr.dev_ideal_target 
_refine_ls_restr.number 
_refine_ls_restr.weight 
_refine_ls_restr.pdbx_refine_id 
_refine_ls_restr.pdbx_restraint_function 
x_bond_d    0.011 ? ? ? 'X-RAY DIFFRACTION' ? 
x_angle_deg 0.033 ? ? ? 'X-RAY DIFFRACTION' ? 
# 
_pdbx_refine.entry_id                                    2DPR 
_pdbx_refine.R_factor_all_no_cutoff                      0.14 
_pdbx_refine.R_factor_obs_no_cutoff                      0.133 
_pdbx_refine.free_R_factor_no_cutoff                     0.186 
_pdbx_refine.free_R_val_test_set_size_perc_no_cutoff     ? 
_pdbx_refine.free_R_val_test_set_ct_no_cutoff            ? 
_pdbx_refine.R_factor_all_4sig_cutoff                    ? 
_pdbx_refine.R_factor_obs_4sig_cutoff                    ? 
_pdbx_refine.free_R_factor_4sig_cutoff                   ? 
_pdbx_refine.free_R_val_test_set_size_perc_4sig_cutoff   ? 
_pdbx_refine.free_R_val_test_set_ct_4sig_cutoff          ? 
_pdbx_refine.number_reflns_obs_4sig_cutoff               ? 
_pdbx_refine.pdbx_refine_id                              'X-RAY DIFFRACTION' 
_pdbx_refine.free_R_error_no_cutoff                      ? 
# 
_struct.entry_id                  2DPR 
_struct.title                     
;The crystal structures of the calcium-bound con-G and con-T(K7Glu) dimeric peptides demonstrate a novel metal-dependent helix-forming motif
;
_struct.pdbx_model_details        ? 
_struct.pdbx_CASP_flag            ? 
_struct.pdbx_model_type_details   ? 
# 
_struct_keywords.entry_id        2DPR 
_struct_keywords.pdbx_keywords   'METAL BINDING PROTEIN' 
_struct_keywords.text            'conantoxin, con-T, NMDAR antagonist, Gla-containing, METAL BINDING PROTEIN' 
# 
loop_
_struct_asym.id 
_struct_asym.pdbx_blank_PDB_chainid_flag 
_struct_asym.pdbx_modified 
_struct_asym.entity_id 
_struct_asym.details 
A N N 1 ? 
B N N 1 ? 
C N N 2 ? 
D N N 2 ? 
E N N 2 ? 
F N N 2 ? 
G N N 3 ? 
H N N 3 ? 
# 
_struct_ref.id                         1 
_struct_ref.db_name                    UNP 
_struct_ref.db_code                    CKT_CONTU 
_struct_ref.pdbx_db_accession          P17684 
_struct_ref.entity_id                  1 
_struct_ref.pdbx_seq_one_letter_code   GEEEYQKMLENLREAEVKKNA 
_struct_ref.pdbx_align_begin           1 
_struct_ref.pdbx_db_isoform            ? 
# 
loop_
_struct_ref_seq.align_id 
_struct_ref_seq.ref_id 
_struct_ref_seq.pdbx_PDB_id_code 
_struct_ref_seq.pdbx_strand_id 
_struct_ref_seq.seq_align_beg 
_struct_ref_seq.pdbx_seq_align_beg_ins_code 
_struct_ref_seq.seq_align_end 
_struct_ref_seq.pdbx_seq_align_end_ins_code 
_struct_ref_seq.pdbx_db_accession 
_struct_ref_seq.db_align_beg 
_struct_ref_seq.pdbx_db_align_beg_ins_code 
_struct_ref_seq.db_align_end 
_struct_ref_seq.pdbx_db_align_end_ins_code 
_struct_ref_seq.pdbx_auth_seq_align_beg 
_struct_ref_seq.pdbx_auth_seq_align_end 
1 1 2DPR A 1 ? 21 ? P17684 1 ? 21 ? 1 21 
2 1 2DPR B 1 ? 21 ? P17684 1 ? 21 ? 1 21 
# 
loop_
_struct_ref_seq_dif.align_id 
_struct_ref_seq_dif.pdbx_pdb_id_code 
_struct_ref_seq_dif.mon_id 
_struct_ref_seq_dif.pdbx_pdb_strand_id 
_struct_ref_seq_dif.seq_num 
_struct_ref_seq_dif.pdbx_pdb_ins_code 
_struct_ref_seq_dif.pdbx_seq_db_name 
_struct_ref_seq_dif.pdbx_seq_db_accession_code 
_struct_ref_seq_dif.db_mon_id 
_struct_ref_seq_dif.pdbx_seq_db_seq_num 
_struct_ref_seq_dif.details 
_struct_ref_seq_dif.pdbx_auth_seq_num 
_struct_ref_seq_dif.pdbx_ordinal 
1 2DPR CGU A 7 ? UNP P17684 LYS 7 'engineered mutation' 7 1 
2 2DPR CGU B 7 ? UNP P17684 LYS 7 'engineered mutation' 7 2 
# 
loop_
_pdbx_struct_assembly.id 
_pdbx_struct_assembly.details 
_pdbx_struct_assembly.method_details 
_pdbx_struct_assembly.oligomeric_details 
_pdbx_struct_assembly.oligomeric_count 
1 author_defined_assembly   ?    dimeric    2 
2 software_defined_assembly PISA dimeric    2 
3 software_defined_assembly PQS  tetrameric 4 
# 
loop_
_pdbx_struct_assembly_prop.biol_id 
_pdbx_struct_assembly_prop.type 
_pdbx_struct_assembly_prop.value 
_pdbx_struct_assembly_prop.details 
2 'ABSA (A^2)' 1110 ? 
2 MORE         -52  ? 
2 'SSA (A^2)'  3580 ? 
# 
loop_
_pdbx_struct_assembly_gen.assembly_id 
_pdbx_struct_assembly_gen.oper_expression 
_pdbx_struct_assembly_gen.asym_id_list 
1 1   A,B,C,D,E,F,G,H 
2 1   B,D,E,F,H       
2 2   A,C,G           
3 1,3 A,B,C,D,E,F,G,H 
# 
loop_
_pdbx_struct_oper_list.id 
_pdbx_struct_oper_list.type 
_pdbx_struct_oper_list.name 
_pdbx_struct_oper_list.symmetry_operation 
_pdbx_struct_oper_list.matrix[1][1] 
_pdbx_struct_oper_list.matrix[1][2] 
_pdbx_struct_oper_list.matrix[1][3] 
_pdbx_struct_oper_list.vector[1] 
_pdbx_struct_oper_list.matrix[2][1] 
_pdbx_struct_oper_list.matrix[2][2] 
_pdbx_struct_oper_list.matrix[2][3] 
_pdbx_struct_oper_list.vector[2] 
_pdbx_struct_oper_list.matrix[3][1] 
_pdbx_struct_oper_list.matrix[3][2] 
_pdbx_struct_oper_list.matrix[3][3] 
_pdbx_struct_oper_list.vector[3] 
1 'identity operation'         1_555  x,y,z              1.0000000000  0.0000000000 0.0000000000  0.0000000000   0.0000000000  1.0000000000  0.0000000000 0.0000000000  0.0000000000 0.0000000000 1.0000000000  0.0000000000  
2 'crystal symmetry operation' 7_454  -z-1/2,-x,y-1/2    -0.4968332978 0.8368040002 -0.2300342137 -14.6599093893 -0.7898880190 -0.3262301649 0.5192791127 10.9321483819 0.3594907393 0.4396964234 0.8230634627  -3.2446825730 
3 'crystal symmetry operation' 18_454 -x-1/4,z+1/4,y-1/4 -0.3408579845 0.5379561334 0.7709857541  0.9792740605   0.5379561334  -0.5609492422 0.6292369556 -9.0960793153 0.7709857541 0.6292369556 -0.0981927733 5.5095842651 
# 
_struct_biol.id        1 
_struct_biol.details   ? 
# 
loop_
_struct_conf.conf_type_id 
_struct_conf.id 
_struct_conf.pdbx_PDB_helix_id 
_struct_conf.beg_label_comp_id 
_struct_conf.beg_label_asym_id 
_struct_conf.beg_label_seq_id 
_struct_conf.pdbx_beg_PDB_ins_code 
_struct_conf.end_label_comp_id 
_struct_conf.end_label_asym_id 
_struct_conf.end_label_seq_id 
_struct_conf.pdbx_end_PDB_ins_code 
_struct_conf.beg_auth_comp_id 
_struct_conf.beg_auth_asym_id 
_struct_conf.beg_auth_seq_id 
_struct_conf.end_auth_comp_id 
_struct_conf.end_auth_asym_id 
_struct_conf.end_auth_seq_id 
_struct_conf.pdbx_PDB_helix_class 
_struct_conf.details 
_struct_conf.pdbx_PDB_helix_length 
HELX_P HELX_P1 1 GLU A 2 ? ALA A 21 ? GLU A 2 ALA A 21 1 ? 20 
HELX_P HELX_P2 2 GLY B 1 ? ASN B 20 ? GLY B 1 ASN B 20 1 ? 20 
# 
_struct_conf_type.id          HELX_P 
_struct_conf_type.criteria    ? 
_struct_conf_type.reference   ? 
# 
loop_
_struct_conn.id 
_struct_conn.conn_type_id 
_struct_conn.pdbx_leaving_atom_flag 
_struct_conn.pdbx_PDB_id 
_struct_conn.ptnr1_label_asym_id 
_struct_conn.ptnr1_label_comp_id 
_struct_conn.ptnr1_label_seq_id 
_struct_conn.ptnr1_label_atom_id 
_struct_conn.pdbx_ptnr1_label_alt_id 
_struct_conn.pdbx_ptnr1_PDB_ins_code 
_struct_conn.pdbx_ptnr1_standard_comp_id 
_struct_conn.ptnr1_symmetry 
_struct_conn.ptnr2_label_asym_id 
_struct_conn.ptnr2_label_comp_id 
_struct_conn.ptnr2_label_seq_id 
_struct_conn.ptnr2_label_atom_id 
_struct_conn.pdbx_ptnr2_label_alt_id 
_struct_conn.pdbx_ptnr2_PDB_ins_code 
_struct_conn.ptnr1_auth_asym_id 
_struct_conn.ptnr1_auth_comp_id 
_struct_conn.ptnr1_auth_seq_id 
_struct_conn.ptnr2_auth_asym_id 
_struct_conn.ptnr2_auth_comp_id 
_struct_conn.ptnr2_auth_seq_id 
_struct_conn.ptnr2_symmetry 
_struct_conn.pdbx_ptnr3_label_atom_id 
_struct_conn.pdbx_ptnr3_label_seq_id 
_struct_conn.pdbx_ptnr3_label_comp_id 
_struct_conn.pdbx_ptnr3_label_asym_id 
_struct_conn.pdbx_ptnr3_label_alt_id 
_struct_conn.pdbx_ptnr3_PDB_ins_code 
_struct_conn.details 
_struct_conn.pdbx_dist_value 
_struct_conn.pdbx_value_order 
_struct_conn.pdbx_role 
covale1  covale both ? A GLU 2  C    ? ? ? 1_555 A CGU 3  N    ? ? A GLU 2   A CGU 3   1_555  ? ? ? ? ? ? ? 1.332 ? ? 
covale2  covale both ? A CGU 3  C    ? ? ? 1_555 A CGU 4  N    ? ? A CGU 3   A CGU 4   1_555  ? ? ? ? ? ? ? 1.331 ? ? 
covale3  covale both ? A CGU 4  C    ? ? ? 1_555 A TYR 5  N    ? ? A CGU 4   A TYR 5   1_555  ? ? ? ? ? ? ? 1.332 ? ? 
covale4  covale both ? A GLN 6  C    ? ? ? 1_555 A CGU 7  N    ? ? A GLN 6   A CGU 7   1_555  ? ? ? ? ? ? ? 1.334 ? ? 
covale5  covale both ? A CGU 7  C    ? ? ? 1_555 A MET 8  N    ? ? A CGU 7   A MET 8   1_555  ? ? ? ? ? ? ? 1.318 ? ? 
covale6  covale both ? A LEU 9  C    ? ? ? 1_555 A CGU 10 N    ? ? A LEU 9   A CGU 10  1_555  ? ? ? ? ? ? ? 1.348 ? ? 
covale7  covale both ? A CGU 10 C    ? ? ? 1_555 A ASN 11 N    ? ? A CGU 10  A ASN 11  1_555  ? ? ? ? ? ? ? 1.338 ? ? 
covale8  covale both ? A ARG 13 C    ? ? ? 1_555 A CGU 14 N    ? ? A ARG 13  A CGU 14  1_555  ? ? ? ? ? ? ? 1.334 ? ? 
covale9  covale both ? A CGU 14 C    ? ? ? 1_555 A ALA 15 N    ? ? A CGU 14  A ALA 15  1_555  ? ? ? ? ? ? ? 1.322 ? ? 
covale10 covale both ? B GLU 2  C    ? ? ? 1_555 B CGU 3  N    ? ? B GLU 2   B CGU 3   1_555  ? ? ? ? ? ? ? 1.332 ? ? 
covale11 covale both ? B CGU 3  C    ? ? ? 1_555 B CGU 4  N    ? ? B CGU 3   B CGU 4   1_555  ? ? ? ? ? ? ? 1.331 ? ? 
covale12 covale both ? B CGU 4  C    ? ? ? 1_555 B TYR 5  N    ? ? B CGU 4   B TYR 5   1_555  ? ? ? ? ? ? ? 1.325 ? ? 
covale13 covale both ? B GLN 6  C    ? ? ? 1_555 B CGU 7  N    ? ? B GLN 6   B CGU 7   1_555  ? ? ? ? ? ? ? 1.334 ? ? 
covale14 covale both ? B CGU 7  C    ? ? ? 1_555 B MET 8  N    ? ? B CGU 7   B MET 8   1_555  ? ? ? ? ? ? ? 1.323 ? ? 
covale15 covale both ? B LEU 9  C    ? ? ? 1_555 B CGU 10 N    ? ? B LEU 9   B CGU 10  1_555  ? ? ? ? ? ? ? 1.344 ? ? 
covale16 covale both ? B CGU 10 C    ? ? ? 1_555 B ASN 11 N    ? ? B CGU 10  B ASN 11  1_555  ? ? ? ? ? ? ? 1.337 ? ? 
covale17 covale both ? B ARG 13 C    ? ? ? 1_555 B CGU 14 N    ? ? B ARG 13  B CGU 14  1_555  ? ? ? ? ? ? ? 1.349 ? ? 
covale18 covale both ? B CGU 14 C    ? ? ? 1_555 B ALA 15 N    ? ? B CGU 14  B ALA 15  1_555  ? ? ? ? ? ? ? 1.336 ? ? 
metalc1  metalc ?    ? A CGU 3  OE21 ? ? ? 1_555 C CA  .  CA   ? ? A CGU 3   A CA  102 1_555  ? ? ? ? ? ? ? 2.185 ? ? 
metalc2  metalc ?    ? A CGU 3  OE12 ? ? ? 1_555 C CA  .  CA   ? ? A CGU 3   A CA  102 1_555  ? ? ? ? ? ? ? 2.316 ? ? 
metalc3  metalc ?    ? A CGU 7  OE11 ? ? ? 1_555 C CA  .  CA   ? ? A CGU 7   A CA  102 1_555  ? ? ? ? ? ? ? 2.496 ? ? 
metalc4  metalc ?    ? A CGU 7  OE22 ? ? ? 1_555 C CA  .  CA   ? ? A CGU 7   A CA  102 1_555  ? ? ? ? ? ? ? 2.343 ? ? 
metalc5  metalc ?    ? A CGU 7  OE11 ? ? ? 7_454 E CA  .  CA   ? ? A CGU 7   B CA  103 1_555  ? ? ? ? ? ? ? 2.412 ? ? 
metalc6  metalc ?    ? A CGU 10 OE11 ? ? ? 7_454 D CA  .  CA   ? ? A CGU 10  B CA  101 1_555  ? ? ? ? ? ? ? 2.433 ? ? 
metalc7  metalc ?    ? A CGU 10 OE22 ? ? ? 7_454 D CA  .  CA   ? ? A CGU 10  B CA  101 1_555  ? ? ? ? ? ? ? 2.516 ? ? 
metalc8  metalc ?    ? A CGU 10 OE21 ? ? ? 7_454 E CA  .  CA   ? ? A CGU 10  B CA  103 1_555  ? ? ? ? ? ? ? 2.646 ? ? 
metalc9  metalc ?    ? A CGU 14 OE21 ? ? ? 7_454 D CA  .  CA   ? ? A CGU 14  B CA  101 1_555  ? ? ? ? ? ? ? 2.431 ? ? 
metalc10 metalc ?    ? A CGU 14 OE11 ? ? ? 7_454 D CA  .  CA   ? ? A CGU 14  B CA  101 1_555  ? ? ? ? ? ? ? 2.389 ? ? 
metalc11 metalc ?    ? A CGU 14 OE12 ? ? ? 7_454 F CA  .  CA   ? ? A CGU 14  B CA  104 1_555  ? ? ? ? ? ? ? 2.671 ? ? 
metalc12 metalc ?    ? A CGU 14 OE11 ? ? ? 7_454 F CA  .  CA   ? ? A CGU 14  B CA  104 1_555  ? ? ? ? ? ? ? 2.294 ? ? 
metalc13 metalc ?    ? C CA  .  CA   ? ? ? 1_555 G HOH .  O    ? ? A CA  102 A HOH 130 1_555  ? ? ? ? ? ? ? 2.464 ? ? 
metalc14 metalc ?    ? C CA  .  CA   ? ? ? 1_555 B CGU 14 OE11 ? ? A CA  102 B CGU 14  10_554 ? ? ? ? ? ? ? 2.372 ? ? 
metalc15 metalc ?    ? C CA  .  CA   ? ? ? 1_555 B CGU 14 OE12 ? ? A CA  102 B CGU 14  10_554 ? ? ? ? ? ? ? 2.684 ? ? 
metalc16 metalc ?    ? G HOH .  O    ? ? ? 7_454 D CA  .  CA   ? ? A HOH 115 B CA  101 1_555  ? ? ? ? ? ? ? 2.393 ? ? 
metalc17 metalc ?    ? G HOH .  O    ? ? ? 7_454 E CA  .  CA   ? ? A HOH 136 B CA  103 1_555  ? ? ? ? ? ? ? 2.510 ? ? 
metalc18 metalc ?    ? B CGU 3  OE21 ? ? ? 1_555 F CA  .  CA   ? ? B CGU 3   B CA  104 1_555  ? ? ? ? ? ? ? 2.223 ? ? 
metalc19 metalc ?    ? B CGU 3  OE12 ? ? ? 1_555 F CA  .  CA   ? ? B CGU 3   B CA  104 1_555  ? ? ? ? ? ? ? 2.374 ? ? 
metalc20 metalc ?    ? B CGU 7  OE11 ? ? ? 1_555 D CA  .  CA   ? ? B CGU 7   B CA  101 1_555  ? ? ? ? ? ? ? 2.516 ? ? 
metalc21 metalc ?    ? B CGU 7  OE22 ? ? ? 1_555 F CA  .  CA   ? ? B CGU 7   B CA  104 1_555  ? ? ? ? ? ? ? 2.339 ? ? 
metalc22 metalc ?    ? B CGU 7  OE11 ? ? ? 1_555 F CA  .  CA   ? ? B CGU 7   B CA  104 1_555  ? ? ? ? ? ? ? 2.462 ? ? 
metalc23 metalc ?    ? B CGU 10 OE11 ? ? ? 1_555 D CA  .  CA   ? ? B CGU 10  B CA  101 1_555  ? ? ? ? ? ? ? 2.600 ? ? 
metalc24 metalc ?    ? B CGU 10 OE12 ? ? ? 1_555 E CA  .  CA   ? ? B CGU 10  B CA  103 1_555  ? ? ? ? ? ? ? 2.563 ? ? 
metalc25 metalc ?    ? B CGU 10 OE21 ? ? ? 1_555 E CA  .  CA   ? ? B CGU 10  B CA  103 1_555  ? ? ? ? ? ? ? 2.366 ? ? 
metalc26 metalc ?    ? B CGU 14 OE11 ? ? ? 1_555 E CA  .  CA   ? ? B CGU 14  B CA  103 1_555  ? ? ? ? ? ? ? 2.365 ? ? 
metalc27 metalc ?    ? B CGU 14 OE21 ? ? ? 1_555 E CA  .  CA   ? ? B CGU 14  B CA  103 1_555  ? ? ? ? ? ? ? 2.492 ? ? 
metalc28 metalc ?    ? D CA  .  CA   ? ? ? 1_555 H HOH .  O    ? ? B CA  101 B HOH 146 1_555  ? ? ? ? ? ? ? 2.476 ? ? 
metalc29 metalc ?    ? E CA  .  CA   ? ? ? 1_555 H HOH .  O    ? ? B CA  103 B HOH 137 1_555  ? ? ? ? ? ? ? 2.471 ? ? 
metalc30 metalc ?    ? F CA  .  CA   ? ? ? 1_555 H HOH .  O    ? ? B CA  104 B HOH 133 1_555  ? ? ? ? ? ? ? 2.478 ? ? 
# 
loop_
_struct_conn_type.id 
_struct_conn_type.criteria 
_struct_conn_type.reference 
covale ? ? 
metalc ? ? 
# 
loop_
_pdbx_struct_conn_angle.id 
_pdbx_struct_conn_angle.ptnr1_label_atom_id 
_pdbx_struct_conn_angle.ptnr1_label_alt_id 
_pdbx_struct_conn_angle.ptnr1_label_asym_id 
_pdbx_struct_conn_angle.ptnr1_label_comp_id 
_pdbx_struct_conn_angle.ptnr1_label_seq_id 
_pdbx_struct_conn_angle.ptnr1_auth_atom_id 
_pdbx_struct_conn_angle.ptnr1_auth_asym_id 
_pdbx_struct_conn_angle.ptnr1_auth_comp_id 
_pdbx_struct_conn_angle.ptnr1_auth_seq_id 
_pdbx_struct_conn_angle.ptnr1_PDB_ins_code 
_pdbx_struct_conn_angle.ptnr1_symmetry 
_pdbx_struct_conn_angle.ptnr2_label_atom_id 
_pdbx_struct_conn_angle.ptnr2_label_alt_id 
_pdbx_struct_conn_angle.ptnr2_label_asym_id 
_pdbx_struct_conn_angle.ptnr2_label_comp_id 
_pdbx_struct_conn_angle.ptnr2_label_seq_id 
_pdbx_struct_conn_angle.ptnr2_auth_atom_id 
_pdbx_struct_conn_angle.ptnr2_auth_asym_id 
_pdbx_struct_conn_angle.ptnr2_auth_comp_id 
_pdbx_struct_conn_angle.ptnr2_auth_seq_id 
_pdbx_struct_conn_angle.ptnr2_PDB_ins_code 
_pdbx_struct_conn_angle.ptnr2_symmetry 
_pdbx_struct_conn_angle.ptnr3_label_atom_id 
_pdbx_struct_conn_angle.ptnr3_label_alt_id 
_pdbx_struct_conn_angle.ptnr3_label_asym_id 
_pdbx_struct_conn_angle.ptnr3_label_comp_id 
_pdbx_struct_conn_angle.ptnr3_label_seq_id 
_pdbx_struct_conn_angle.ptnr3_auth_atom_id 
_pdbx_struct_conn_angle.ptnr3_auth_asym_id 
_pdbx_struct_conn_angle.ptnr3_auth_comp_id 
_pdbx_struct_conn_angle.ptnr3_auth_seq_id 
_pdbx_struct_conn_angle.ptnr3_PDB_ins_code 
_pdbx_struct_conn_angle.ptnr3_symmetry 
_pdbx_struct_conn_angle.value 
_pdbx_struct_conn_angle.value_esd 
1  OE21 ? A CGU 3  ? A CGU 3   ? 1_555  CA ? C CA . ? A CA 102 ? 1_555 OE12 ? A CGU 3  ? A CGU 3   ? 1_555  74.2  ? 
2  OE21 ? A CGU 3  ? A CGU 3   ? 1_555  CA ? C CA . ? A CA 102 ? 1_555 OE11 ? A CGU 7  ? A CGU 7   ? 1_555  91.0  ? 
3  OE12 ? A CGU 3  ? A CGU 3   ? 1_555  CA ? C CA . ? A CA 102 ? 1_555 OE11 ? A CGU 7  ? A CGU 7   ? 1_555  156.4 ? 
4  OE21 ? A CGU 3  ? A CGU 3   ? 1_555  CA ? C CA . ? A CA 102 ? 1_555 OE22 ? A CGU 7  ? A CGU 7   ? 1_555  97.1  ? 
5  OE12 ? A CGU 3  ? A CGU 3   ? 1_555  CA ? C CA . ? A CA 102 ? 1_555 OE22 ? A CGU 7  ? A CGU 7   ? 1_555  87.9  ? 
6  OE11 ? A CGU 7  ? A CGU 7   ? 1_555  CA ? C CA . ? A CA 102 ? 1_555 OE22 ? A CGU 7  ? A CGU 7   ? 1_555  75.6  ? 
7  OE21 ? A CGU 3  ? A CGU 3   ? 1_555  CA ? C CA . ? A CA 102 ? 1_555 O    ? G HOH .  ? A HOH 130 ? 1_555  162.7 ? 
8  OE12 ? A CGU 3  ? A CGU 3   ? 1_555  CA ? C CA . ? A CA 102 ? 1_555 O    ? G HOH .  ? A HOH 130 ? 1_555  89.2  ? 
9  OE11 ? A CGU 7  ? A CGU 7   ? 1_555  CA ? C CA . ? A CA 102 ? 1_555 O    ? G HOH .  ? A HOH 130 ? 1_555  106.3 ? 
10 OE22 ? A CGU 7  ? A CGU 7   ? 1_555  CA ? C CA . ? A CA 102 ? 1_555 O    ? G HOH .  ? A HOH 130 ? 1_555  86.8  ? 
11 OE21 ? A CGU 3  ? A CGU 3   ? 1_555  CA ? C CA . ? A CA 102 ? 1_555 OE11 ? B CGU 14 ? B CGU 14  ? 10_554 90.9  ? 
12 OE12 ? A CGU 3  ? A CGU 3   ? 1_555  CA ? C CA . ? A CA 102 ? 1_555 OE11 ? B CGU 14 ? B CGU 14  ? 10_554 130.5 ? 
13 OE11 ? A CGU 7  ? A CGU 7   ? 1_555  CA ? C CA . ? A CA 102 ? 1_555 OE11 ? B CGU 14 ? B CGU 14  ? 10_554 66.5  ? 
14 OE22 ? A CGU 7  ? A CGU 7   ? 1_555  CA ? C CA . ? A CA 102 ? 1_555 OE11 ? B CGU 14 ? B CGU 14  ? 10_554 141.4 ? 
15 O    ? G HOH .  ? A HOH 130 ? 1_555  CA ? C CA . ? A CA 102 ? 1_555 OE11 ? B CGU 14 ? B CGU 14  ? 10_554 96.6  ? 
16 OE21 ? A CGU 3  ? A CGU 3   ? 1_555  CA ? C CA . ? A CA 102 ? 1_555 OE12 ? B CGU 14 ? B CGU 14  ? 10_554 91.8  ? 
17 OE12 ? A CGU 3  ? A CGU 3   ? 1_555  CA ? C CA . ? A CA 102 ? 1_555 OE12 ? B CGU 14 ? B CGU 14  ? 10_554 83.4  ? 
18 OE11 ? A CGU 7  ? A CGU 7   ? 1_555  CA ? C CA . ? A CA 102 ? 1_555 OE12 ? B CGU 14 ? B CGU 14  ? 10_554 116.0 ? 
19 OE22 ? A CGU 7  ? A CGU 7   ? 1_555  CA ? C CA . ? A CA 102 ? 1_555 OE12 ? B CGU 14 ? B CGU 14  ? 10_554 165.4 ? 
20 O    ? G HOH .  ? A HOH 130 ? 1_555  CA ? C CA . ? A CA 102 ? 1_555 OE12 ? B CGU 14 ? B CGU 14  ? 10_554 81.4  ? 
21 OE11 ? B CGU 14 ? B CGU 14  ? 10_554 CA ? C CA . ? A CA 102 ? 1_555 OE12 ? B CGU 14 ? B CGU 14  ? 10_554 49.4  ? 
22 OE11 ? A CGU 7  ? A CGU 7   ? 7_454  CA ? E CA . ? B CA 103 ? 1_555 OE21 ? A CGU 10 ? A CGU 10  ? 7_454  85.9  ? 
23 OE11 ? A CGU 7  ? A CGU 7   ? 7_454  CA ? E CA . ? B CA 103 ? 1_555 O    ? G HOH .  ? A HOH 136 ? 7_454  80.2  ? 
24 OE21 ? A CGU 10 ? A CGU 10  ? 7_454  CA ? E CA . ? B CA 103 ? 1_555 O    ? G HOH .  ? A HOH 136 ? 7_454  132.7 ? 
25 OE11 ? A CGU 7  ? A CGU 7   ? 7_454  CA ? E CA . ? B CA 103 ? 1_555 OE12 ? B CGU 10 ? B CGU 10  ? 1_555  149.6 ? 
26 OE21 ? A CGU 10 ? A CGU 10  ? 7_454  CA ? E CA . ? B CA 103 ? 1_555 OE12 ? B CGU 10 ? B CGU 10  ? 1_555  64.8  ? 
27 O    ? G HOH .  ? A HOH 136 ? 7_454  CA ? E CA . ? B CA 103 ? 1_555 OE12 ? B CGU 10 ? B CGU 10  ? 1_555  113.0 ? 
28 OE11 ? A CGU 7  ? A CGU 7   ? 7_454  CA ? E CA . ? B CA 103 ? 1_555 OE21 ? B CGU 10 ? B CGU 10  ? 1_555  104.6 ? 
29 OE21 ? A CGU 10 ? A CGU 10  ? 7_454  CA ? E CA . ? B CA 103 ? 1_555 OE21 ? B CGU 10 ? B CGU 10  ? 1_555  71.6  ? 
30 O    ? G HOH .  ? A HOH 136 ? 7_454  CA ? E CA . ? B CA 103 ? 1_555 OE21 ? B CGU 10 ? B CGU 10  ? 1_555  155.7 ? 
31 OE12 ? B CGU 10 ? B CGU 10  ? 1_555  CA ? E CA . ? B CA 103 ? 1_555 OE21 ? B CGU 10 ? B CGU 10  ? 1_555  74.9  ? 
32 OE11 ? A CGU 7  ? A CGU 7   ? 7_454  CA ? E CA . ? B CA 103 ? 1_555 OE11 ? B CGU 14 ? B CGU 14  ? 1_555  68.0  ? 
33 OE21 ? A CGU 10 ? A CGU 10  ? 7_454  CA ? E CA . ? B CA 103 ? 1_555 OE11 ? B CGU 14 ? B CGU 14  ? 1_555  133.1 ? 
34 O    ? G HOH .  ? A HOH 136 ? 7_454  CA ? E CA . ? B CA 103 ? 1_555 OE11 ? B CGU 14 ? B CGU 14  ? 1_555  82.1  ? 
35 OE12 ? B CGU 10 ? B CGU 10  ? 1_555  CA ? E CA . ? B CA 103 ? 1_555 OE11 ? B CGU 14 ? B CGU 14  ? 1_555  138.5 ? 
36 OE21 ? B CGU 10 ? B CGU 10  ? 1_555  CA ? E CA . ? B CA 103 ? 1_555 OE11 ? B CGU 14 ? B CGU 14  ? 1_555  78.0  ? 
37 OE11 ? A CGU 7  ? A CGU 7   ? 7_454  CA ? E CA . ? B CA 103 ? 1_555 OE21 ? B CGU 14 ? B CGU 14  ? 1_555  135.7 ? 
38 OE21 ? A CGU 10 ? A CGU 10  ? 7_454  CA ? E CA . ? B CA 103 ? 1_555 OE21 ? B CGU 14 ? B CGU 14  ? 1_555  137.3 ? 
39 O    ? G HOH .  ? A HOH 136 ? 7_454  CA ? E CA . ? B CA 103 ? 1_555 OE21 ? B CGU 14 ? B CGU 14  ? 1_555  75.1  ? 
40 OE12 ? B CGU 10 ? B CGU 10  ? 1_555  CA ? E CA . ? B CA 103 ? 1_555 OE21 ? B CGU 14 ? B CGU 14  ? 1_555  74.6  ? 
41 OE21 ? B CGU 10 ? B CGU 10  ? 1_555  CA ? E CA . ? B CA 103 ? 1_555 OE21 ? B CGU 14 ? B CGU 14  ? 1_555  85.7  ? 
42 OE11 ? B CGU 14 ? B CGU 14  ? 1_555  CA ? E CA . ? B CA 103 ? 1_555 OE21 ? B CGU 14 ? B CGU 14  ? 1_555  72.6  ? 
43 OE11 ? A CGU 7  ? A CGU 7   ? 7_454  CA ? E CA . ? B CA 103 ? 1_555 O    ? H HOH .  ? B HOH 137 ? 1_555  107.8 ? 
44 OE21 ? A CGU 10 ? A CGU 10  ? 7_454  CA ? E CA . ? B CA 103 ? 1_555 O    ? H HOH .  ? B HOH 137 ? 1_555  64.8  ? 
45 O    ? G HOH .  ? A HOH 136 ? 7_454  CA ? E CA . ? B CA 103 ? 1_555 O    ? H HOH .  ? B HOH 137 ? 1_555  76.9  ? 
46 OE12 ? B CGU 10 ? B CGU 10  ? 1_555  CA ? E CA . ? B CA 103 ? 1_555 O    ? H HOH .  ? B HOH 137 ? 1_555  53.6  ? 
47 OE21 ? B CGU 10 ? B CGU 10  ? 1_555  CA ? E CA . ? B CA 103 ? 1_555 O    ? H HOH .  ? B HOH 137 ? 1_555  122.4 ? 
48 OE11 ? B CGU 14 ? B CGU 14  ? 1_555  CA ? E CA . ? B CA 103 ? 1_555 O    ? H HOH .  ? B HOH 137 ? 1_555  158.9 ? 
49 OE21 ? B CGU 14 ? B CGU 14  ? 1_555  CA ? E CA . ? B CA 103 ? 1_555 O    ? H HOH .  ? B HOH 137 ? 1_555  101.6 ? 
50 OE11 ? A CGU 10 ? A CGU 10  ? 7_454  CA ? D CA . ? B CA 101 ? 1_555 OE22 ? A CGU 10 ? A CGU 10  ? 7_454  75.7  ? 
51 OE11 ? A CGU 10 ? A CGU 10  ? 7_454  CA ? D CA . ? B CA 101 ? 1_555 OE21 ? A CGU 14 ? A CGU 14  ? 7_454  83.4  ? 
52 OE22 ? A CGU 10 ? A CGU 10  ? 7_454  CA ? D CA . ? B CA 101 ? 1_555 OE21 ? A CGU 14 ? A CGU 14  ? 7_454  72.1  ? 
53 OE11 ? A CGU 10 ? A CGU 10  ? 7_454  CA ? D CA . ? B CA 101 ? 1_555 OE11 ? A CGU 14 ? A CGU 14  ? 7_454  78.5  ? 
54 OE22 ? A CGU 10 ? A CGU 10  ? 7_454  CA ? D CA . ? B CA 101 ? 1_555 OE11 ? A CGU 14 ? A CGU 14  ? 7_454  139.3 ? 
55 OE21 ? A CGU 14 ? A CGU 14  ? 7_454  CA ? D CA . ? B CA 101 ? 1_555 OE11 ? A CGU 14 ? A CGU 14  ? 7_454  74.1  ? 
56 OE11 ? A CGU 10 ? A CGU 10  ? 7_454  CA ? D CA . ? B CA 101 ? 1_555 O    ? G HOH .  ? A HOH 115 ? 7_454  124.7 ? 
57 OE22 ? A CGU 10 ? A CGU 10  ? 7_454  CA ? D CA . ? B CA 101 ? 1_555 O    ? G HOH .  ? A HOH 115 ? 7_454  55.0  ? 
58 OE21 ? A CGU 14 ? A CGU 14  ? 7_454  CA ? D CA . ? B CA 101 ? 1_555 O    ? G HOH .  ? A HOH 115 ? 7_454  101.5 ? 
59 OE11 ? A CGU 14 ? A CGU 14  ? 7_454  CA ? D CA . ? B CA 101 ? 1_555 O    ? G HOH .  ? A HOH 115 ? 7_454  156.2 ? 
60 OE11 ? A CGU 10 ? A CGU 10  ? 7_454  CA ? D CA . ? B CA 101 ? 1_555 OE11 ? B CGU 7  ? B CGU 7   ? 1_555  103.8 ? 
61 OE22 ? A CGU 10 ? A CGU 10  ? 7_454  CA ? D CA . ? B CA 101 ? 1_555 OE11 ? B CGU 7  ? B CGU 7   ? 1_555  151.4 ? 
62 OE21 ? A CGU 14 ? A CGU 14  ? 7_454  CA ? D CA . ? B CA 101 ? 1_555 OE11 ? B CGU 7  ? B CGU 7   ? 1_555  136.4 ? 
63 OE11 ? A CGU 14 ? A CGU 14  ? 7_454  CA ? D CA . ? B CA 101 ? 1_555 OE11 ? B CGU 7  ? B CGU 7   ? 1_555  65.8  ? 
64 O    ? G HOH .  ? A HOH 115 ? 7_454  CA ? D CA . ? B CA 101 ? 1_555 OE11 ? B CGU 7  ? B CGU 7   ? 1_555  108.3 ? 
65 OE11 ? A CGU 10 ? A CGU 10  ? 7_454  CA ? D CA . ? B CA 101 ? 1_555 OE11 ? B CGU 10 ? B CGU 10  ? 1_555  70.6  ? 
66 OE22 ? A CGU 10 ? A CGU 10  ? 7_454  CA ? D CA . ? B CA 101 ? 1_555 OE11 ? B CGU 10 ? B CGU 10  ? 1_555  70.1  ? 
67 OE21 ? A CGU 14 ? A CGU 14  ? 7_454  CA ? D CA . ? B CA 101 ? 1_555 OE11 ? B CGU 10 ? B CGU 10  ? 1_555  138.2 ? 
68 OE11 ? A CGU 14 ? A CGU 14  ? 7_454  CA ? D CA . ? B CA 101 ? 1_555 OE11 ? B CGU 10 ? B CGU 10  ? 1_555  128.5 ? 
69 O    ? G HOH .  ? A HOH 115 ? 7_454  CA ? D CA . ? B CA 101 ? 1_555 OE11 ? B CGU 10 ? B CGU 10  ? 1_555  70.4  ? 
70 OE11 ? B CGU 7  ? B CGU 7   ? 1_555  CA ? D CA . ? B CA 101 ? 1_555 OE11 ? B CGU 10 ? B CGU 10  ? 1_555  82.7  ? 
71 OE11 ? A CGU 10 ? A CGU 10  ? 7_454  CA ? D CA . ? B CA 101 ? 1_555 O    ? H HOH .  ? B HOH 146 ? 1_555  153.5 ? 
72 OE22 ? A CGU 10 ? A CGU 10  ? 7_454  CA ? D CA . ? B CA 101 ? 1_555 O    ? H HOH .  ? B HOH 146 ? 1_555  118.7 ? 
73 OE21 ? A CGU 14 ? A CGU 14  ? 7_454  CA ? D CA . ? B CA 101 ? 1_555 O    ? H HOH .  ? B HOH 146 ? 1_555  80.9  ? 
74 OE11 ? A CGU 14 ? A CGU 14  ? 7_454  CA ? D CA . ? B CA 101 ? 1_555 O    ? H HOH .  ? B HOH 146 ? 1_555  76.8  ? 
75 O    ? G HOH .  ? A HOH 115 ? 7_454  CA ? D CA . ? B CA 101 ? 1_555 O    ? H HOH .  ? B HOH 146 ? 1_555  79.5  ? 
76 OE11 ? B CGU 7  ? B CGU 7   ? 1_555  CA ? D CA . ? B CA 101 ? 1_555 O    ? H HOH .  ? B HOH 146 ? 1_555  74.3  ? 
77 OE11 ? B CGU 10 ? B CGU 10  ? 1_555  CA ? D CA . ? B CA 101 ? 1_555 O    ? H HOH .  ? B HOH 146 ? 1_555  133.7 ? 
78 OE12 ? A CGU 14 ? A CGU 14  ? 7_454  CA ? F CA . ? B CA 104 ? 1_555 OE11 ? A CGU 14 ? A CGU 14  ? 7_454  50.8  ? 
79 OE12 ? A CGU 14 ? A CGU 14  ? 7_454  CA ? F CA . ? B CA 104 ? 1_555 OE21 ? B CGU 3  ? B CGU 3   ? 1_555  92.8  ? 
80 OE11 ? A CGU 14 ? A CGU 14  ? 7_454  CA ? F CA . ? B CA 104 ? 1_555 OE21 ? B CGU 3  ? B CGU 3   ? 1_555  91.2  ? 
81 OE12 ? A CGU 14 ? A CGU 14  ? 7_454  CA ? F CA . ? B CA 104 ? 1_555 OE12 ? B CGU 3  ? B CGU 3   ? 1_555  83.5  ? 
82 OE11 ? A CGU 14 ? A CGU 14  ? 7_454  CA ? F CA . ? B CA 104 ? 1_555 OE12 ? B CGU 3  ? B CGU 3   ? 1_555  132.4 ? 
83 OE21 ? B CGU 3  ? B CGU 3   ? 1_555  CA ? F CA . ? B CA 104 ? 1_555 OE12 ? B CGU 3  ? B CGU 3   ? 1_555  77.0  ? 
84 OE12 ? A CGU 14 ? A CGU 14  ? 7_454  CA ? F CA . ? B CA 104 ? 1_555 OE22 ? B CGU 7  ? B CGU 7   ? 1_555  163.2 ? 
85 OE11 ? A CGU 14 ? A CGU 14  ? 7_454  CA ? F CA . ? B CA 104 ? 1_555 OE22 ? B CGU 7  ? B CGU 7   ? 1_555  143.0 ? 
86 OE21 ? B CGU 3  ? B CGU 3   ? 1_555  CA ? F CA . ? B CA 104 ? 1_555 OE22 ? B CGU 7  ? B CGU 7   ? 1_555  95.8  ? 
87 OE12 ? B CGU 3  ? B CGU 3   ? 1_555  CA ? F CA . ? B CA 104 ? 1_555 OE22 ? B CGU 7  ? B CGU 7   ? 1_555  84.4  ? 
88 OE12 ? A CGU 14 ? A CGU 14  ? 7_454  CA ? F CA . ? B CA 104 ? 1_555 OE11 ? B CGU 7  ? B CGU 7   ? 1_555  118.8 ? 
89 OE11 ? A CGU 14 ? A CGU 14  ? 7_454  CA ? F CA . ? B CA 104 ? 1_555 OE11 ? B CGU 7  ? B CGU 7   ? 1_555  68.1  ? 
90 OE21 ? B CGU 3  ? B CGU 3   ? 1_555  CA ? F CA . ? B CA 104 ? 1_555 OE11 ? B CGU 7  ? B CGU 7   ? 1_555  89.4  ? 
91 OE12 ? B CGU 3  ? B CGU 3   ? 1_555  CA ? F CA . ? B CA 104 ? 1_555 OE11 ? B CGU 7  ? B CGU 7   ? 1_555  154.7 ? 
92 OE22 ? B CGU 7  ? B CGU 7   ? 1_555  CA ? F CA . ? B CA 104 ? 1_555 OE11 ? B CGU 7  ? B CGU 7   ? 1_555  75.7  ? 
93 OE12 ? A CGU 14 ? A CGU 14  ? 7_454  CA ? F CA . ? B CA 104 ? 1_555 O    ? H HOH .  ? B HOH 133 ? 1_555  82.2  ? 
94 OE11 ? A CGU 14 ? A CGU 14  ? 7_454  CA ? F CA . ? B CA 104 ? 1_555 O    ? H HOH .  ? B HOH 133 ? 1_555  96.3  ? 
95 OE21 ? B CGU 3  ? B CGU 3   ? 1_555  CA ? F CA . ? B CA 104 ? 1_555 O    ? H HOH .  ? B HOH 133 ? 1_555  165.1 ? 
96 OE12 ? B CGU 3  ? B CGU 3   ? 1_555  CA ? F CA . ? B CA 104 ? 1_555 O    ? H HOH .  ? B HOH 133 ? 1_555  88.4  ? 
97 OE22 ? B CGU 7  ? B CGU 7   ? 1_555  CA ? F CA . ? B CA 104 ? 1_555 O    ? H HOH .  ? B HOH 133 ? 1_555  85.9  ? 
98 OE11 ? B CGU 7  ? B CGU 7   ? 1_555  CA ? F CA . ? B CA 104 ? 1_555 O    ? H HOH .  ? B HOH 133 ? 1_555  105.4 ? 
# 
loop_
_struct_site.id 
_struct_site.pdbx_evidence_code 
_struct_site.pdbx_auth_asym_id 
_struct_site.pdbx_auth_comp_id 
_struct_site.pdbx_auth_seq_id 
_struct_site.pdbx_auth_ins_code 
_struct_site.pdbx_num_residues 
_struct_site.details 
AC1 Software B CA 101 ? 6 'BINDING SITE FOR RESIDUE CA B 101' 
AC2 Software A CA 102 ? 4 'BINDING SITE FOR RESIDUE CA A 102' 
AC3 Software B CA 103 ? 6 'BINDING SITE FOR RESIDUE CA B 103' 
AC4 Software B CA 104 ? 4 'BINDING SITE FOR RESIDUE CA B 104' 
# 
loop_
_struct_site_gen.id 
_struct_site_gen.site_id 
_struct_site_gen.pdbx_num_res 
_struct_site_gen.label_comp_id 
_struct_site_gen.label_asym_id 
_struct_site_gen.label_seq_id 
_struct_site_gen.pdbx_auth_ins_code 
_struct_site_gen.auth_comp_id 
_struct_site_gen.auth_asym_id 
_struct_site_gen.auth_seq_id 
_struct_site_gen.label_atom_id 
_struct_site_gen.label_alt_id 
_struct_site_gen.symmetry 
_struct_site_gen.details 
1  AC1 6 CGU A 10 ? CGU A 10  . ? 7_454  ? 
2  AC1 6 CGU A 14 ? CGU A 14  . ? 7_454  ? 
3  AC1 6 HOH G .  ? HOH A 115 . ? 7_454  ? 
4  AC1 6 CGU B 7  ? CGU B 7   . ? 1_555  ? 
5  AC1 6 CGU B 10 ? CGU B 10  . ? 1_555  ? 
6  AC1 6 HOH H .  ? HOH B 146 . ? 1_555  ? 
7  AC2 4 CGU A 3  ? CGU A 3   . ? 1_555  ? 
8  AC2 4 CGU A 7  ? CGU A 7   . ? 1_555  ? 
9  AC2 4 HOH G .  ? HOH A 130 . ? 1_555  ? 
10 AC2 4 CGU B 14 ? CGU B 14  . ? 10_554 ? 
11 AC3 6 CGU A 7  ? CGU A 7   . ? 7_454  ? 
12 AC3 6 CGU A 10 ? CGU A 10  . ? 7_454  ? 
13 AC3 6 HOH G .  ? HOH A 136 . ? 7_454  ? 
14 AC3 6 CGU B 10 ? CGU B 10  . ? 1_555  ? 
15 AC3 6 CGU B 14 ? CGU B 14  . ? 1_555  ? 
16 AC3 6 HOH H .  ? HOH B 137 . ? 1_555  ? 
17 AC4 4 CGU A 14 ? CGU A 14  . ? 7_454  ? 
18 AC4 4 CGU B 3  ? CGU B 3   . ? 1_555  ? 
19 AC4 4 CGU B 7  ? CGU B 7   . ? 1_555  ? 
20 AC4 4 HOH H .  ? HOH B 133 . ? 1_555  ? 
# 
_pdbx_validate_close_contact.id               1 
_pdbx_validate_close_contact.PDB_model_num    1 
_pdbx_validate_close_contact.auth_atom_id_1   NZ 
_pdbx_validate_close_contact.auth_asym_id_1   B 
_pdbx_validate_close_contact.auth_comp_id_1   LYS 
_pdbx_validate_close_contact.auth_seq_id_1    19 
_pdbx_validate_close_contact.PDB_ins_code_1   ? 
_pdbx_validate_close_contact.label_alt_id_1   ? 
_pdbx_validate_close_contact.auth_atom_id_2   O 
_pdbx_validate_close_contact.auth_asym_id_2   B 
_pdbx_validate_close_contact.auth_comp_id_2   HOH 
_pdbx_validate_close_contact.auth_seq_id_2    145 
_pdbx_validate_close_contact.PDB_ins_code_2   ? 
_pdbx_validate_close_contact.label_alt_id_2   ? 
_pdbx_validate_close_contact.dist             2.16 
# 
loop_
_pdbx_validate_rmsd_angle.id 
_pdbx_validate_rmsd_angle.PDB_model_num 
_pdbx_validate_rmsd_angle.auth_atom_id_1 
_pdbx_validate_rmsd_angle.auth_asym_id_1 
_pdbx_validate_rmsd_angle.auth_comp_id_1 
_pdbx_validate_rmsd_angle.auth_seq_id_1 
_pdbx_validate_rmsd_angle.PDB_ins_code_1 
_pdbx_validate_rmsd_angle.label_alt_id_1 
_pdbx_validate_rmsd_angle.auth_atom_id_2 
_pdbx_validate_rmsd_angle.auth_asym_id_2 
_pdbx_validate_rmsd_angle.auth_comp_id_2 
_pdbx_validate_rmsd_angle.auth_seq_id_2 
_pdbx_validate_rmsd_angle.PDB_ins_code_2 
_pdbx_validate_rmsd_angle.label_alt_id_2 
_pdbx_validate_rmsd_angle.auth_atom_id_3 
_pdbx_validate_rmsd_angle.auth_asym_id_3 
_pdbx_validate_rmsd_angle.auth_comp_id_3 
_pdbx_validate_rmsd_angle.auth_seq_id_3 
_pdbx_validate_rmsd_angle.PDB_ins_code_3 
_pdbx_validate_rmsd_angle.label_alt_id_3 
_pdbx_validate_rmsd_angle.angle_value 
_pdbx_validate_rmsd_angle.angle_target_value 
_pdbx_validate_rmsd_angle.angle_deviation 
_pdbx_validate_rmsd_angle.angle_standard_deviation 
_pdbx_validate_rmsd_angle.linker_flag 
1 1 O  A GLY 1  ? ? C  A GLY 1  ? ? N   A GLU 2  ? ? 135.06 122.70 12.36 1.60 Y 
2 1 CB A TYR 5  ? ? CG A TYR 5  ? ? CD2 A TYR 5  ? ? 126.89 121.00 5.89  0.60 N 
3 1 NE A ARG 13 ? ? CZ A ARG 13 ? ? NH1 A ARG 13 ? ? 126.69 120.30 6.39  0.50 N 
# 
_pdbx_validate_peptide_omega.id               1 
_pdbx_validate_peptide_omega.PDB_model_num    1 
_pdbx_validate_peptide_omega.auth_comp_id_1   GLY 
_pdbx_validate_peptide_omega.auth_asym_id_1   A 
_pdbx_validate_peptide_omega.auth_seq_id_1    1 
_pdbx_validate_peptide_omega.PDB_ins_code_1   ? 
_pdbx_validate_peptide_omega.label_alt_id_1   ? 
_pdbx_validate_peptide_omega.auth_comp_id_2   GLU 
_pdbx_validate_peptide_omega.auth_asym_id_2   A 
_pdbx_validate_peptide_omega.auth_seq_id_2    2 
_pdbx_validate_peptide_omega.PDB_ins_code_2   ? 
_pdbx_validate_peptide_omega.label_alt_id_2   ? 
_pdbx_validate_peptide_omega.omega            132.29 
# 
loop_
_pdbx_struct_mod_residue.id 
_pdbx_struct_mod_residue.label_asym_id 
_pdbx_struct_mod_residue.label_comp_id 
_pdbx_struct_mod_residue.label_seq_id 
_pdbx_struct_mod_residue.auth_asym_id 
_pdbx_struct_mod_residue.auth_comp_id 
_pdbx_struct_mod_residue.auth_seq_id 
_pdbx_struct_mod_residue.PDB_ins_code 
_pdbx_struct_mod_residue.parent_comp_id 
_pdbx_struct_mod_residue.details 
1  A CGU 3  A CGU 3  ? GLU 'GAMMA-CARBOXY-GLUTAMIC ACID' 
2  A CGU 4  A CGU 4  ? GLU 'GAMMA-CARBOXY-GLUTAMIC ACID' 
3  A CGU 7  A CGU 7  ? GLU 'GAMMA-CARBOXY-GLUTAMIC ACID' 
4  A CGU 10 A CGU 10 ? GLU 'GAMMA-CARBOXY-GLUTAMIC ACID' 
5  A CGU 14 A CGU 14 ? GLU 'GAMMA-CARBOXY-GLUTAMIC ACID' 
6  B CGU 3  B CGU 3  ? GLU 'GAMMA-CARBOXY-GLUTAMIC ACID' 
7  B CGU 4  B CGU 4  ? GLU 'GAMMA-CARBOXY-GLUTAMIC ACID' 
8  B CGU 7  B CGU 7  ? GLU 'GAMMA-CARBOXY-GLUTAMIC ACID' 
9  B CGU 10 B CGU 10 ? GLU 'GAMMA-CARBOXY-GLUTAMIC ACID' 
10 B CGU 14 B CGU 14 ? GLU 'GAMMA-CARBOXY-GLUTAMIC ACID' 
# 
_pdbx_struct_special_symmetry.id              1 
_pdbx_struct_special_symmetry.PDB_model_num   1 
_pdbx_struct_special_symmetry.auth_asym_id    A 
_pdbx_struct_special_symmetry.auth_comp_id    HOH 
_pdbx_struct_special_symmetry.auth_seq_id     163 
_pdbx_struct_special_symmetry.PDB_ins_code    ? 
_pdbx_struct_special_symmetry.label_asym_id   G 
_pdbx_struct_special_symmetry.label_comp_id   HOH 
_pdbx_struct_special_symmetry.label_seq_id    . 
# 
loop_
_chem_comp_atom.comp_id 
_chem_comp_atom.atom_id 
_chem_comp_atom.type_symbol 
_chem_comp_atom.pdbx_aromatic_flag 
_chem_comp_atom.pdbx_stereo_config 
_chem_comp_atom.pdbx_ordinal 
ALA N    N  N N 1   
ALA CA   C  N S 2   
ALA C    C  N N 3   
ALA O    O  N N 4   
ALA CB   C  N N 5   
ALA OXT  O  N N 6   
ALA H    H  N N 7   
ALA H2   H  N N 8   
ALA HA   H  N N 9   
ALA HB1  H  N N 10  
ALA HB2  H  N N 11  
ALA HB3  H  N N 12  
ALA HXT  H  N N 13  
ARG N    N  N N 14  
ARG CA   C  N S 15  
ARG C    C  N N 16  
ARG O    O  N N 17  
ARG CB   C  N N 18  
ARG CG   C  N N 19  
ARG CD   C  N N 20  
ARG NE   N  N N 21  
ARG CZ   C  N N 22  
ARG NH1  N  N N 23  
ARG NH2  N  N N 24  
ARG OXT  O  N N 25  
ARG H    H  N N 26  
ARG H2   H  N N 27  
ARG HA   H  N N 28  
ARG HB2  H  N N 29  
ARG HB3  H  N N 30  
ARG HG2  H  N N 31  
ARG HG3  H  N N 32  
ARG HD2  H  N N 33  
ARG HD3  H  N N 34  
ARG HE   H  N N 35  
ARG HH11 H  N N 36  
ARG HH12 H  N N 37  
ARG HH21 H  N N 38  
ARG HH22 H  N N 39  
ARG HXT  H  N N 40  
ASN N    N  N N 41  
ASN CA   C  N S 42  
ASN C    C  N N 43  
ASN O    O  N N 44  
ASN CB   C  N N 45  
ASN CG   C  N N 46  
ASN OD1  O  N N 47  
ASN ND2  N  N N 48  
ASN OXT  O  N N 49  
ASN H    H  N N 50  
ASN H2   H  N N 51  
ASN HA   H  N N 52  
ASN HB2  H  N N 53  
ASN HB3  H  N N 54  
ASN HD21 H  N N 55  
ASN HD22 H  N N 56  
ASN HXT  H  N N 57  
CA  CA   CA N N 58  
CGU N    N  N N 59  
CGU CA   C  N S 60  
CGU C    C  N N 61  
CGU O    O  N N 62  
CGU OXT  O  N N 63  
CGU CB   C  N N 64  
CGU CG   C  N N 65  
CGU CD1  C  N N 66  
CGU CD2  C  N N 67  
CGU OE11 O  N N 68  
CGU OE12 O  N N 69  
CGU OE21 O  N N 70  
CGU OE22 O  N N 71  
CGU H    H  N N 72  
CGU H2   H  N N 73  
CGU HA   H  N N 74  
CGU HXT  H  N N 75  
CGU HB2  H  N N 76  
CGU HB3  H  N N 77  
CGU HG   H  N N 78  
CGU HE12 H  N N 79  
CGU HE22 H  N N 80  
GLN N    N  N N 81  
GLN CA   C  N S 82  
GLN C    C  N N 83  
GLN O    O  N N 84  
GLN CB   C  N N 85  
GLN CG   C  N N 86  
GLN CD   C  N N 87  
GLN OE1  O  N N 88  
GLN NE2  N  N N 89  
GLN OXT  O  N N 90  
GLN H    H  N N 91  
GLN H2   H  N N 92  
GLN HA   H  N N 93  
GLN HB2  H  N N 94  
GLN HB3  H  N N 95  
GLN HG2  H  N N 96  
GLN HG3  H  N N 97  
GLN HE21 H  N N 98  
GLN HE22 H  N N 99  
GLN HXT  H  N N 100 
GLU N    N  N N 101 
GLU CA   C  N S 102 
GLU C    C  N N 103 
GLU O    O  N N 104 
GLU CB   C  N N 105 
GLU CG   C  N N 106 
GLU CD   C  N N 107 
GLU OE1  O  N N 108 
GLU OE2  O  N N 109 
GLU OXT  O  N N 110 
GLU H    H  N N 111 
GLU H2   H  N N 112 
GLU HA   H  N N 113 
GLU HB2  H  N N 114 
GLU HB3  H  N N 115 
GLU HG2  H  N N 116 
GLU HG3  H  N N 117 
GLU HE2  H  N N 118 
GLU HXT  H  N N 119 
GLY N    N  N N 120 
GLY CA   C  N N 121 
GLY C    C  N N 122 
GLY O    O  N N 123 
GLY OXT  O  N N 124 
GLY H    H  N N 125 
GLY H2   H  N N 126 
GLY HA2  H  N N 127 
GLY HA3  H  N N 128 
GLY HXT  H  N N 129 
HOH O    O  N N 130 
HOH H1   H  N N 131 
HOH H2   H  N N 132 
LEU N    N  N N 133 
LEU CA   C  N S 134 
LEU C    C  N N 135 
LEU O    O  N N 136 
LEU CB   C  N N 137 
LEU CG   C  N N 138 
LEU CD1  C  N N 139 
LEU CD2  C  N N 140 
LEU OXT  O  N N 141 
LEU H    H  N N 142 
LEU H2   H  N N 143 
LEU HA   H  N N 144 
LEU HB2  H  N N 145 
LEU HB3  H  N N 146 
LEU HG   H  N N 147 
LEU HD11 H  N N 148 
LEU HD12 H  N N 149 
LEU HD13 H  N N 150 
LEU HD21 H  N N 151 
LEU HD22 H  N N 152 
LEU HD23 H  N N 153 
LEU HXT  H  N N 154 
LYS N    N  N N 155 
LYS CA   C  N S 156 
LYS C    C  N N 157 
LYS O    O  N N 158 
LYS CB   C  N N 159 
LYS CG   C  N N 160 
LYS CD   C  N N 161 
LYS CE   C  N N 162 
LYS NZ   N  N N 163 
LYS OXT  O  N N 164 
LYS H    H  N N 165 
LYS H2   H  N N 166 
LYS HA   H  N N 167 
LYS HB2  H  N N 168 
LYS HB3  H  N N 169 
LYS HG2  H  N N 170 
LYS HG3  H  N N 171 
LYS HD2  H  N N 172 
LYS HD3  H  N N 173 
LYS HE2  H  N N 174 
LYS HE3  H  N N 175 
LYS HZ1  H  N N 176 
LYS HZ2  H  N N 177 
LYS HZ3  H  N N 178 
LYS HXT  H  N N 179 
MET N    N  N N 180 
MET CA   C  N S 181 
MET C    C  N N 182 
MET O    O  N N 183 
MET CB   C  N N 184 
MET CG   C  N N 185 
MET SD   S  N N 186 
MET CE   C  N N 187 
MET OXT  O  N N 188 
MET H    H  N N 189 
MET H2   H  N N 190 
MET HA   H  N N 191 
MET HB2  H  N N 192 
MET HB3  H  N N 193 
MET HG2  H  N N 194 
MET HG3  H  N N 195 
MET HE1  H  N N 196 
MET HE2  H  N N 197 
MET HE3  H  N N 198 
MET HXT  H  N N 199 
TYR N    N  N N 200 
TYR CA   C  N S 201 
TYR C    C  N N 202 
TYR O    O  N N 203 
TYR CB   C  N N 204 
TYR CG   C  Y N 205 
TYR CD1  C  Y N 206 
TYR CD2  C  Y N 207 
TYR CE1  C  Y N 208 
TYR CE2  C  Y N 209 
TYR CZ   C  Y N 210 
TYR OH   O  N N 211 
TYR OXT  O  N N 212 
TYR H    H  N N 213 
TYR H2   H  N N 214 
TYR HA   H  N N 215 
TYR HB2  H  N N 216 
TYR HB3  H  N N 217 
TYR HD1  H  N N 218 
TYR HD2  H  N N 219 
TYR HE1  H  N N 220 
TYR HE2  H  N N 221 
TYR HH   H  N N 222 
TYR HXT  H  N N 223 
VAL N    N  N N 224 
VAL CA   C  N S 225 
VAL C    C  N N 226 
VAL O    O  N N 227 
VAL CB   C  N N 228 
VAL CG1  C  N N 229 
VAL CG2  C  N N 230 
VAL OXT  O  N N 231 
VAL H    H  N N 232 
VAL H2   H  N N 233 
VAL HA   H  N N 234 
VAL HB   H  N N 235 
VAL HG11 H  N N 236 
VAL HG12 H  N N 237 
VAL HG13 H  N N 238 
VAL HG21 H  N N 239 
VAL HG22 H  N N 240 
VAL HG23 H  N N 241 
VAL HXT  H  N N 242 
# 
loop_
_chem_comp_bond.comp_id 
_chem_comp_bond.atom_id_1 
_chem_comp_bond.atom_id_2 
_chem_comp_bond.value_order 
_chem_comp_bond.pdbx_aromatic_flag 
_chem_comp_bond.pdbx_stereo_config 
_chem_comp_bond.pdbx_ordinal 
ALA N    CA   sing N N 1   
ALA N    H    sing N N 2   
ALA N    H2   sing N N 3   
ALA CA   C    sing N N 4   
ALA CA   CB   sing N N 5   
ALA CA   HA   sing N N 6   
ALA C    O    doub N N 7   
ALA C    OXT  sing N N 8   
ALA CB   HB1  sing N N 9   
ALA CB   HB2  sing N N 10  
ALA CB   HB3  sing N N 11  
ALA OXT  HXT  sing N N 12  
ARG N    CA   sing N N 13  
ARG N    H    sing N N 14  
ARG N    H2   sing N N 15  
ARG CA   C    sing N N 16  
ARG CA   CB   sing N N 17  
ARG CA   HA   sing N N 18  
ARG C    O    doub N N 19  
ARG C    OXT  sing N N 20  
ARG CB   CG   sing N N 21  
ARG CB   HB2  sing N N 22  
ARG CB   HB3  sing N N 23  
ARG CG   CD   sing N N 24  
ARG CG   HG2  sing N N 25  
ARG CG   HG3  sing N N 26  
ARG CD   NE   sing N N 27  
ARG CD   HD2  sing N N 28  
ARG CD   HD3  sing N N 29  
ARG NE   CZ   sing N N 30  
ARG NE   HE   sing N N 31  
ARG CZ   NH1  sing N N 32  
ARG CZ   NH2  doub N N 33  
ARG NH1  HH11 sing N N 34  
ARG NH1  HH12 sing N N 35  
ARG NH2  HH21 sing N N 36  
ARG NH2  HH22 sing N N 37  
ARG OXT  HXT  sing N N 38  
ASN N    CA   sing N N 39  
ASN N    H    sing N N 40  
ASN N    H2   sing N N 41  
ASN CA   C    sing N N 42  
ASN CA   CB   sing N N 43  
ASN CA   HA   sing N N 44  
ASN C    O    doub N N 45  
ASN C    OXT  sing N N 46  
ASN CB   CG   sing N N 47  
ASN CB   HB2  sing N N 48  
ASN CB   HB3  sing N N 49  
ASN CG   OD1  doub N N 50  
ASN CG   ND2  sing N N 51  
ASN ND2  HD21 sing N N 52  
ASN ND2  HD22 sing N N 53  
ASN OXT  HXT  sing N N 54  
CGU N    CA   sing N N 55  
CGU N    H    sing N N 56  
CGU N    H2   sing N N 57  
CGU CA   C    sing N N 58  
CGU CA   CB   sing N N 59  
CGU CA   HA   sing N N 60  
CGU C    O    doub N N 61  
CGU C    OXT  sing N N 62  
CGU OXT  HXT  sing N N 63  
CGU CB   CG   sing N N 64  
CGU CB   HB2  sing N N 65  
CGU CB   HB3  sing N N 66  
CGU CG   CD1  sing N N 67  
CGU CG   CD2  sing N N 68  
CGU CG   HG   sing N N 69  
CGU CD1  OE11 doub N N 70  
CGU CD1  OE12 sing N N 71  
CGU CD2  OE21 doub N N 72  
CGU CD2  OE22 sing N N 73  
CGU OE12 HE12 sing N N 74  
CGU OE22 HE22 sing N N 75  
GLN N    CA   sing N N 76  
GLN N    H    sing N N 77  
GLN N    H2   sing N N 78  
GLN CA   C    sing N N 79  
GLN CA   CB   sing N N 80  
GLN CA   HA   sing N N 81  
GLN C    O    doub N N 82  
GLN C    OXT  sing N N 83  
GLN CB   CG   sing N N 84  
GLN CB   HB2  sing N N 85  
GLN CB   HB3  sing N N 86  
GLN CG   CD   sing N N 87  
GLN CG   HG2  sing N N 88  
GLN CG   HG3  sing N N 89  
GLN CD   OE1  doub N N 90  
GLN CD   NE2  sing N N 91  
GLN NE2  HE21 sing N N 92  
GLN NE2  HE22 sing N N 93  
GLN OXT  HXT  sing N N 94  
GLU N    CA   sing N N 95  
GLU N    H    sing N N 96  
GLU N    H2   sing N N 97  
GLU CA   C    sing N N 98  
GLU CA   CB   sing N N 99  
GLU CA   HA   sing N N 100 
GLU C    O    doub N N 101 
GLU C    OXT  sing N N 102 
GLU CB   CG   sing N N 103 
GLU CB   HB2  sing N N 104 
GLU CB   HB3  sing N N 105 
GLU CG   CD   sing N N 106 
GLU CG   HG2  sing N N 107 
GLU CG   HG3  sing N N 108 
GLU CD   OE1  doub N N 109 
GLU CD   OE2  sing N N 110 
GLU OE2  HE2  sing N N 111 
GLU OXT  HXT  sing N N 112 
GLY N    CA   sing N N 113 
GLY N    H    sing N N 114 
GLY N    H2   sing N N 115 
GLY CA   C    sing N N 116 
GLY CA   HA2  sing N N 117 
GLY CA   HA3  sing N N 118 
GLY C    O    doub N N 119 
GLY C    OXT  sing N N 120 
GLY OXT  HXT  sing N N 121 
HOH O    H1   sing N N 122 
HOH O    H2   sing N N 123 
LEU N    CA   sing N N 124 
LEU N    H    sing N N 125 
LEU N    H2   sing N N 126 
LEU CA   C    sing N N 127 
LEU CA   CB   sing N N 128 
LEU CA   HA   sing N N 129 
LEU C    O    doub N N 130 
LEU C    OXT  sing N N 131 
LEU CB   CG   sing N N 132 
LEU CB   HB2  sing N N 133 
LEU CB   HB3  sing N N 134 
LEU CG   CD1  sing N N 135 
LEU CG   CD2  sing N N 136 
LEU CG   HG   sing N N 137 
LEU CD1  HD11 sing N N 138 
LEU CD1  HD12 sing N N 139 
LEU CD1  HD13 sing N N 140 
LEU CD2  HD21 sing N N 141 
LEU CD2  HD22 sing N N 142 
LEU CD2  HD23 sing N N 143 
LEU OXT  HXT  sing N N 144 
LYS N    CA   sing N N 145 
LYS N    H    sing N N 146 
LYS N    H2   sing N N 147 
LYS CA   C    sing N N 148 
LYS CA   CB   sing N N 149 
LYS CA   HA   sing N N 150 
LYS C    O    doub N N 151 
LYS C    OXT  sing N N 152 
LYS CB   CG   sing N N 153 
LYS CB   HB2  sing N N 154 
LYS CB   HB3  sing N N 155 
LYS CG   CD   sing N N 156 
LYS CG   HG2  sing N N 157 
LYS CG   HG3  sing N N 158 
LYS CD   CE   sing N N 159 
LYS CD   HD2  sing N N 160 
LYS CD   HD3  sing N N 161 
LYS CE   NZ   sing N N 162 
LYS CE   HE2  sing N N 163 
LYS CE   HE3  sing N N 164 
LYS NZ   HZ1  sing N N 165 
LYS NZ   HZ2  sing N N 166 
LYS NZ   HZ3  sing N N 167 
LYS OXT  HXT  sing N N 168 
MET N    CA   sing N N 169 
MET N    H    sing N N 170 
MET N    H2   sing N N 171 
MET CA   C    sing N N 172 
MET CA   CB   sing N N 173 
MET CA   HA   sing N N 174 
MET C    O    doub N N 175 
MET C    OXT  sing N N 176 
MET CB   CG   sing N N 177 
MET CB   HB2  sing N N 178 
MET CB   HB3  sing N N 179 
MET CG   SD   sing N N 180 
MET CG   HG2  sing N N 181 
MET CG   HG3  sing N N 182 
MET SD   CE   sing N N 183 
MET CE   HE1  sing N N 184 
MET CE   HE2  sing N N 185 
MET CE   HE3  sing N N 186 
MET OXT  HXT  sing N N 187 
TYR N    CA   sing N N 188 
TYR N    H    sing N N 189 
TYR N    H2   sing N N 190 
TYR CA   C    sing N N 191 
TYR CA   CB   sing N N 192 
TYR CA   HA   sing N N 193 
TYR C    O    doub N N 194 
TYR C    OXT  sing N N 195 
TYR CB   CG   sing N N 196 
TYR CB   HB2  sing N N 197 
TYR CB   HB3  sing N N 198 
TYR CG   CD1  doub Y N 199 
TYR CG   CD2  sing Y N 200 
TYR CD1  CE1  sing Y N 201 
TYR CD1  HD1  sing N N 202 
TYR CD2  CE2  doub Y N 203 
TYR CD2  HD2  sing N N 204 
TYR CE1  CZ   doub Y N 205 
TYR CE1  HE1  sing N N 206 
TYR CE2  CZ   sing Y N 207 
TYR CE2  HE2  sing N N 208 
TYR CZ   OH   sing N N 209 
TYR OH   HH   sing N N 210 
TYR OXT  HXT  sing N N 211 
VAL N    CA   sing N N 212 
VAL N    H    sing N N 213 
VAL N    H2   sing N N 214 
VAL CA   C    sing N N 215 
VAL CA   CB   sing N N 216 
VAL CA   HA   sing N N 217 
VAL C    O    doub N N 218 
VAL C    OXT  sing N N 219 
VAL CB   CG1  sing N N 220 
VAL CB   CG2  sing N N 221 
VAL CB   HB   sing N N 222 
VAL CG1  HG11 sing N N 223 
VAL CG1  HG12 sing N N 224 
VAL CG1  HG13 sing N N 225 
VAL CG2  HG21 sing N N 226 
VAL CG2  HG22 sing N N 227 
VAL CG2  HG23 sing N N 228 
VAL OXT  HXT  sing N N 229 
# 
_pdbx_initial_refinement_model.accession_code   ? 
_pdbx_initial_refinement_model.id               1 
_pdbx_initial_refinement_model.entity_id_list   ? 
_pdbx_initial_refinement_model.type             'in silico model' 
_pdbx_initial_refinement_model.source_name      Other 
_pdbx_initial_refinement_model.details          '14-mer polyalanine helix' 
# 
_atom_sites.entry_id                    2DPR 
_atom_sites.fract_transf_matrix[1][1]   0.00822365 
_atom_sites.fract_transf_matrix[1][2]   0.00082073 
_atom_sites.fract_transf_matrix[1][3]   -0.00760335 
_atom_sites.fract_transf_matrix[2][1]   0.00164996 
_atom_sites.fract_transf_matrix[2][2]   0.01071177 
_atom_sites.fract_transf_matrix[2][3]   0.00294084 
_atom_sites.fract_transf_matrix[3][1]   0.00746740 
_atom_sites.fract_transf_matrix[3][2]   -0.00327067 
_atom_sites.fract_transf_matrix[3][3]   0.00772357 
_atom_sites.fract_transf_vector[1]      -0.104300 
_atom_sites.fract_transf_vector[2]      0.020928 
_atom_sites.fract_transf_vector[3]      -0.308593 
# 
loop_
_atom_type.symbol 
C  
CA 
N  
O  
S  
# 
loop_
_atom_site.group_PDB 
_atom_site.id 
_atom_site.type_symbol 
_atom_site.label_atom_id 
_atom_site.label_alt_id 
_atom_site.label_comp_id 
_atom_site.label_asym_id 
_atom_site.label_entity_id 
_atom_site.label_seq_id 
_atom_site.pdbx_PDB_ins_code 
_atom_site.Cartn_x 
_atom_site.Cartn_y 
_atom_site.Cartn_z 
_atom_site.occupancy 
_atom_site.B_iso_or_equiv 
_atom_site.pdbx_formal_charge 
_atom_site.auth_seq_id 
_atom_site.auth_comp_id 
_atom_site.auth_asym_id 
_atom_site.auth_atom_id 
_atom_site.pdbx_PDB_model_num 
ATOM   1   N  N    . GLY A 1 1  ? 7.017   4.620   10.150  1.00 56.13  ? 1   GLY A N    1 
ATOM   2   C  CA   . GLY A 1 1  ? 6.623   4.603   11.576  1.00 61.97  ? 1   GLY A CA   1 
ATOM   3   C  C    . GLY A 1 1  ? 5.194   5.211   11.489  1.00 63.94  ? 1   GLY A C    1 
ATOM   4   O  O    . GLY A 1 1  ? 4.304   4.586   12.091  1.00 73.41  ? 1   GLY A O    1 
ATOM   5   N  N    . GLU A 1 2  ? 5.233   6.301   10.758  1.00 53.54  ? 2   GLU A N    1 
ATOM   6   C  CA   . GLU A 1 2  ? 4.468   6.825   9.679   1.00 48.08  ? 2   GLU A CA   1 
ATOM   7   C  C    . GLU A 1 2  ? 5.390   6.882   8.453   1.00 37.22  ? 2   GLU A C    1 
ATOM   8   O  O    . GLU A 1 2  ? 4.978   6.456   7.378   1.00 31.96  ? 2   GLU A O    1 
ATOM   9   C  CB   . GLU A 1 2  ? 3.831   8.185   9.934   1.00 54.28  ? 2   GLU A CB   1 
ATOM   10  C  CG   . GLU A 1 2  ? 3.013   8.701   8.763   1.00 57.77  ? 2   GLU A CG   1 
ATOM   11  C  CD   . GLU A 1 2  ? 1.854   7.851   8.287   1.00 65.91  ? 2   GLU A CD   1 
ATOM   12  O  OE1  . GLU A 1 2  ? 1.351   6.982   9.051   1.00 82.54  ? 2   GLU A OE1  1 
ATOM   13  O  OE2  . GLU A 1 2  ? 1.409   8.051   7.116   1.00 70.32  ? 2   GLU A OE2  1 
HETATM 14  N  N    . CGU A 1 3  ? 6.622   7.374   8.568   1.00 32.90  ? 3   CGU A N    1 
HETATM 15  C  CA   . CGU A 1 3  ? 7.341   7.523   7.305   1.00 31.82  ? 3   CGU A CA   1 
HETATM 16  C  C    . CGU A 1 3  ? 7.799   6.178   6.775   1.00 32.70  ? 3   CGU A C    1 
HETATM 17  O  O    . CGU A 1 3  ? 8.028   6.049   5.575   1.00 28.87  ? 3   CGU A O    1 
HETATM 18  C  CB   . CGU A 1 3  ? 8.477   8.521   7.440   1.00 29.30  ? 3   CGU A CB   1 
HETATM 19  C  CG   . CGU A 1 3  ? 9.318   8.698   6.188   1.00 28.70  ? 3   CGU A CG   1 
HETATM 20  C  CD1  . CGU A 1 3  ? 10.404  9.759   6.353   1.00 30.66  ? 3   CGU A CD1  1 
HETATM 21  C  CD2  . CGU A 1 3  ? 8.493   9.162   4.987   1.00 25.75  ? 3   CGU A CD2  1 
HETATM 22  O  OE11 . CGU A 1 3  ? 10.434  10.472  7.397   1.00 35.04  ? 3   CGU A OE11 1 
HETATM 23  O  OE12 . CGU A 1 3  ? 11.137  9.959   5.361   1.00 30.17  ? 3   CGU A OE12 1 
HETATM 24  O  OE21 . CGU A 1 3  ? 9.053   9.050   3.873   1.00 24.32  ? 3   CGU A OE21 1 
HETATM 25  O  OE22 . CGU A 1 3  ? 7.389   9.720   5.200   1.00 25.00  ? 3   CGU A OE22 1 
HETATM 26  N  N    . CGU A 1 4  ? 8.113   5.228   7.653   1.00 32.90  ? 4   CGU A N    1 
HETATM 27  C  CA   . CGU A 1 4  ? 8.403   3.851   7.253   1.00 33.79  ? 4   CGU A CA   1 
HETATM 28  C  C    . CGU A 1 4  ? 7.178   3.208   6.608   1.00 30.13  ? 4   CGU A C    1 
HETATM 29  O  O    . CGU A 1 4  ? 7.364   2.550   5.581   1.00 33.96  ? 4   CGU A O    1 
HETATM 30  C  CB   . CGU A 1 4  ? 8.906   3.040   8.440   1.00 35.34  ? 4   CGU A CB   1 
HETATM 31  C  CG   . CGU A 1 4  ? 10.228  3.473   9.000   1.00 38.56  ? 4   CGU A CG   1 
HETATM 32  C  CD1  . CGU A 1 4  ? 10.768  2.511   10.049  1.00 48.29  ? 4   CGU A CD1  1 
HETATM 33  C  CD2  . CGU A 1 4  ? 10.393  4.883   9.562   1.00 38.09  ? 4   CGU A CD2  1 
HETATM 34  O  OE11 . CGU A 1 4  ? 10.039  2.286   11.041  1.00 56.92  ? 4   CGU A OE11 1 
HETATM 35  O  OE12 . CGU A 1 4  ? 11.762  1.835   9.738   1.00 66.14  ? 4   CGU A OE12 1 
HETATM 36  O  OE21 . CGU A 1 4  ? 9.488   5.373   10.257  1.00 40.56  ? 4   CGU A OE21 1 
HETATM 37  O  OE22 . CGU A 1 4  ? 11.476  5.518   9.439   1.00 50.10  ? 4   CGU A OE22 1 
ATOM   38  N  N    . TYR A 1 5  ? 5.927   3.442   7.002   1.00 32.91  ? 5   TYR A N    1 
ATOM   39  C  CA   . TYR A 1 5  ? 4.715   2.945   6.367   1.00 32.41  ? 5   TYR A CA   1 
ATOM   40  C  C    . TYR A 1 5  ? 4.717   3.596   4.977   1.00 27.91  ? 5   TYR A C    1 
ATOM   41  O  O    . TYR A 1 5  ? 4.490   2.875   4.010   1.00 26.23  ? 5   TYR A O    1 
ATOM   42  C  CB   . TYR A 1 5  ? 3.402   3.196   7.110   1.00 33.92  ? 5   TYR A CB   1 
ATOM   43  C  CG   . TYR A 1 5  ? 2.062   2.969   6.458   1.00 38.17  ? 5   TYR A CG   1 
ATOM   44  C  CD1  . TYR A 1 5  ? 1.295   4.050   6.049   1.00 35.29  ? 5   TYR A CD1  1 
ATOM   45  C  CD2  . TYR A 1 5  ? 1.445   1.732   6.207   1.00 38.83  ? 5   TYR A CD2  1 
ATOM   46  C  CE1  . TYR A 1 5  ? 0.064   3.895   5.451   1.00 38.63  ? 5   TYR A CE1  1 
ATOM   47  C  CE2  . TYR A 1 5  ? 0.202   1.541   5.604   1.00 38.82  ? 5   TYR A CE2  1 
ATOM   48  C  CZ   . TYR A 1 5  ? -0.510  2.664   5.216   1.00 40.25  ? 5   TYR A CZ   1 
ATOM   49  O  OH   . TYR A 1 5  ? -1.762  2.593   4.601   1.00 39.84  ? 5   TYR A OH   1 
ATOM   50  N  N    . GLN A 1 6  ? 4.965   4.902   4.841   1.00 27.20  ? 6   GLN A N    1 
ATOM   51  C  CA   . GLN A 1 6  ? 4.924   5.559   3.506   1.00 23.63  ? 6   GLN A CA   1 
ATOM   52  C  C    . GLN A 1 6  ? 6.014   5.002   2.589   1.00 23.74  ? 6   GLN A C    1 
ATOM   53  O  O    . GLN A 1 6  ? 5.757   4.809   1.388   1.00 22.40  ? 6   GLN A O    1 
ATOM   54  C  CB   . GLN A 1 6  ? 5.006   7.080   3.576   1.00 23.88  ? 6   GLN A CB   1 
ATOM   55  C  CG   . GLN A 1 6  ? 3.850   7.729   4.335   1.00 25.95  ? 6   GLN A CG   1 
ATOM   56  C  CD   . GLN A 1 6  ? 2.589   7.693   3.504   1.00 30.48  ? 6   GLN A CD   1 
ATOM   57  O  OE1  . GLN A 1 6  ? 2.613   7.699   2.277   1.00 29.73  ? 6   GLN A OE1  1 
ATOM   58  N  NE2  . GLN A 1 6  ? 1.495   7.651   4.227   1.00 36.23  ? 6   GLN A NE2  1 
HETATM 59  N  N    . CGU A 1 7  ? 7.192   4.724   3.149   1.00 21.61  ? 7   CGU A N    1 
HETATM 60  C  CA   . CGU A 1 7  ? 8.232   4.135   2.323   1.00 23.39  ? 7   CGU A CA   1 
HETATM 61  C  C    . CGU A 1 7  ? 7.884   2.733   1.871   1.00 22.91  ? 7   CGU A C    1 
HETATM 62  O  O    . CGU A 1 7  ? 8.207   2.313   0.739   1.00 22.18  ? 7   CGU A O    1 
HETATM 63  C  CB   . CGU A 1 7  ? 9.555   4.202   3.077   0.80 23.51  ? 7   CGU A CB   1 
HETATM 64  C  CG   . CGU A 1 7  ? 10.096  5.625   3.085   1.00 24.52  ? 7   CGU A CG   1 
HETATM 65  C  CD1  . CGU A 1 7  ? 10.567  6.126   1.733   1.00 24.43  ? 7   CGU A CD1  1 
HETATM 66  C  CD2  . CGU A 1 7  ? 11.206  5.853   4.104   1.00 29.28  ? 7   CGU A CD2  1 
HETATM 67  O  OE11 . CGU A 1 7  ? 10.643  7.336   1.480   1.00 25.88  ? 7   CGU A OE11 1 
HETATM 68  O  OE12 . CGU A 1 7  ? 11.095  5.260   0.982   1.00 28.50  ? 7   CGU A OE12 1 
HETATM 69  O  OE21 . CGU A 1 7  ? 11.415  4.904   4.905   1.00 38.85  ? 7   CGU A OE21 1 
HETATM 70  O  OE22 . CGU A 1 7  ? 11.733  6.995   4.219   1.00 27.57  ? 7   CGU A OE22 1 
ATOM   71  N  N    . MET A 1 8  ? 7.208   1.944   2.682   1.00 22.22  ? 8   MET A N    1 
ATOM   72  C  CA   . MET A 1 8  ? 6.687   0.634   2.275   1.00 22.97  ? 8   MET A CA   1 
ATOM   73  C  C    . MET A 1 8  ? 5.695   0.807   1.139   1.00 18.95  ? 8   MET A C    1 
ATOM   74  O  O    . MET A 1 8  ? 5.782   0.082   0.160   1.00 21.17  ? 8   MET A O    1 
ATOM   75  C  CB   . MET A 1 8  ? 6.002   -0.089  3.432   1.00 25.68  ? 8   MET A CB   1 
ATOM   76  C  CG   . MET A 1 8  ? 5.447   -1.510  3.017   1.00 32.83  ? 8   MET A CG   1 
ATOM   77  S  SD   . MET A 1 8  ? 4.400   -2.043  4.378   1.00 44.89  ? 8   MET A SD   1 
ATOM   78  C  CE   . MET A 1 8  ? 2.911   -1.080  4.041   1.00 49.35  ? 8   MET A CE   1 
ATOM   79  N  N    . LEU A 1 9  ? 4.775   1.751   1.304   1.00 21.06  ? 9   LEU A N    1 
ATOM   80  C  CA   . LEU A 1 9  ? 3.777   1.985   0.253   1.00 20.68  ? 9   LEU A CA   1 
ATOM   81  C  C    . LEU A 1 9  ? 4.468   2.357   -1.041  1.00 17.84  ? 9   LEU A C    1 
ATOM   82  O  O    . LEU A 1 9  ? 4.024   1.936   -2.123  1.00 20.20  ? 9   LEU A O    1 
ATOM   83  C  CB   . LEU A 1 9  ? 2.793   3.082   0.650   1.00 21.57  ? 9   LEU A CB   1 
ATOM   84  C  CG   . LEU A 1 9  ? 1.845   2.745   1.797   1.00 22.37  ? 9   LEU A CG   1 
ATOM   85  C  CD1  . LEU A 1 9  ? 0.865   3.894   1.974   1.00 25.34  ? 9   LEU A CD1  1 
ATOM   86  C  CD2  . LEU A 1 9  ? 1.089   1.433   1.593   1.00 24.66  ? 9   LEU A CD2  1 
HETATM 87  N  N    . CGU A 1 10 ? 5.547   3.156   -0.916  1.00 18.39  ? 10  CGU A N    1 
HETATM 88  C  CA   . CGU A 1 10 ? 6.264   3.560   -2.128  1.00 17.14  ? 10  CGU A CA   1 
HETATM 89  C  C    . CGU A 1 10 ? 6.882   2.365   -2.811  1.00 17.53  ? 10  CGU A C    1 
HETATM 90  O  O    . CGU A 1 10 ? 6.923   2.242   -4.042  1.00 18.79  ? 10  CGU A O    1 
HETATM 91  C  CB   . CGU A 1 10 ? 7.251   4.666   -1.794  1.00 19.27  ? 10  CGU A CB   1 
HETATM 92  C  CG   . CGU A 1 10 ? 8.099   5.027   -3.002  1.00 22.60  ? 10  CGU A CG   1 
HETATM 93  C  CD1  . CGU A 1 10 ? 7.349   5.648   -4.161  1.00 21.95  ? 10  CGU A CD1  1 
HETATM 94  C  CD2  . CGU A 1 10 ? 9.362   5.785   -2.644  1.00 23.58  ? 10  CGU A CD2  1 
HETATM 95  O  OE11 . CGU A 1 10 ? 7.917   5.749   -5.275  1.00 20.90  ? 10  CGU A OE11 1 
HETATM 96  O  OE12 . CGU A 1 10 ? 6.138   5.937   -4.083  1.00 20.24  ? 10  CGU A OE12 1 
HETATM 97  O  OE21 . CGU A 1 10 ? 9.357   6.505   -1.612  1.00 22.30  ? 10  CGU A OE21 1 
HETATM 98  O  OE22 . CGU A 1 10 ? 10.329  5.968   -3.441  1.00 21.13  ? 10  CGU A OE22 1 
ATOM   99  N  N    . ASN A 1 11 ? 7.453   1.418   -2.059  1.00 19.38  ? 11  ASN A N    1 
ATOM   100 C  CA   . ASN A 1 11 ? 7.990   0.213   -2.694  1.00 20.77  ? 11  ASN A CA   1 
ATOM   101 C  C    . ASN A 1 11 ? 6.890   -0.586  -3.388  1.00 17.75  ? 11  ASN A C    1 
ATOM   102 O  O    . ASN A 1 11 ? 7.043   -1.122  -4.483  1.00 17.88  ? 11  ASN A O    1 
ATOM   103 C  CB   . ASN A 1 11 ? 8.705   -0.619  -1.634  1.00 22.62  ? 11  ASN A CB   1 
ATOM   104 C  CG   . ASN A 1 11 ? 10.119  -0.134  -1.398  1.00 30.80  ? 11  ASN A CG   1 
ATOM   105 O  OD1  . ASN A 1 11 ? 10.720  0.545   -2.219  1.00 34.03  ? 11  ASN A OD1  1 
ATOM   106 N  ND2  . ASN A 1 11 ? 10.661  -0.496  -0.243  1.00 38.77  ? 11  ASN A ND2  1 
ATOM   107 N  N    . LEU A 1 12 ? 5.729   -0.683  -2.748  1.00 19.15  ? 12  LEU A N    1 
ATOM   108 C  CA   . LEU A 1 12 ? 4.597   -1.412  -3.327  1.00 17.04  ? 12  LEU A CA   1 
ATOM   109 C  C    . LEU A 1 12 ? 4.170   -0.720  -4.625  1.00 17.65  ? 12  LEU A C    1 
ATOM   110 O  O    . LEU A 1 12 ? 3.855   -1.407  -5.594  1.00 18.66  ? 12  LEU A O    1 
ATOM   111 C  CB   . LEU A 1 12 ? 3.393   -1.523  -2.393  1.00 17.53  ? 12  LEU A CB   1 
ATOM   112 C  CG   . LEU A 1 12 ? 3.542   -2.320  -1.101  1.00 14.49  ? 12  LEU A CG   1 
ATOM   113 C  CD1  . LEU A 1 12 ? 2.314   -2.133  -0.192  1.00 19.37  ? 12  LEU A CD1  1 
ATOM   114 C  CD2  . LEU A 1 12 ? 3.804   -3.813  -1.346  1.00 19.29  ? 12  LEU A CD2  1 
ATOM   115 N  N    . ARG A 1 13 ? 4.184   0.609   -4.613  1.00 16.38  ? 13  ARG A N    1 
ATOM   116 C  CA   . ARG A 1 13 ? 3.815   1.376   -5.802  1.00 15.13  ? 13  ARG A CA   1 
ATOM   117 C  C    . ARG A 1 13 ? 4.799   1.139   -6.947  1.00 15.84  ? 13  ARG A C    1 
ATOM   118 O  O    . ARG A 1 13 ? 4.347   0.912   -8.077  1.00 17.25  ? 13  ARG A O    1 
ATOM   119 C  CB   . ARG A 1 13 ? 3.707   2.860   -5.431  1.00 15.74  ? 13  ARG A CB   1 
ATOM   120 C  CG   . ARG A 1 13 ? 3.122   3.696   -6.536  1.00 16.44  ? 13  ARG A CG   1 
ATOM   121 C  CD   . ARG A 1 13 ? 3.223   5.213   -6.273  1.00 16.60  ? 13  ARG A CD   1 
ATOM   122 N  NE   . ARG A 1 13 ? 4.607   5.625   -6.469  1.00 18.41  ? 13  ARG A NE   1 
ATOM   123 C  CZ   . ARG A 1 13 ? 5.185   5.811   -7.646  1.00 20.08  ? 13  ARG A CZ   1 
ATOM   124 N  NH1  . ARG A 1 13 ? 4.621   5.672   -8.836  1.00 17.32  ? 13  ARG A NH1  1 
ATOM   125 N  NH2  . ARG A 1 13 ? 6.453   6.174   -7.676  1.00 19.84  ? 13  ARG A NH2  1 
HETATM 126 N  N    . CGU A 1 14 ? 6.105   1.181   -6.677  1.00 16.86  ? 14  CGU A N    1 
HETATM 127 C  CA   . CGU A 1 14 ? 7.119   1.000   -7.722  1.00 18.11  ? 14  CGU A CA   1 
HETATM 128 C  C    . CGU A 1 14 ? 6.966   -0.397  -8.318  1.00 17.73  ? 14  CGU A C    1 
HETATM 129 O  O    . CGU A 1 14 ? 7.002   -0.599  -9.530  1.00 20.35  ? 14  CGU A O    1 
HETATM 130 C  CB   . CGU A 1 14 ? 8.525   1.159   -7.146  1.00 17.59  ? 14  CGU A CB   1 
HETATM 131 C  CG   . CGU A 1 14 ? 8.826   2.623   -6.763  1.00 18.93  ? 14  CGU A CG   1 
HETATM 132 C  CD1  . CGU A 1 14 ? 9.139   3.517   -7.945  1.00 17.98  ? 14  CGU A CD1  1 
HETATM 133 C  CD2  . CGU A 1 14 ? 10.078  2.648   -5.871  1.00 21.40  ? 14  CGU A CD2  1 
HETATM 134 O  OE11 . CGU A 1 14 ? 9.358   4.722   -7.760  1.00 19.59  ? 14  CGU A OE11 1 
HETATM 135 O  OE12 . CGU A 1 14 ? 9.217   3.029   -9.088  1.00 21.11  ? 14  CGU A OE12 1 
HETATM 136 O  OE21 . CGU A 1 14 ? 10.414  3.693   -5.259  1.00 22.44  ? 14  CGU A OE21 1 
HETATM 137 O  OE22 . CGU A 1 14 ? 10.778  1.579   -5.779  1.00 29.59  ? 14  CGU A OE22 1 
ATOM   138 N  N    . ALA A 1 15 ? 6.674   -1.401  -7.508  1.00 19.37  ? 15  ALA A N    1 
ATOM   139 C  CA   . ALA A 1 15 ? 6.490   -2.753  -8.039  1.00 21.32  ? 15  ALA A CA   1 
ATOM   140 C  C    . ALA A 1 15 ? 5.226   -2.867  -8.888  1.00 19.85  ? 15  ALA A C    1 
ATOM   141 O  O    . ALA A 1 15 ? 5.217   -3.560  -9.902  1.00 21.62  ? 15  ALA A O    1 
ATOM   142 C  CB   . ALA A 1 15 ? 6.448   -3.749  -6.906  1.00 18.81  ? 15  ALA A CB   1 
ATOM   143 N  N    . GLU A 1 16 ? 4.123   -2.220  -8.554  1.00 20.04  ? 16  GLU A N    1 
ATOM   144 C  CA   . GLU A 1 16 ? 2.913   -2.244  -9.373  1.00 23.03  ? 16  GLU A CA   1 
ATOM   145 C  C    . GLU A 1 16 ? 3.108   -1.490  -10.687 1.00 23.29  ? 16  GLU A C    1 
ATOM   146 O  O    . GLU A 1 16 ? 2.595   -1.871  -11.753 1.00 24.16  ? 16  GLU A O    1 
ATOM   147 C  CB   . GLU A 1 16 ? 1.762   -1.644  -8.576  1.00 22.21  ? 16  GLU A CB   1 
ATOM   148 C  CG   . GLU A 1 16 ? 0.417   -1.502  -9.296  1.00 23.67  ? 16  GLU A CG   1 
ATOM   149 C  CD   . GLU A 1 16 ? -0.202  -2.852  -9.590  1.00 26.87  ? 16  GLU A CD   1 
ATOM   150 O  OE1  . GLU A 1 16 ? 0.345   -3.877  -9.123  1.00 25.17  ? 16  GLU A OE1  1 
ATOM   151 O  OE2  . GLU A 1 16 ? -1.240  -2.890  -10.281 1.00 35.36  ? 16  GLU A OE2  1 
ATOM   152 N  N    . VAL A 1 17 ? 3.869   -0.394  -10.680 1.00 21.85  ? 17  VAL A N    1 
ATOM   153 C  CA   . VAL A 1 17 ? 4.198   0.327   -11.928 1.00 23.82  ? 17  VAL A CA   1 
ATOM   154 C  C    . VAL A 1 17 ? 4.876   -0.626  -12.915 1.00 24.71  ? 17  VAL A C    1 
ATOM   155 O  O    . VAL A 1 17 ? 4.576   -0.768  -14.094 1.00 29.06  ? 17  VAL A O    1 
ATOM   156 C  CB   . VAL A 1 17 ? 5.055   1.579   -11.654 1.00 24.25  ? 17  VAL A CB   1 
ATOM   157 C  CG1  . VAL A 1 17 ? 5.559   2.170   -12.961 1.00 25.80  ? 17  VAL A CG1  1 
ATOM   158 C  CG2  . VAL A 1 17 ? 4.254   2.613   -10.894 1.00 23.44  ? 17  VAL A CG2  1 
ATOM   159 N  N    . LYS A 1 18 ? 5.859   -1.385  -12.420 1.00 25.18  ? 18  LYS A N    1 
ATOM   160 C  CA   . LYS A 1 18 ? 6.534   -2.330  -13.283 1.00 32.56  ? 18  LYS A CA   1 
ATOM   161 C  C    . LYS A 1 18 ? 5.569   -3.394  -13.751 1.00 32.40  ? 18  LYS A C    1 
ATOM   162 O  O    . LYS A 1 18 ? 5.582   -3.809  -14.891 1.00 38.30  ? 18  LYS A O    1 
ATOM   163 C  CB   . LYS A 1 18 ? 7.663   -2.995  -12.505 1.00 31.39  ? 18  LYS A CB   1 
ATOM   164 C  CG   . LYS A 1 18 ? 8.859   -2.109  -12.328 1.00 40.09  ? 18  LYS A CG   1 
ATOM   165 C  CD   . LYS A 1 18 ? 9.911   -2.751  -11.446 1.00 51.07  ? 18  LYS A CD   1 
ATOM   166 C  CE   . LYS A 1 18 ? 11.059  -1.792  -11.134 1.00 58.92  ? 18  LYS A CE   1 
ATOM   167 N  NZ   . LYS A 1 18 ? 10.749  -0.762  -10.094 1.00 62.39  ? 18  LYS A NZ   1 
ATOM   168 N  N    . LYS A 1 19 ? 4.724   -3.880  -12.847 1.00 33.07  ? 19  LYS A N    1 
ATOM   169 C  CA   . LYS A 1 19 ? 3.806   -4.920  -13.302 1.00 33.89  ? 19  LYS A CA   1 
ATOM   170 C  C    . LYS A 1 19 ? 2.864   -4.403  -14.374 1.00 36.66  ? 19  LYS A C    1 
ATOM   171 O  O    . LYS A 1 19 ? 2.574   -5.046  -15.358 1.00 40.99  ? 19  LYS A O    1 
ATOM   172 C  CB   . LYS A 1 19 ? 2.910   -5.404  -12.166 1.00 34.37  ? 19  LYS A CB   1 
ATOM   173 C  CG   . LYS A 1 19 ? 3.508   -6.422  -11.249 1.00 38.06  ? 19  LYS A CG   1 
ATOM   174 C  CD   . LYS A 1 19 ? 2.605   -6.590  -10.027 1.00 41.42  ? 19  LYS A CD   1 
ATOM   175 C  CE   . LYS A 1 19 ? 3.432   -7.146  -8.867  1.00 48.06  ? 19  LYS A CE   1 
ATOM   176 N  NZ   . LYS A 1 19 ? 2.574   -7.617  -7.742  1.00 39.55  ? 19  LYS A NZ   1 
ATOM   177 N  N    . ASN A 1 20 ? 2.365   -3.192  -14.118 1.00 36.71  ? 20  ASN A N    1 
ATOM   178 C  CA   . ASN A 1 20 ? 1.421   -2.687  -15.097 1.00 40.28  ? 20  ASN A CA   1 
ATOM   179 C  C    . ASN A 1 20 ? 2.170   -2.392  -16.381 1.00 41.82  ? 20  ASN A C    1 
ATOM   180 O  O    . ASN A 1 20 ? 1.559   -2.256  -17.449 1.00 48.98  ? 20  ASN A O    1 
ATOM   181 C  CB   . ASN A 1 20 ? 0.724   -1.460  -14.554 1.00 44.01  ? 20  ASN A CB   1 
ATOM   182 C  CG   . ASN A 1 20 ? -0.391  -1.721  -13.561 1.00 48.19  ? 20  ASN A CG   1 
ATOM   183 O  OD1  . ASN A 1 20 ? -1.059  -2.759  -13.541 0.80 60.65  ? 20  ASN A OD1  1 
ATOM   184 N  ND2  . ASN A 1 20 ? -0.638  -0.730  -12.694 1.00 51.70  ? 20  ASN A ND2  1 
ATOM   185 N  N    . ALA A 1 21 ? 3.495   -2.279  -16.389 1.00 45.49  ? 21  ALA A N    1 
ATOM   186 C  CA   . ALA A 1 21 ? 4.123   -1.983  -17.677 1.00 47.13  ? 21  ALA A CA   1 
ATOM   187 C  C    . ALA A 1 21 ? 4.448   -3.229  -18.487 1.00 54.88  ? 21  ALA A C    1 
ATOM   188 O  O    . ALA A 1 21 ? 4.355   -4.392  -18.085 1.00 65.14  ? 21  ALA A O    1 
ATOM   189 C  CB   . ALA A 1 21 ? 5.359   -1.150  -17.401 1.00 43.64  ? 21  ALA A CB   1 
ATOM   190 N  N    . GLY B 1 1  ? -4.276  -7.936  -10.730 1.00 37.43  ? 1   GLY B N    1 
ATOM   191 C  CA   . GLY B 1 1  ? -4.216  -6.726  -11.542 1.00 32.38  ? 1   GLY B CA   1 
ATOM   192 C  C    . GLY B 1 1  ? -4.381  -5.480  -10.694 1.00 25.20  ? 1   GLY B C    1 
ATOM   193 O  O    . GLY B 1 1  ? -4.206  -5.430  -9.482  1.00 23.92  ? 1   GLY B O    1 
ATOM   194 N  N    . GLU B 1 2  ? -4.735  -4.389  -11.366 1.00 23.97  ? 2   GLU B N    1 
ATOM   195 C  CA   . GLU B 1 2  ? -4.821  -3.116  -10.658 1.00 21.84  ? 2   GLU B CA   1 
ATOM   196 C  C    . GLU B 1 2  ? -5.878  -3.134  -9.571  1.00 20.70  ? 2   GLU B C    1 
ATOM   197 O  O    . GLU B 1 2  ? -5.600  -2.550  -8.501  1.00 20.73  ? 2   GLU B O    1 
ATOM   198 C  CB   . GLU B 1 2  ? -5.069  -2.021  -11.703 1.00 27.82  ? 2   GLU B CB   1 
ATOM   199 C  CG   . GLU B 1 2  ? -5.340  -0.708  -10.998 1.00 33.27  ? 2   GLU B CG   1 
ATOM   200 C  CD   . GLU B 1 2  ? -4.084  -0.087  -10.415 1.00 35.34  ? 2   GLU B CD   1 
ATOM   201 O  OE1  . GLU B 1 2  ? -2.950  -0.554  -10.670 1.00 41.23  ? 2   GLU B OE1  1 
ATOM   202 O  OE2  . GLU B 1 2  ? -4.235  0.916   -9.672  1.00 37.65  ? 2   GLU B OE2  1 
HETATM 203 N  N    . CGU B 1 3  ? -7.054  -3.741  -9.724  1.00 19.37  ? 3   CGU B N    1 
HETATM 204 C  CA   . CGU B 1 3  ? -8.005  -3.680  -8.612  1.00 18.98  ? 3   CGU B CA   1 
HETATM 205 C  C    . CGU B 1 3  ? -7.591  -4.580  -7.459  1.00 19.00  ? 3   CGU B C    1 
HETATM 206 O  O    . CGU B 1 3  ? -7.891  -4.223  -6.300  1.00 18.49  ? 3   CGU B O    1 
HETATM 207 C  CB   . CGU B 1 3  ? -9.394  -4.063  -9.119  1.00 20.90  ? 3   CGU B CB   1 
HETATM 208 C  CG   . CGU B 1 3  ? -10.449 -3.938  -8.038  1.00 20.15  ? 3   CGU B CG   1 
HETATM 209 C  CD1  . CGU B 1 3  ? -11.854 -4.276  -8.551  1.00 22.14  ? 3   CGU B CD1  1 
HETATM 210 C  CD2  . CGU B 1 3  ? -10.531 -2.593  -7.323  1.00 19.81  ? 3   CGU B CD2  1 
HETATM 211 O  OE11 . CGU B 1 3  ? -12.070 -4.496  -9.771  1.00 23.53  ? 3   CGU B OE11 1 
HETATM 212 O  OE12 . CGU B 1 3  ? -12.765 -4.377  -7.667  1.00 23.88  ? 3   CGU B OE12 1 
HETATM 213 O  OE21 . CGU B 1 3  ? -11.098 -2.578  -6.190  1.00 20.92  ? 3   CGU B OE21 1 
HETATM 214 O  OE22 . CGU B 1 3  ? -10.067 -1.549  -7.865  1.00 19.85  ? 3   CGU B OE22 1 
HETATM 215 N  N    . CGU B 1 4  ? -6.795  -5.621  -7.696  1.00 19.38  ? 4   CGU B N    1 
HETATM 216 C  CA   . CGU B 1 4  ? -6.266  -6.422  -6.585  1.00 21.39  ? 4   CGU B CA   1 
HETATM 217 C  C    . CGU B 1 4  ? -5.200  -5.579  -5.859  1.00 18.88  ? 4   CGU B C    1 
HETATM 218 O  O    . CGU B 1 4  ? -5.128  -5.658  -4.620  1.00 17.93  ? 4   CGU B O    1 
HETATM 219 C  CB   . CGU B 1 4  ? -5.559  -7.693  -7.083  1.00 23.88  ? 4   CGU B CB   1 
HETATM 220 C  CG   . CGU B 1 4  ? -6.548  -8.705  -7.623  1.00 30.05  ? 4   CGU B CG   1 
HETATM 221 C  CD1  . CGU B 1 4  ? -5.889  -10.028 -7.943  1.00 32.38  ? 4   CGU B CD1  1 
HETATM 222 C  CD2  . CGU B 1 4  ? -7.329  -8.309  -8.874  1.00 34.44  ? 4   CGU B CD2  1 
HETATM 223 O  OE11 . CGU B 1 4  ? -4.740  -10.067 -8.412  1.00 38.59  ? 4   CGU B OE11 1 
HETATM 224 O  OE12 . CGU B 1 4  ? -6.542  -11.069 -7.722  1.00 49.40  ? 4   CGU B OE12 1 
HETATM 225 O  OE21 . CGU B 1 4  ? -6.773  -7.715  -9.820  1.00 31.01  ? 4   CGU B OE21 1 
HETATM 226 O  OE22 . CGU B 1 4  ? -8.601  -8.409  -8.897  1.00 40.58  ? 4   CGU B OE22 1 
ATOM   227 N  N    . TYR B 1 5  ? -4.450  -4.766  -6.589  1.00 18.72  ? 5   TYR B N    1 
ATOM   228 C  CA   . TYR B 1 5  ? -3.517  -3.829  -5.939  1.00 17.59  ? 5   TYR B CA   1 
ATOM   229 C  C    . TYR B 1 5  ? -4.270  -2.829  -5.083  1.00 15.32  ? 5   TYR B C    1 
ATOM   230 O  O    . TYR B 1 5  ? -3.902  -2.581  -3.924  1.00 15.83  ? 5   TYR B O    1 
ATOM   231 C  CB   . TYR B 1 5  ? -2.664  -3.125  -6.991  1.00 18.40  ? 5   TYR B CB   1 
ATOM   232 C  CG   . TYR B 1 5  ? -1.835  -1.970  -6.524  1.00 17.92  ? 5   TYR B CG   1 
ATOM   233 C  CD1  . TYR B 1 5  ? -0.657  -2.158  -5.810  1.00 20.00  ? 5   TYR B CD1  1 
ATOM   234 C  CD2  . TYR B 1 5  ? -2.256  -0.681  -6.814  1.00 19.15  ? 5   TYR B CD2  1 
ATOM   235 C  CE1  . TYR B 1 5  ? 0.077   -1.051  -5.403  1.00 20.66  ? 5   TYR B CE1  1 
ATOM   236 C  CE2  . TYR B 1 5  ? -1.526  0.425   -6.407  1.00 20.86  ? 5   TYR B CE2  1 
ATOM   237 C  CZ   . TYR B 1 5  ? -0.352  0.225   -5.692  1.00 18.81  ? 5   TYR B CZ   1 
ATOM   238 O  OH   . TYR B 1 5  ? 0.421   1.294   -5.263  1.00 22.60  ? 5   TYR B OH   1 
ATOM   239 N  N    . GLN B 1 6  ? -5.346  -2.236  -5.589  1.00 16.65  ? 6   GLN B N    1 
ATOM   240 C  CA   . GLN B 1 6  ? -6.143  -1.294  -4.819  1.00 16.51  ? 6   GLN B CA   1 
ATOM   241 C  C    . GLN B 1 6  ? -6.745  -1.989  -3.601  1.00 15.78  ? 6   GLN B C    1 
ATOM   242 O  O    . GLN B 1 6  ? -6.851  -1.359  -2.521  1.00 16.80  ? 6   GLN B O    1 
ATOM   243 C  CB   . GLN B 1 6  ? -7.255  -0.685  -5.659  1.00 18.54  ? 6   GLN B CB   1 
ATOM   244 C  CG   . GLN B 1 6  ? -6.738  0.223   -6.767  1.00 18.95  ? 6   GLN B CG   1 
ATOM   245 C  CD   . GLN B 1 6  ? -6.109  1.472   -6.175  1.00 21.37  ? 6   GLN B CD   1 
ATOM   246 O  OE1  . GLN B 1 6  ? -6.518  1.966   -5.131  1.00 23.82  ? 6   GLN B OE1  1 
ATOM   247 N  NE2  . GLN B 1 6  ? -5.100  1.985   -6.870  1.00 25.02  ? 6   GLN B NE2  1 
HETATM 248 N  N    . CGU B 1 7  ? -7.158  -3.252  -3.721  1.00 15.39  ? 7   CGU B N    1 
HETATM 249 C  CA   . CGU B 1 7  ? -7.732  -3.925  -2.575  1.00 16.83  ? 7   CGU B CA   1 
HETATM 250 C  C    . CGU B 1 7  ? -6.694  -4.185  -1.491  1.00 17.37  ? 7   CGU B C    1 
HETATM 251 O  O    . CGU B 1 7  ? -6.940  -4.130  -0.274  1.00 16.95  ? 7   CGU B O    1 
HETATM 252 C  CB   . CGU B 1 7  ? -8.466  -5.202  -3.022  1.00 17.03  ? 7   CGU B CB   1 
HETATM 253 C  CG   . CGU B 1 7  ? -9.772  -4.850  -3.697  1.00 18.96  ? 7   CGU B CG   1 
HETATM 254 C  CD1  . CGU B 1 7  ? -10.863 -4.453  -2.718  1.00 20.98  ? 7   CGU B CD1  1 
HETATM 255 C  CD2  . CGU B 1 7  ? -10.396 -5.944  -4.539  1.00 21.10  ? 7   CGU B CD2  1 
HETATM 256 O  OE11 . CGU B 1 7  ? -11.725 -3.629  -3.126  1.00 22.60  ? 7   CGU B OE11 1 
HETATM 257 O  OE12 . CGU B 1 7  ? -10.785 -4.871  -1.539  1.00 22.11  ? 7   CGU B OE12 1 
HETATM 258 O  OE21 . CGU B 1 7  ? -9.806  -7.062  -4.504  1.00 24.54  ? 7   CGU B OE21 1 
HETATM 259 O  OE22 . CGU B 1 7  ? -11.474 -5.773  -5.135  1.00 19.96  ? 7   CGU B OE22 1 
ATOM   260 N  N    . MET B 1 8  ? -5.453  -4.409  -1.890  1.00 16.30  ? 8   MET B N    1 
ATOM   261 C  CA   . MET B 1 8  ? -4.356  -4.554  -0.946  1.00 16.69  ? 8   MET B CA   1 
ATOM   262 C  C    . MET B 1 8  ? -4.149  -3.231  -0.209  1.00 16.15  ? 8   MET B C    1 
ATOM   263 O  O    . MET B 1 8  ? -4.013  -3.210  1.015   1.00 16.52  ? 8   MET B O    1 
ATOM   264 C  CB   . MET B 1 8  ? -3.066  -4.983  -1.657  1.00 17.35  ? 8   MET B CB   1 
ATOM   265 C  CG   . MET B 1 8  ? -1.818  -4.770  -0.826  1.00 17.87  ? 8   MET B CG   1 
ATOM   266 S  SD   . MET B 1 8  ? -0.261  -5.379  -1.536  1.00 21.39  ? 8   MET B SD   1 
ATOM   267 C  CE   . MET B 1 8  ? -0.147  -4.295  -2.969  1.00 23.06  ? 8   MET B CE   1 
ATOM   268 N  N    . LEU B 1 9  ? -4.150  -2.160  -0.989  1.00 15.57  ? 9   LEU B N    1 
ATOM   269 C  CA   . LEU B 1 9  ? -3.993  -0.830  -0.364  1.00 16.59  ? 9   LEU B CA   1 
ATOM   270 C  C    . LEU B 1 9  ? -5.118  -0.557  0.640   1.00 15.65  ? 9   LEU B C    1 
ATOM   271 O  O    . LEU B 1 9  ? -4.847  0.041   1.703   1.00 17.13  ? 9   LEU B O    1 
ATOM   272 C  CB   . LEU B 1 9  ? -3.890  0.296   -1.408  1.00 17.26  ? 9   LEU B CB   1 
ATOM   273 C  CG   . LEU B 1 9  ? -2.700  0.320   -2.370  1.00 19.56  ? 9   LEU B CG   1 
ATOM   274 C  CD1  . LEU B 1 9  ? -2.692  1.619   -3.156  1.00 21.99  ? 9   LEU B CD1  1 
ATOM   275 C  CD2  . LEU B 1 9  ? -1.384  0.115   -1.651  1.00 22.73  ? 9   LEU B CD2  1 
HETATM 276 N  N    . CGU B 1 10 ? -6.358  -0.966  0.319   1.00 15.60  ? 10  CGU B N    1 
HETATM 277 C  CA   . CGU B 1 10 ? -7.451  -0.792  1.269   1.00 16.50  ? 10  CGU B CA   1 
HETATM 278 C  C    . CGU B 1 10 ? -7.266  -1.660  2.505   1.00 16.42  ? 10  CGU B C    1 
HETATM 279 O  O    . CGU B 1 10 ? -7.528  -1.206  3.634   1.00 16.03  ? 10  CGU B O    1 
HETATM 280 C  CB   . CGU B 1 10 ? -8.760  -1.094  0.553   1.00 16.67  ? 10  CGU B CB   1 
HETATM 281 C  CG   . CGU B 1 10 ? -9.926  -1.009  1.531   1.00 17.53  ? 10  CGU B CG   1 
HETATM 282 C  CD1  . CGU B 1 10 ? -11.182 -1.570  0.892   1.00 20.31  ? 10  CGU B CD1  1 
HETATM 283 C  CD2  . CGU B 1 10 ? -10.169 0.356   2.123   1.00 16.50  ? 10  CGU B CD2  1 
HETATM 284 O  OE11 . CGU B 1 10 ? -11.243 -1.747  -0.358  1.00 19.27  ? 10  CGU B OE11 1 
HETATM 285 O  OE12 . CGU B 1 10 ? -12.144 -1.863  1.650   1.00 21.70  ? 10  CGU B OE12 1 
HETATM 286 O  OE21 . CGU B 1 10 ? -10.929 0.474   3.088   1.00 19.88  ? 10  CGU B OE21 1 
HETATM 287 O  OE22 . CGU B 1 10 ? -9.569  1.356   1.660   1.00 19.22  ? 10  CGU B OE22 1 
ATOM   288 N  N    . ASN B 1 11 ? -6.782  -2.900  2.392   1.00 15.66  ? 11  ASN B N    1 
ATOM   289 C  CA   . ASN B 1 11 ? -6.506  -3.684  3.586   1.00 16.62  ? 11  ASN B CA   1 
ATOM   290 C  C    . ASN B 1 11 ? -5.464  -3.013  4.472   1.00 16.47  ? 11  ASN B C    1 
ATOM   291 O  O    . ASN B 1 11 ? -5.571  -3.003  5.707   1.00 17.07  ? 11  ASN B O    1 
ATOM   292 C  CB   . ASN B 1 11 ? -6.039  -5.094  3.186   1.00 17.97  ? 11  ASN B CB   1 
ATOM   293 C  CG   . ASN B 1 11 ? -7.193  -5.905  2.671   1.00 22.75  ? 11  ASN B CG   1 
ATOM   294 O  OD1  . ASN B 1 11 ? -8.283  -5.841  3.195   1.00 24.99  ? 11  ASN B OD1  1 
ATOM   295 N  ND2  . ASN B 1 11 ? -6.943  -6.660  1.620   1.00 25.72  ? 11  ASN B ND2  1 
ATOM   296 N  N    . LEU B 1 12 ? -4.430  -2.433  3.853   1.00 16.45  ? 12  LEU B N    1 
ATOM   297 C  CA   . LEU B 1 12 ? -3.372  -1.761  4.583   1.00 17.44  ? 12  LEU B CA   1 
ATOM   298 C  C    . LEU B 1 12 ? -3.893  -0.501  5.264   1.00 17.06  ? 12  LEU B C    1 
ATOM   299 O  O    . LEU B 1 12 ? -3.551  -0.208  6.424   1.00 18.35  ? 12  LEU B O    1 
ATOM   300 C  CB   . LEU B 1 12 ? -2.229  -1.449  3.607   1.00 18.08  ? 12  LEU B CB   1 
ATOM   301 C  CG   . LEU B 1 12 ? -1.373  -2.636  3.121   1.00 19.20  ? 12  LEU B CG   1 
ATOM   302 C  CD1  . LEU B 1 12 ? -0.457  -2.215  1.988   1.00 18.97  ? 12  LEU B CD1  1 
ATOM   303 C  CD2  . LEU B 1 12 ? -0.600  -3.268  4.290   1.00 22.55  ? 12  LEU B CD2  1 
ATOM   304 N  N    . ARG B 1 13 ? -4.742  0.230   4.515   1.00 16.32  ? 13  ARG B N    1 
ATOM   305 C  CA   . ARG B 1 13 ? -5.343  1.460   5.036   1.00 17.98  ? 13  ARG B CA   1 
ATOM   306 C  C    . ARG B 1 13 ? -6.159  1.128   6.292   1.00 18.24  ? 13  ARG B C    1 
ATOM   307 O  O    . ARG B 1 13 ? -6.098  1.803   7.328   1.00 19.11  ? 13  ARG B O    1 
ATOM   308 C  CB   . ARG B 1 13 ? -6.211  2.168   4.009   1.00 17.76  ? 13  ARG B CB   1 
ATOM   309 C  CG   . ARG B 1 13 ? -6.694  3.567   4.434   1.00 18.28  ? 13  ARG B CG   1 
ATOM   310 C  CD   . ARG B 1 13 ? -7.742  4.128   3.485   1.00 18.62  ? 13  ARG B CD   1 
ATOM   311 N  NE   . ARG B 1 13 ? -8.990  3.373   3.646   1.00 18.86  ? 13  ARG B NE   1 
ATOM   312 C  CZ   . ARG B 1 13 ? -9.833  3.494   4.663   1.00 22.57  ? 13  ARG B CZ   1 
ATOM   313 N  NH1  . ARG B 1 13 ? -9.591  4.369   5.645   1.00 23.09  ? 13  ARG B NH1  1 
ATOM   314 N  NH2  . ARG B 1 13 ? -10.932 2.757   4.724   1.00 24.80  ? 13  ARG B NH2  1 
HETATM 315 N  N    . CGU B 1 14 ? -6.944  0.035   6.203   1.00 17.40  ? 14  CGU B N    1 
HETATM 316 C  CA   . CGU B 1 14 ? -7.749  -0.363  7.344   1.00 20.61  ? 14  CGU B CA   1 
HETATM 317 C  C    . CGU B 1 14 ? -6.840  -0.699  8.538   1.00 19.50  ? 14  CGU B C    1 
HETATM 318 O  O    . CGU B 1 14 ? -7.099  -0.307  9.694   1.00 22.80  ? 14  CGU B O    1 
HETATM 319 C  CB   . CGU B 1 14 ? -8.651  -1.549  7.009   1.00 21.19  ? 14  CGU B CB   1 
HETATM 320 C  CG   . CGU B 1 14 ? -9.749  -1.243  6.024   1.00 19.14  ? 14  CGU B CG   1 
HETATM 321 C  CD1  . CGU B 1 14 ? -10.888 -0.437  6.613   1.00 22.20  ? 14  CGU B CD1  1 
HETATM 322 C  CD2  . CGU B 1 14 ? -10.362 -2.496  5.432   1.00 21.95  ? 14  CGU B CD2  1 
HETATM 323 O  OE11 . CGU B 1 14 ? -11.809 -0.066  5.881   1.00 23.54  ? 14  CGU B OE11 1 
HETATM 324 O  OE12 . CGU B 1 14 ? -10.986 -0.273  7.838   1.00 23.33  ? 14  CGU B OE12 1 
HETATM 325 O  OE21 . CGU B 1 14 ? -11.195 -2.508  4.490   1.00 23.37  ? 14  CGU B OE21 1 
HETATM 326 O  OE22 . CGU B 1 14 ? -10.080 -3.578  6.016   1.00 31.71  ? 14  CGU B OE22 1 
ATOM   327 N  N    . ALA B 1 15 ? -5.756  -1.433  8.271   1.00 19.28  ? 15  ALA B N    1 
ATOM   328 C  CA   . ALA B 1 15 ? -4.838  -1.802  9.366   1.00 22.62  ? 15  ALA B CA   1 
ATOM   329 C  C    . ALA B 1 15 ? -4.230  -0.593  10.074  1.00 23.65  ? 15  ALA B C    1 
ATOM   330 O  O    . ALA B 1 15 ? -4.016  -0.551  11.282  1.00 24.40  ? 15  ALA B O    1 
ATOM   331 C  CB   . ALA B 1 15 ? -3.742  -2.723  8.824   1.00 23.29  ? 15  ALA B CB   1 
ATOM   332 N  N    . GLU B 1 16 ? -3.941  0.430   9.266   1.00 22.83  ? 16  GLU B N    1 
ATOM   333 C  CA   . GLU B 1 16 ? -3.319  1.654   9.771   1.00 25.37  ? 16  GLU B CA   1 
ATOM   334 C  C    . GLU B 1 16 ? -4.300  2.470   10.596  1.00 29.26  ? 16  GLU B C    1 
ATOM   335 O  O    . GLU B 1 16 ? -3.959  3.096   11.590  1.00 28.99  ? 16  GLU B O    1 
ATOM   336 C  CB   . GLU B 1 16 ? -2.728  2.371   8.550   1.00 29.12  ? 16  GLU B CB   1 
ATOM   337 C  CG   . GLU B 1 16 ? -1.945  3.599   8.763   1.00 41.92  ? 16  GLU B CG   1 
ATOM   338 C  CD   . GLU B 1 16 ? -0.514  3.537   9.250   1.00 48.18  ? 16  GLU B CD   1 
ATOM   339 O  OE1  . GLU B 1 16 ? -0.017  2.481   9.675   1.00 43.79  ? 16  GLU B OE1  1 
ATOM   340 O  OE2  . GLU B 1 16 ? 0.107   4.640   9.186   1.00 59.98  ? 16  GLU B OE2  1 
ATOM   341 N  N    . VAL B 1 17 ? -5.555  2.431   10.162  1.00 25.42  ? 17  VAL B N    1 
ATOM   342 C  CA   . VAL B 1 17 ? -6.594  3.089   10.932  1.00 30.39  ? 17  VAL B CA   1 
ATOM   343 C  C    . VAL B 1 17 ? -6.650  2.471   12.320  1.00 32.08  ? 17  VAL B C    1 
ATOM   344 O  O    . VAL B 1 17 ? -6.690  3.178   13.326  1.00 35.25  ? 17  VAL B O    1 
ATOM   345 C  CB   . VAL B 1 17 ? -7.972  2.964   10.268  1.00 31.65  ? 17  VAL B CB   1 
ATOM   346 C  CG1  . VAL B 1 17 ? -9.079  3.396   11.227  1.00 34.56  ? 17  VAL B CG1  1 
ATOM   347 C  CG2  . VAL B 1 17 ? -8.009  3.791   8.987   1.00 33.11  ? 17  VAL B CG2  1 
ATOM   348 N  N    . LYS B 1 18 ? -6.665  1.140   12.365  1.00 33.16  ? 18  LYS B N    1 
ATOM   349 C  CA   . LYS B 1 18 ? -6.688  0.464   13.647  1.00 36.90  ? 18  LYS B CA   1 
ATOM   350 C  C    . LYS B 1 18 ? -5.401  0.750   14.429  1.00 35.16  ? 18  LYS B C    1 
ATOM   351 O  O    . LYS B 1 18 ? -5.491  0.964   15.631  1.00 41.09  ? 18  LYS B O    1 
ATOM   352 C  CB   . LYS B 1 18 ? -6.862  -1.052  13.530  1.00 41.24  ? 18  LYS B CB   1 
ATOM   353 C  CG   . LYS B 1 18 ? -8.079  -1.515  12.793  1.00 47.24  ? 18  LYS B CG   1 
ATOM   354 C  CD   . LYS B 1 18 ? -8.607  -2.836  13.314  1.00 51.67  ? 18  LYS B CD   1 
ATOM   355 C  CE   . LYS B 1 18 ? -10.114 -2.703  13.602  1.00 54.37  ? 18  LYS B CE   1 
ATOM   356 N  NZ   . LYS B 1 18 ? -10.836 -3.973  13.363  0.80 63.80  ? 18  LYS B NZ   1 
ATOM   357 N  N    . LYS B 1 19 ? -4.240  0.742   13.791  1.00 34.88  ? 19  LYS B N    1 
ATOM   358 C  CA   . LYS B 1 19 ? -2.999  1.077   14.483  1.00 39.94  ? 19  LYS B CA   1 
ATOM   359 C  C    . LYS B 1 19 ? -3.167  2.437   15.167  1.00 41.84  ? 19  LYS B C    1 
ATOM   360 O  O    . LYS B 1 19 ? -2.951  2.575   16.369  1.00 43.84  ? 19  LYS B O    1 
ATOM   361 C  CB   . LYS B 1 19 ? -1.812  1.099   13.528  1.00 46.42  ? 19  LYS B CB   1 
ATOM   362 C  CG   . LYS B 1 19 ? -0.436  1.435   14.102  1.00 53.09  ? 19  LYS B CG   1 
ATOM   363 C  CD   . LYS B 1 19 ? 0.362   2.414   13.234  1.00 54.21  ? 19  LYS B CD   1 
ATOM   364 C  CE   . LYS B 1 19 ? 1.817   2.473   13.651  1.00 58.45  ? 19  LYS B CE   1 
ATOM   365 N  NZ   . LYS B 1 19 ? 2.445   3.781   13.317  0.00 58.62  ? 19  LYS B NZ   1 
ATOM   366 N  N    . ASN B 1 20 ? -3.576  3.408   14.348  1.00 43.17  ? 20  ASN B N    1 
ATOM   367 C  CA   . ASN B 1 20 ? -3.743  4.773   14.829  1.00 45.67  ? 20  ASN B CA   1 
ATOM   368 C  C    . ASN B 1 20 ? -4.939  4.926   15.754  1.00 49.21  ? 20  ASN B C    1 
ATOM   369 O  O    . ASN B 1 20 ? -5.236  6.011   16.286  1.00 67.88  ? 20  ASN B O    1 
ATOM   370 C  CB   . ASN B 1 20 ? -3.825  5.712   13.616  1.00 48.55  ? 20  ASN B CB   1 
ATOM   371 C  CG   . ASN B 1 20 ? -2.516  5.753   12.855  1.00 48.33  ? 20  ASN B CG   1 
ATOM   372 O  OD1  . ASN B 1 20 ? -1.421  5.589   13.395  0.80 54.31  ? 20  ASN B OD1  1 
ATOM   373 N  ND2  . ASN B 1 20 ? -2.612  5.985   11.554  1.00 47.98  ? 20  ASN B ND2  1 
ATOM   374 N  N    . ALA B 1 21 ? -5.697  3.873   16.060  1.00 51.52  ? 21  ALA B N    1 
ATOM   375 C  CA   . ALA B 1 21 ? -6.789  4.051   17.028  1.00 52.35  ? 21  ALA B CA   1 
ATOM   376 C  C    . ALA B 1 21 ? -6.361  3.696   18.446  1.00 56.81  ? 21  ALA B C    1 
ATOM   377 O  O    . ALA B 1 21 ? -5.582  2.762   18.672  1.00 70.33  ? 21  ALA B O    1 
ATOM   378 C  CB   . ALA B 1 21 ? -7.976  3.202   16.614  1.00 53.52  ? 21  ALA B CB   1 
HETATM 379 CA CA   . CA  C 2 .  ? 11.143  9.038   3.236   1.00 25.45  ? 102 CA  A CA   1 
HETATM 380 CA CA   . CA  D 2 .  ? -13.342 -2.209  -1.821  1.00 21.12  ? 101 CA  B CA   1 
HETATM 381 CA CA   . CA  E 2 .  ? -12.819 -0.731  3.848   1.00 23.20  ? 103 CA  B CA   1 
HETATM 382 CA CA   . CA  F 2 .  ? -12.743 -3.821  -5.359  1.00 20.61  ? 104 CA  B CA   1 
HETATM 383 O  O    . HOH G 3 .  ? 2.902   -4.060  -5.173  1.00 22.55  ? 103 HOH A O    1 
HETATM 384 O  O    . HOH G 3 .  ? 9.808   -2.699  -7.929  1.00 30.63  ? 104 HOH A O    1 
HETATM 385 O  O    . HOH G 3 .  ? 8.909   1.091   -10.866 1.00 26.28  ? 105 HOH A O    1 
HETATM 386 O  O    . HOH G 3 .  ? 1.749   4.903   -9.497  1.00 22.47  ? 106 HOH A O    1 
HETATM 387 O  O    . HOH G 3 .  ? 1.191   -5.306  -6.842  1.00 26.49  ? 107 HOH A O    1 
HETATM 388 O  O    . HOH G 3 .  ? 9.617   -2.185  -5.184  1.00 27.80  ? 108 HOH A O    1 
HETATM 389 O  O    . HOH G 3 .  ? 9.380   -1.359  2.487   1.00 39.69  ? 109 HOH A O    1 
HETATM 390 O  O    . HOH G 3 .  ? 4.140   6.691   0.136   1.00 26.93  ? 110 HOH A O    1 
HETATM 391 O  O    . HOH G 3 .  ? 7.218   -5.665  -9.919  1.00 30.72  ? 111 HOH A O    1 
HETATM 392 O  O    . HOH G 3 .  ? 10.519  3.365   -0.704  1.00 30.50  ? 112 HOH A O    1 
HETATM 393 O  O    A HOH G 3 .  ? 5.517   10.434  7.054   0.50 31.49  ? 113 HOH A O    1 
HETATM 394 O  O    B HOH G 3 .  ? 3.087   11.029  6.243   0.50 40.09  ? 113 HOH A O    1 
HETATM 395 O  O    . HOH G 3 .  ? 11.753  12.905  6.711   1.00 43.04  ? 114 HOH A O    1 
HETATM 396 O  O    . HOH G 3 .  ? 11.939  7.044   -4.623  1.00 26.85  ? 115 HOH A O    1 
HETATM 397 O  O    . HOH G 3 .  ? 8.014   0.354   -15.599 1.00 41.17  ? 116 HOH A O    1 
HETATM 398 O  O    . HOH G 3 .  ? 4.701   -9.762  -11.582 1.00 81.44  ? 117 HOH A O    1 
HETATM 399 O  O    . HOH G 3 .  ? 7.238   -6.895  -12.134 1.00 51.32  ? 118 HOH A O    1 
HETATM 400 O  O    . HOH G 3 .  ? 9.482   0.974   5.201   1.00 42.64  ? 119 HOH A O    1 
HETATM 401 O  O    . HOH G 3 .  ? -3.127  4.669   5.754   1.00 63.08  ? 120 HOH A O    1 
HETATM 402 O  O    . HOH G 3 .  ? 9.151   -5.291  -8.520  1.00 34.85  ? 121 HOH A O    1 
HETATM 403 O  O    . HOH G 3 .  ? 7.702   8.921   10.827  1.00 47.14  ? 122 HOH A O    1 
HETATM 404 O  O    . HOH G 3 .  ? 2.989   1.356   -15.425 1.00 41.55  ? 123 HOH A O    1 
HETATM 405 O  O    . HOH G 3 .  ? 12.384  6.386   7.197   1.00 59.52  ? 124 HOH A O    1 
HETATM 406 O  O    A HOH G 3 .  ? -1.045  -6.088  -10.599 0.50 42.45  ? 125 HOH A O    1 
HETATM 407 O  O    B HOH G 3 .  ? -1.319  -4.821  -12.480 0.50 58.86  ? 125 HOH A O    1 
HETATM 408 O  O    . HOH G 3 .  ? 13.804  8.366   8.066   1.00 66.67  ? 126 HOH A O    1 
HETATM 409 O  O    . HOH G 3 .  ? -2.597  -8.623  -18.747 1.00 89.97  ? 127 HOH A O    1 
HETATM 410 O  O    . HOH G 3 .  ? 11.767  3.108   -3.011  1.00 36.09  ? 128 HOH A O    1 
HETATM 411 O  O    . HOH G 3 .  ? -0.121  5.641   -7.673  1.00 34.63  ? 129 HOH A O    1 
HETATM 412 O  O    . HOH G 3 .  ? 13.559  9.501   3.082   1.00 39.10  ? 130 HOH A O    1 
HETATM 413 O  O    . HOH G 3 .  ? 11.723  2.236   4.950   1.00 47.53  ? 131 HOH A O    1 
HETATM 414 O  O    . HOH G 3 .  ? 5.804   8.334   13.443  1.00 54.34  ? 132 HOH A O    1 
HETATM 415 O  O    . HOH G 3 .  ? -1.383  6.971   0.443   1.00 61.73  ? 133 HOH A O    1 
HETATM 416 O  O    . HOH G 3 .  ? -1.409  7.543   2.773   1.00 49.65  ? 134 HOH A O    1 
HETATM 417 O  O    . HOH G 3 .  ? 1.136   11.386  2.312   1.00 51.12  ? 135 HOH A O    1 
HETATM 418 O  O    . HOH G 3 .  ? 13.235  8.564   0.125   1.00 34.22  ? 136 HOH A O    1 
HETATM 419 O  O    . HOH G 3 .  ? 13.541  4.843   -2.070  1.00 53.56  ? 137 HOH A O    1 
HETATM 420 O  O    . HOH G 3 .  ? 13.817  2.889   -5.879  1.00 62.79  ? 138 HOH A O    1 
HETATM 421 O  O    . HOH G 3 .  ? 4.617   7.593   -2.849  1.00 55.26  ? 139 HOH A O    1 
HETATM 422 O  O    . HOH G 3 .  ? 13.151  1.111   0.308   1.00 57.18  ? 140 HOH A O    1 
HETATM 423 O  O    . HOH G 3 .  ? 11.492  -6.229  -9.729  1.00 67.91  ? 141 HOH A O    1 
HETATM 424 O  O    . HOH G 3 .  ? 6.056   11.319  9.547   1.00 54.00  ? 142 HOH A O    1 
HETATM 425 O  O    . HOH G 3 .  ? 14.801  6.912   4.291   1.00 91.10  ? 143 HOH A O    1 
HETATM 426 O  O    . HOH G 3 .  ? 14.338  5.624   0.628   1.00 65.29  ? 144 HOH A O    1 
HETATM 427 O  O    . HOH G 3 .  ? 11.848  -0.776  -4.717  1.00 43.48  ? 145 HOH A O    1 
HETATM 428 O  O    . HOH G 3 .  ? 12.132  0.541   -8.226  1.00 52.90  ? 146 HOH A O    1 
HETATM 429 O  O    . HOH G 3 .  ? 0.956   1.674   -12.369 1.00 63.88  ? 147 HOH A O    1 
HETATM 430 O  O    . HOH G 3 .  ? 6.487   2.072   -16.959 1.00 50.07  ? 148 HOH A O    1 
HETATM 431 O  O    . HOH G 3 .  ? 0.946   8.434   0.575   1.00 66.10  ? 149 HOH A O    1 
HETATM 432 O  O    . HOH G 3 .  ? 0.175   -8.455  -10.564 1.00 90.32  ? 150 HOH A O    1 
HETATM 433 O  O    . HOH G 3 .  ? 1.327   6.947   12.219  1.00 86.86  ? 151 HOH A O    1 
HETATM 434 O  O    . HOH G 3 .  ? 9.498   11.019  9.748   1.00 51.70  ? 152 HOH A O    1 
HETATM 435 O  O    . HOH G 3 .  ? 13.125  0.739   -3.555  1.00 79.05  ? 153 HOH A O    1 
HETATM 436 O  O    . HOH G 3 .  ? -3.102  5.377   3.162   1.00 64.56  ? 154 HOH A O    1 
HETATM 437 O  O    . HOH G 3 .  ? 9.591   -1.717  -16.429 1.00 61.80  ? 155 HOH A O    1 
HETATM 438 O  O    . HOH G 3 .  ? 7.498   -9.849  -8.752  1.00 81.84  ? 156 HOH A O    1 
HETATM 439 O  O    . HOH G 3 .  ? 15.987  1.828   -4.551  1.00 89.35  ? 157 HOH A O    1 
HETATM 440 O  O    . HOH G 3 .  ? -1.867  6.576   -9.292  1.00 61.38  ? 158 HOH A O    1 
HETATM 441 O  O    . HOH G 3 .  ? 1.618   1.777   -17.615 1.00 76.25  ? 159 HOH A O    1 
HETATM 442 O  O    . HOH G 3 .  ? 9.247   1.216   -19.538 1.00 89.16  ? 160 HOH A O    1 
HETATM 443 O  O    . HOH G 3 .  ? 9.367   -9.248  -10.836 1.00 109.08 ? 161 HOH A O    1 
HETATM 444 O  O    . HOH G 3 .  ? -1.307  -2.841  -18.337 1.00 87.38  ? 162 HOH A O    1 
HETATM 445 O  O    . HOH G 3 .  ? 10.595  3.700   14.576  0.50 62.32  ? 163 HOH A O    1 
HETATM 446 O  O    . HOH G 3 .  ? 4.292   11.665  11.464  1.00 75.24  ? 164 HOH A O    1 
HETATM 447 O  O    . HOH G 3 .  ? -0.943  10.164  4.070   1.00 117.42 ? 165 HOH A O    1 
HETATM 448 O  O    . HOH G 3 .  ? 17.082  8.668   9.497   1.00 79.07  ? 166 HOH A O    1 
HETATM 449 O  O    . HOH G 3 .  ? 11.863  -6.006  -13.115 1.00 117.53 ? 167 HOH A O    1 
HETATM 450 O  O    . HOH G 3 .  ? 6.170   -7.896  -14.392 1.00 86.97  ? 168 HOH A O    1 
HETATM 451 O  O    . HOH G 3 .  ? 15.384  4.861   8.224   1.00 118.28 ? 169 HOH A O    1 
HETATM 452 O  O    . HOH G 3 .  ? 8.583   -3.814  -16.276 1.00 58.80  ? 170 HOH A O    1 
HETATM 453 O  O    . HOH G 3 .  ? 5.586   -7.965  -7.289  1.00 89.94  ? 171 HOH A O    1 
HETATM 454 O  O    . HOH H 3 .  ? 1.312   1.846   -2.709  1.00 23.17  ? 105 HOH B O    1 
HETATM 455 O  O    . HOH H 3 .  ? -2.863  2.032   1.891   1.00 25.97  ? 106 HOH B O    1 
HETATM 456 O  O    . HOH H 3 .  ? -5.301  4.689   7.370   1.00 34.99  ? 107 HOH B O    1 
HETATM 457 O  O    . HOH H 3 .  ? -5.128  -4.599  -14.415 1.00 53.23  ? 108 HOH B O    1 
HETATM 458 O  O    . HOH H 3 .  ? -3.321  -9.939  -13.150 1.00 71.62  ? 109 HOH B O    1 
HETATM 459 O  O    . HOH H 3 .  ? -1.443  -6.536  -6.178  1.00 33.38  ? 110 HOH B O    1 
HETATM 460 O  O    A HOH H 3 .  ? -5.635  -8.068  -0.505  0.33 41.37  ? 111 HOH B O    1 
HETATM 461 O  O    B HOH H 3 .  ? -9.731  -7.540  -0.054  0.33 48.65  ? 111 HOH B O    1 
HETATM 462 O  O    C HOH H 3 .  ? -8.043  -8.175  -0.367  0.33 59.92  ? 111 HOH B O    1 
HETATM 463 O  O    . HOH H 3 .  ? -0.668  3.663   -5.663  0.33 29.30  ? 112 HOH B O    1 
HETATM 464 O  O    . HOH H 3 .  ? -7.449  1.410   -2.585  1.00 23.52  ? 113 HOH B O    1 
HETATM 465 O  O    . HOH H 3 .  ? -6.744  -4.871  7.404   1.00 26.68  ? 114 HOH B O    1 
HETATM 466 O  O    . HOH H 3 .  ? -7.499  -4.155  9.954   1.00 28.09  ? 115 HOH B O    1 
HETATM 467 O  O    A HOH H 3 .  ? -5.833  -8.019  -3.009  0.50 29.71  ? 116 HOH B O    1 
HETATM 468 O  O    B HOH H 3 .  ? -4.765  -7.436  -3.082  0.50 44.67  ? 116 HOH B O    1 
HETATM 469 O  O    . HOH H 3 .  ? -7.354  6.285   6.150   1.00 26.66  ? 117 HOH B O    1 
HETATM 470 O  O    . HOH H 3 .  ? -9.904  -0.243  10.339  1.00 25.85  ? 118 HOH B O    1 
HETATM 471 O  O    . HOH H 3 .  ? -8.813  -0.749  -10.176 1.00 22.84  ? 119 HOH B O    1 
HETATM 472 O  O    . HOH H 3 .  ? 0.171   3.975   -2.397  1.00 34.69  ? 120 HOH B O    1 
HETATM 473 O  O    . HOH H 3 .  ? -14.769 -3.853  -10.300 1.00 33.09  ? 121 HOH B O    1 
HETATM 474 O  O    . HOH H 3 .  ? -8.126  -6.416  5.683   1.00 33.13  ? 122 HOH B O    1 
HETATM 475 O  O    . HOH H 3 .  ? -1.208  -0.727  7.177   1.00 41.35  ? 123 HOH B O    1 
HETATM 476 O  O    . HOH H 3 .  ? -8.112  -4.934  -12.214 1.00 36.60  ? 124 HOH B O    1 
HETATM 477 O  O    . HOH H 3 .  ? -10.464 -4.373  8.713   1.00 40.57  ? 125 HOH B O    1 
HETATM 478 O  O    . HOH H 3 .  ? -3.354  4.136   -5.892  1.00 37.00  ? 126 HOH B O    1 
HETATM 479 O  O    . HOH H 3 .  ? 5.639   1.340   10.616  1.00 62.88  ? 127 HOH B O    1 
HETATM 480 O  O    . HOH H 3 .  ? -9.630  -4.492  0.793   1.00 34.44  ? 128 HOH B O    1 
HETATM 481 O  O    . HOH H 3 .  ? -1.452  2.219   -9.713  1.00 38.75  ? 129 HOH B O    1 
HETATM 482 O  O    . HOH H 3 .  ? -0.160  0.194   9.558   1.00 40.38  ? 130 HOH B O    1 
HETATM 483 O  O    . HOH H 3 .  ? -10.992 -4.759  3.015   1.00 35.57  ? 131 HOH B O    1 
HETATM 484 O  O    A HOH H 3 .  ? -8.473  -8.719  -2.620  0.50 39.44  ? 132 HOH B O    1 
HETATM 485 O  O    B HOH H 3 .  ? -7.460  -8.929  -4.108  0.50 52.38  ? 132 HOH B O    1 
HETATM 486 O  O    . HOH H 3 .  ? -14.720 -5.284  -5.058  1.00 31.60  ? 133 HOH B O    1 
HETATM 487 O  O    . HOH H 3 .  ? -1.882  -7.719  -8.738  1.00 42.42  ? 134 HOH B O    1 
HETATM 488 O  O    . HOH H 3 .  ? -9.318  -1.780  -12.645 1.00 38.92  ? 135 HOH B O    1 
HETATM 489 O  O    . HOH H 3 .  ? -10.822 -4.385  -12.246 1.00 37.90  ? 136 HOH B O    1 
HETATM 490 O  O    . HOH H 3 .  ? -14.314 -1.954  2.308   1.00 31.85  ? 137 HOH B O    1 
HETATM 491 O  O    . HOH H 3 .  ? 2.608   0.547   10.589  1.00 42.47  ? 138 HOH B O    1 
HETATM 492 O  O    . HOH H 3 .  ? -2.890  3.898   0.259   1.00 42.87  ? 139 HOH B O    1 
HETATM 493 O  O    . HOH H 3 .  ? 1.002   2.204   -9.230  1.00 46.83  ? 140 HOH B O    1 
HETATM 494 O  O    . HOH H 3 .  ? -9.846  -2.501  10.832  1.00 59.84  ? 141 HOH B O    1 
HETATM 495 O  O    . HOH H 3 .  ? -5.344  -13.268 -7.324  1.00 49.94  ? 142 HOH B O    1 
HETATM 496 O  O    . HOH H 3 .  ? -1.773  0.789   18.026  1.00 64.78  ? 143 HOH B O    1 
HETATM 497 O  O    . HOH H 3 .  ? -6.790  4.690   -4.830  1.00 46.20  ? 144 HOH B O    1 
HETATM 498 O  O    . HOH H 3 .  ? 2.310   3.639   11.169  1.00 50.72  ? 145 HOH B O    1 
HETATM 499 O  O    . HOH H 3 .  ? -14.589 -4.262  -2.426  1.00 32.66  ? 146 HOH B O    1 
HETATM 500 O  O    A HOH H 3 .  ? -7.636  2.704   -0.514  0.50 52.74  ? 147 HOH B O    1 
HETATM 501 O  O    B HOH H 3 .  ? -5.734  3.707   -0.451  0.50 61.31  ? 147 HOH B O    1 
HETATM 502 O  O    . HOH H 3 .  ? -7.895  1.734   -10.089 1.00 33.93  ? 148 HOH B O    1 
HETATM 503 O  O    . HOH H 3 .  ? 4.641   -1.152  9.155   1.00 53.76  ? 149 HOH B O    1 
HETATM 504 O  O    . HOH H 3 .  ? -4.322  5.075   -3.804  1.00 63.26  ? 150 HOH B O    1 
HETATM 505 O  O    . HOH H 3 .  ? -7.752  -7.585  -12.314 1.00 58.01  ? 151 HOH B O    1 
HETATM 506 O  O    . HOH H 3 .  ? -4.773  6.274   9.672   1.00 47.38  ? 152 HOH B O    1 
HETATM 507 O  O    . HOH H 3 .  ? -13.093 -6.405  -0.888  1.00 53.67  ? 153 HOH B O    1 
HETATM 508 O  O    . HOH H 3 .  ? -7.413  5.748   13.354  1.00 48.77  ? 154 HOH B O    1 
HETATM 509 O  O    . HOH H 3 .  ? -6.655  7.241   11.676  1.00 64.75  ? 155 HOH B O    1 
HETATM 510 O  O    . HOH H 3 .  ? -3.325  1.518   20.390  1.00 105.80 ? 156 HOH B O    1 
HETATM 511 O  O    . HOH H 3 .  ? -2.965  3.318   21.771  1.00 105.68 ? 157 HOH B O    1 
HETATM 512 O  O    . HOH H 3 .  ? -10.607 -7.963  -10.733 1.00 65.95  ? 158 HOH B O    1 
HETATM 513 O  O    . HOH H 3 .  ? -10.170 1.685   14.757  1.00 63.40  ? 159 HOH B O    1 
HETATM 514 O  O    . HOH H 3 .  ? -3.542  8.416   7.996   1.00 95.57  ? 160 HOH B O    1 
HETATM 515 O  O    . HOH H 3 .  ? 2.106   5.513   -2.135  1.00 60.37  ? 161 HOH B O    1 
HETATM 516 O  O    . HOH H 3 .  ? -6.118  -10.944 -11.605 1.00 84.30  ? 162 HOH B O    1 
HETATM 517 O  O    . HOH H 3 .  ? -13.620 -7.586  -4.394  1.00 70.40  ? 163 HOH B O    1 
HETATM 518 O  O    . HOH H 3 .  ? -7.933  4.902   -2.312  1.00 88.22  ? 164 HOH B O    1 
HETATM 519 O  O    . HOH H 3 .  ? -7.112  10.607  10.979  1.00 81.91  ? 165 HOH B O    1 
HETATM 520 O  O    . HOH H 3 .  ? -12.086 -7.616  -6.873  1.00 53.41  ? 166 HOH B O    1 
HETATM 521 O  O    . HOH H 3 .  ? -15.291 -5.423  -7.300  1.00 64.73  ? 167 HOH B O    1 
HETATM 522 O  O    . HOH H 3 .  ? -10.454 -6.813  -13.927 1.00 103.47 ? 168 HOH B O    1 
HETATM 523 O  O    . HOH H 3 .  ? -1.986  6.734   7.041   1.00 97.63  ? 169 HOH B O    1 
HETATM 524 O  O    . HOH H 3 .  ? -10.507 4.617   14.562  1.00 60.22  ? 170 HOH B O    1 
HETATM 525 O  O    . HOH H 3 .  ? -2.724  -11.976 -9.172  1.00 74.75  ? 171 HOH B O    1 
HETATM 526 O  O    . HOH H 3 .  ? -4.272  -11.332 -18.436 1.00 123.55 ? 172 HOH B O    1 
HETATM 527 O  O    . HOH H 3 .  ? -7.322  -0.441  -14.517 1.00 66.49  ? 173 HOH B O    1 
HETATM 528 O  O    . HOH H 3 .  ? -3.593  -1.355  20.108  1.00 124.20 ? 174 HOH B O    1 
HETATM 529 O  O    . HOH H 3 .  ? -9.666  -5.110  16.286  1.00 80.21  ? 175 HOH B O    1 
HETATM 530 O  O    . HOH H 3 .  ? -6.002  3.200   -10.162 1.00 91.33  ? 176 HOH B O    1 
HETATM 531 O  O    . HOH H 3 .  ? -13.222 -5.512  1.545   1.00 54.47  ? 177 HOH B O    1 
# 
loop_
_atom_site_anisotrop.id 
_atom_site_anisotrop.type_symbol 
_atom_site_anisotrop.pdbx_label_atom_id 
_atom_site_anisotrop.pdbx_label_alt_id 
_atom_site_anisotrop.pdbx_label_comp_id 
_atom_site_anisotrop.pdbx_label_asym_id 
_atom_site_anisotrop.pdbx_label_seq_id 
_atom_site_anisotrop.pdbx_PDB_ins_code 
_atom_site_anisotrop.U[1][1] 
_atom_site_anisotrop.U[2][2] 
_atom_site_anisotrop.U[3][3] 
_atom_site_anisotrop.U[1][2] 
_atom_site_anisotrop.U[1][3] 
_atom_site_anisotrop.U[2][3] 
_atom_site_anisotrop.pdbx_auth_seq_id 
_atom_site_anisotrop.pdbx_auth_comp_id 
_atom_site_anisotrop.pdbx_auth_asym_id 
_atom_site_anisotrop.pdbx_auth_atom_id 
1   N  N    . GLY A 1  ? 1.2140 0.4875 0.4314 -0.0534 0.1998  0.4221  1   GLY A N    
2   C  CA   . GLY A 1  ? 1.1940 0.6512 0.5095 -0.0428 0.3124  0.0107  1   GLY A CA   
3   C  C    . GLY A 1  ? 1.0898 0.6856 0.6539 -0.1906 0.1722  0.1125  1   GLY A C    
4   O  O    . GLY A 1  ? 1.1248 0.6693 0.9953 -0.2782 0.1718  0.1762  1   GLY A O    
5   N  N    . GLU A 2  ? 1.0668 0.7059 0.2616 -0.1680 0.1641  0.0067  2   GLU A N    
6   C  CA   . GLU A 2  ? 0.8325 0.6579 0.3366 -0.2092 0.1103  -0.1102 2   GLU A CA   
7   C  C    . GLU A 2  ? 0.7444 0.3819 0.2880 -0.1381 0.0333  0.0582  2   GLU A C    
8   O  O    . GLU A 2  ? 0.6270 0.3047 0.2826 -0.0423 0.0415  0.0533  2   GLU A O    
9   C  CB   . GLU A 2  ? 0.9683 0.7272 0.3669 -0.1121 0.1388  -0.1220 2   GLU A CB   
10  C  CG   . GLU A 2  ? 0.9496 0.8048 0.4406 -0.0266 0.0795  -0.1821 2   GLU A CG   
11  C  CD   . GLU A 2  ? 1.0152 0.9776 0.5115 -0.1433 0.0615  -0.1585 2   GLU A CD   
12  O  OE1  . GLU A 2  ? 1.3569 1.0658 0.7134 -0.3369 0.1828  -0.1494 2   GLU A OE1  
13  O  OE2  . GLU A 2  ? 0.8777 1.3701 0.4241 -0.0365 0.1305  -0.3100 2   GLU A OE2  
14  N  N    . CGU A 3  ? 0.6733 0.2883 0.2883 -0.0194 -0.0382 0.1126  3   CGU A N    
15  C  CA   . CGU A 3  ? 0.6400 0.2442 0.3250 -0.0464 -0.0102 0.0648  3   CGU A CA   
16  C  C    . CGU A 3  ? 0.7733 0.1998 0.2693 -0.0699 -0.0518 0.0774  3   CGU A C    
17  O  O    . CGU A 3  ? 0.5926 0.2340 0.2705 -0.0587 -0.0639 0.0771  3   CGU A O    
18  C  CB   . CGU A 3  ? 0.6531 0.2315 0.2285 -0.0374 -0.0458 0.0108  3   CGU A CB   
19  C  CG   . CGU A 3  ? 0.5312 0.3102 0.2492 -0.0315 -0.0757 0.0357  3   CGU A CG   
20  C  CD1  . CGU A 3  ? 0.4998 0.3145 0.3506 -0.0119 -0.0883 0.0111  3   CGU A CD1  
21  C  CD2  . CGU A 3  ? 0.4854 0.2499 0.2431 -0.0220 -0.0406 0.0396  3   CGU A CD2  
22  O  OE11 . CGU A 3  ? 0.6636 0.2960 0.3716 -0.0929 -0.0365 0.0014  3   CGU A OE11 
23  O  OE12 . CGU A 3  ? 0.5161 0.2804 0.3499 -0.0415 -0.0926 0.0231  3   CGU A OE12 
24  O  OE21 . CGU A 3  ? 0.4712 0.2110 0.2419 -0.0295 -0.0480 0.0207  3   CGU A OE21 
25  O  OE22 . CGU A 3  ? 0.4873 0.1979 0.2647 -0.0407 -0.0267 0.0171  3   CGU A OE22 
26  N  N    . CGU A 4  ? 0.7406 0.2270 0.2824 -0.0803 -0.1003 0.0842  4   CGU A N    
27  C  CA   . CGU A 4  ? 0.7435 0.2271 0.3133 -0.0413 -0.0839 0.0971  4   CGU A CA   
28  C  C    . CGU A 4  ? 0.7205 0.1750 0.2493 -0.0100 -0.0357 0.0522  4   CGU A C    
29  O  O    . CGU A 4  ? 0.7975 0.2200 0.2730 0.0315  -0.0370 0.0264  4   CGU A O    
30  C  CB   . CGU A 4  ? 0.7764 0.2607 0.3058 -0.0226 -0.0899 0.0915  4   CGU A CB   
31  C  CG   . CGU A 4  ? 0.7868 0.2914 0.3870 -0.0214 -0.1326 0.1320  4   CGU A CG   
32  C  CD1  . CGU A 4  ? 0.9232 0.4429 0.4688 0.0974  -0.1915 0.1684  4   CGU A CD1  
33  C  CD2  . CGU A 4  ? 0.7140 0.3506 0.3826 -0.0729 -0.0637 0.0708  4   CGU A CD2  
34  O  OE11 . CGU A 4  ? 1.2291 0.5904 0.3433 0.1475  -0.1689 0.2026  4   CGU A OE11 
35  O  OE12 . CGU A 4  ? 0.6512 0.7753 1.0865 0.1202  -0.1955 0.3473  4   CGU A OE12 
36  O  OE21 . CGU A 4  ? 0.8535 0.5061 0.1814 -0.1121 -0.0239 0.0204  4   CGU A OE21 
37  O  OE22 . CGU A 4  ? 0.7284 0.5983 0.5770 -0.1887 -0.0972 -0.1016 4   CGU A OE22 
38  N  N    . TYR A 5  ? 0.7263 0.2417 0.2823 -0.0388 -0.0039 0.0520  5   TYR A N    
39  C  CA   . TYR A 5  ? 0.7238 0.2320 0.2759 -0.0814 0.0269  0.0788  5   TYR A CA   
40  C  C    . TYR A 5  ? 0.6422 0.1792 0.2391 -0.0909 0.0562  0.0302  5   TYR A C    
41  O  O    . TYR A 5  ? 0.5398 0.1817 0.2752 -0.0843 0.0621  0.0080  5   TYR A O    
42  C  CB   . TYR A 5  ? 0.7557 0.3101 0.2230 -0.1578 0.0654  0.0507  5   TYR A CB   
43  C  CG   . TYR A 5  ? 0.7244 0.4506 0.2754 -0.1930 0.1004  -0.0006 5   TYR A CG   
44  C  CD1  . TYR A 5  ? 0.5483 0.4496 0.3431 -0.1928 0.1236  -0.0965 5   TYR A CD1  
45  C  CD2  . TYR A 5  ? 0.7251 0.4652 0.2849 -0.2224 0.1000  0.0416  5   TYR A CD2  
46  C  CE1  . TYR A 5  ? 0.5755 0.5507 0.3414 -0.2232 0.1045  -0.1685 5   TYR A CE1  
47  C  CE2  . TYR A 5  ? 0.7068 0.5619 0.2063 -0.2052 0.1482  -0.0823 5   TYR A CE2  
48  C  CZ   . TYR A 5  ? 0.5947 0.5478 0.3869 -0.2335 0.0894  -0.1273 5   TYR A CZ   
49  O  OH   . TYR A 5  ? 0.5627 0.6198 0.3312 -0.2369 0.1413  -0.2229 5   TYR A OH   
50  N  N    . GLN A 6  ? 0.5898 0.1992 0.2445 -0.1461 0.0503  0.0308  6   GLN A N    
51  C  CA   . GLN A 6  ? 0.4406 0.1892 0.2682 -0.0812 0.0476  0.0480  6   GLN A CA   
52  C  C    . GLN A 6  ? 0.4235 0.2388 0.2398 -0.0410 0.0131  0.0549  6   GLN A C    
53  O  O    . GLN A 6  ? 0.4328 0.1690 0.2493 -0.0438 -0.0040 0.0403  6   GLN A O    
54  C  CB   . GLN A 6  ? 0.4408 0.1899 0.2768 -0.1155 0.0512  0.0353  6   GLN A CB   
55  C  CG   . GLN A 6  ? 0.5311 0.2082 0.2467 -0.0348 0.0574  0.0605  6   GLN A CG   
56  C  CD   . GLN A 6  ? 0.4874 0.3769 0.2938 0.0086  0.0749  0.0027  6   GLN A CD   
57  O  OE1  . GLN A 6  ? 0.5072 0.3304 0.2920 0.0198  0.0258  0.0030  6   GLN A OE1  
58  N  NE2  . GLN A 6  ? 0.5273 0.4345 0.4149 -0.0924 0.1422  -0.0944 6   GLN A NE2  
59  N  N    . CGU A 7  ? 0.4121 0.1496 0.2594 -0.0984 -0.0046 0.0503  7   CGU A N    
60  C  CA   . CGU A 7  ? 0.3980 0.2200 0.2706 -0.0648 -0.0357 0.0135  7   CGU A CA   
61  C  C    . CGU A 7  ? 0.3614 0.2423 0.2668 -0.0838 0.0035  -0.0100 7   CGU A C    
62  O  O    . CGU A 7  ? 0.4121 0.2174 0.2134 -0.0171 -0.0393 0.0425  7   CGU A O    
63  C  CB   . CGU A 7  ? 0.4261 0.2112 0.2560 -0.0543 -0.0570 -0.0043 7   CGU A CB   
64  C  CG   . CGU A 7  ? 0.4413 0.2102 0.2803 -0.0500 -0.1117 0.0131  7   CGU A CG   
65  C  CD1  . CGU A 7  ? 0.3672 0.2385 0.3226 -0.0649 -0.0705 0.0226  7   CGU A CD1  
66  C  CD2  . CGU A 7  ? 0.4860 0.2383 0.3883 -0.0647 -0.1955 0.0506  7   CGU A CD2  
67  O  OE11 . CGU A 7  ? 0.4217 0.2399 0.3217 -0.0585 -0.0409 0.0243  7   CGU A OE11 
68  O  OE12 . CGU A 7  ? 0.4137 0.2492 0.4199 -0.0036 0.0461  0.0781  7   CGU A OE12 
69  O  OE21 . CGU A 7  ? 0.6386 0.2753 0.5625 -0.0834 -0.3361 0.1267  7   CGU A OE21 
70  O  OE22 . CGU A 7  ? 0.4043 0.2521 0.3912 -0.0564 -0.1610 0.0427  7   CGU A OE22 
71  N  N    . MET A 8  ? 0.3940 0.2096 0.2407 -0.0503 -0.0038 0.0000  8   MET A N    
72  C  CA   . MET A 8  ? 0.4080 0.1947 0.2703 -0.0551 -0.0271 0.0328  8   MET A CA   
73  C  C    . MET A 8  ? 0.3231 0.1761 0.2206 -0.0492 0.0364  0.0145  8   MET A C    
74  O  O    . MET A 8  ? 0.3941 0.1772 0.2329 -0.0103 0.0236  0.0039  8   MET A O    
75  C  CB   . MET A 8  ? 0.5285 0.1435 0.3036 0.0246  0.0042  0.0955  8   MET A CB   
76  C  CG   . MET A 8  ? 0.7549 0.1167 0.3759 -0.0264 0.0140  0.1377  8   MET A CG   
77  S  SD   . MET A 8  ? 0.8363 0.3891 0.4804 -0.2614 0.0800  0.0511  8   MET A SD   
78  C  CE   . MET A 8  ? 0.5752 0.7307 0.5693 -0.3522 -0.0663 -0.1721 8   MET A CE   
79  N  N    . LEU A 9  ? 0.3829 0.2031 0.2140 -0.0127 0.0394  0.0009  9   LEU A N    
80  C  CA   . LEU A 9  ? 0.3038 0.2237 0.2584 -0.0274 0.0564  0.0173  9   LEU A CA   
81  C  C    . LEU A 9  ? 0.2729 0.1542 0.2507 0.0100  0.0290  0.0527  9   LEU A C    
82  O  O    . LEU A 9  ? 0.3339 0.1785 0.2552 -0.0209 0.0329  0.0361  9   LEU A O    
83  C  CB   . LEU A 9  ? 0.3289 0.2164 0.2741 -0.0282 0.0730  0.0114  9   LEU A CB   
84  C  CG   . LEU A 9  ? 0.3560 0.2076 0.2863 -0.0385 0.0947  -0.0144 9   LEU A CG   
85  C  CD1  . LEU A 9  ? 0.3343 0.2516 0.3770 -0.0223 0.0992  -0.0250 9   LEU A CD1  
86  C  CD2  . LEU A 9  ? 0.3556 0.2536 0.3278 -0.0737 0.1337  -0.0525 9   LEU A CD2  
87  N  N    . CGU A 10 ? 0.2426 0.1906 0.2654 0.0199  0.0327  0.0431  10  CGU A N    
88  C  CA   . CGU A 10 ? 0.2425 0.1882 0.2206 -0.0213 0.0088  0.0023  10  CGU A CA   
89  C  C    . CGU A 10 ? 0.2605 0.1795 0.2262 -0.0159 0.0097  0.0177  10  CGU A C    
90  O  O    . CGU A 10 ? 0.2499 0.2322 0.2319 0.0117  0.0122  -0.0110 10  CGU A O    
91  C  CB   . CGU A 10 ? 0.2809 0.1793 0.2717 -0.0346 -0.0060 0.0184  10  CGU A CB   
92  C  CG   . CGU A 10 ? 0.3197 0.2475 0.2915 -0.0861 -0.0049 0.0526  10  CGU A CG   
93  C  CD1  . CGU A 10 ? 0.3117 0.2596 0.2626 -0.0476 0.0117  0.0214  10  CGU A CD1  
94  C  CD2  . CGU A 10 ? 0.2999 0.2994 0.2966 -0.0775 0.0125  -0.0013 10  CGU A CD2  
95  O  OE11 . CGU A 10 ? 0.2815 0.2607 0.2519 -0.0276 -0.0004 -0.0107 10  CGU A OE11 
96  O  OE12 . CGU A 10 ? 0.3192 0.2180 0.2316 -0.0373 0.0238  -0.0209 10  CGU A OE12 
97  O  OE21 . CGU A 10 ? 0.3165 0.2258 0.3050 -0.0465 0.0048  0.0173  10  CGU A OE21 
98  O  OE22 . CGU A 10 ? 0.2808 0.2347 0.2875 -0.0353 -0.0046 0.0483  10  CGU A OE22 
99  N  N    . ASN A 11 ? 0.2935 0.1629 0.2800 -0.0303 -0.0490 0.0104  11  ASN A N    
100 C  CA   . ASN A 11 ? 0.2970 0.1805 0.3116 -0.0067 -0.0385 0.0060  11  ASN A CA   
101 C  C    . ASN A 11 ? 0.2578 0.1489 0.2678 0.0176  -0.0026 -0.0013 11  ASN A C    
102 O  O    . ASN A 11 ? 0.2089 0.1907 0.2799 -0.0034 0.0257  -0.0119 11  ASN A O    
103 C  CB   . ASN A 11 ? 0.2978 0.1891 0.3726 -0.0129 -0.0749 0.0219  11  ASN A CB   
104 C  CG   . ASN A 11 ? 0.2938 0.3336 0.5427 -0.0349 -0.1023 0.0835  11  ASN A CG   
105 O  OD1  . ASN A 11 ? 0.3119 0.3178 0.6635 -0.0528 -0.0618 0.1065  11  ASN A OD1  
106 N  ND2  . ASN A 11 ? 0.3423 0.6446 0.4860 -0.0954 -0.1411 0.0286  11  ASN A ND2  
107 N  N    . LEU A 12 ? 0.2693 0.2114 0.2468 0.0152  0.0104  -0.0355 12  LEU A N    
108 C  CA   . LEU A 12 ? 0.2652 0.1467 0.2354 0.0141  0.0162  0.0151  12  LEU A CA   
109 C  C    . LEU A 12 ? 0.2961 0.1653 0.2093 0.0008  0.0219  0.0091  12  LEU A C    
110 O  O    . LEU A 12 ? 0.2800 0.1936 0.2354 -0.0295 0.0137  -0.0024 12  LEU A O    
111 C  CB   . LEU A 12 ? 0.2807 0.1747 0.2107 0.0162  0.0191  0.0214  12  LEU A CB   
112 C  CG   . LEU A 12 ? 0.1837 0.1718 0.1950 0.0720  -0.0093 0.0011  12  LEU A CG   
113 C  CD1  . LEU A 12 ? 0.2839 0.1695 0.2827 0.0808  0.0953  0.0474  12  LEU A CD1  
114 C  CD2  . LEU A 12 ? 0.2797 0.1729 0.2803 0.0931  0.0322  0.0034  12  LEU A CD2  
115 N  N    . ARG A 13 ? 0.2373 0.1614 0.2235 -0.0345 0.0263  0.0401  13  ARG A N    
116 C  CA   . ARG A 13 ? 0.2017 0.1675 0.2057 -0.0307 0.0202  0.0194  13  ARG A CA   
117 C  C    . ARG A 13 ? 0.2099 0.1725 0.2195 -0.0399 0.0339  0.0181  13  ARG A C    
118 O  O    . ARG A 13 ? 0.2608 0.1781 0.2166 0.0284  0.0233  -0.0030 13  ARG A O    
119 C  CB   . ARG A 13 ? 0.2510 0.1612 0.1859 -0.0250 -0.0024 0.0189  13  ARG A CB   
120 C  CG   . ARG A 13 ? 0.2632 0.1770 0.1844 0.0045  0.0038  0.0086  13  ARG A CG   
121 C  CD   . ARG A 13 ? 0.2444 0.1682 0.2180 0.0311  0.0161  0.0029  13  ARG A CD   
122 N  NE   . ARG A 13 ? 0.2678 0.1925 0.2391 -0.0100 0.0060  0.0656  13  ARG A NE   
123 C  CZ   . ARG A 13 ? 0.3027 0.2152 0.2450 -0.0627 0.0138  0.0517  13  ARG A CZ   
124 N  NH1  . ARG A 13 ? 0.2437 0.1770 0.2372 -0.0157 0.0416  0.0086  13  ARG A NH1  
125 N  NH2  . ARG A 13 ? 0.2886 0.2528 0.2123 -0.0419 0.0148  0.0328  13  ARG A NH2  
126 N  N    . CGU A 14 ? 0.2041 0.1449 0.2916 0.0138  0.0309  0.0056  14  CGU A N    
127 C  CA   . CGU A 14 ? 0.2096 0.1689 0.3097 -0.0062 0.0428  -0.0353 14  CGU A CA   
128 C  C    . CGU A 14 ? 0.2973 0.1563 0.2199 0.0011  0.0106  0.0040  14  CGU A C    
129 O  O    . CGU A 14 ? 0.2918 0.2534 0.2281 -0.0672 0.0401  -0.0217 14  CGU A O    
130 C  CB   . CGU A 14 ? 0.2099 0.1814 0.2770 -0.0175 0.0402  0.0166  14  CGU A CB   
131 C  CG   . CGU A 14 ? 0.2394 0.1944 0.2855 -0.0518 0.0281  0.0245  14  CGU A CG   
132 C  CD1  . CGU A 14 ? 0.2430 0.1798 0.2602 -0.0400 0.0229  0.0048  14  CGU A CD1  
133 C  CD2  . CGU A 14 ? 0.3189 0.1733 0.3208 -0.0234 -0.0360 0.0220  14  CGU A CD2  
134 O  OE11 . CGU A 14 ? 0.2845 0.1743 0.2855 -0.0383 0.0095  0.0175  14  CGU A OE11 
135 O  OE12 . CGU A 14 ? 0.3168 0.2209 0.2642 -0.0156 0.0201  -0.0074 14  CGU A OE12 
136 O  OE21 . CGU A 14 ? 0.3461 0.2073 0.2992 -0.0179 -0.0360 -0.0050 14  CGU A OE21 
137 O  OE22 . CGU A 14 ? 0.3903 0.1768 0.5572 0.0010  -0.1224 0.0295  14  CGU A OE22 
138 N  N    . ALA A 15 ? 0.2910 0.1794 0.2655 -0.0320 0.0545  0.0121  15  ALA A N    
139 C  CA   . ALA A 15 ? 0.3498 0.1772 0.2832 -0.0389 0.0288  0.0111  15  ALA A CA   
140 C  C    . ALA A 15 ? 0.3421 0.1818 0.2304 -0.0172 0.0523  -0.0095 15  ALA A C    
141 O  O    . ALA A 15 ? 0.3441 0.1749 0.3026 -0.0179 0.0535  -0.0591 15  ALA A O    
142 C  CB   . ALA A 15 ? 0.3189 0.1444 0.2515 0.0226  0.0534  -0.0224 15  ALA A CB   
143 N  N    . GLU A 16 ? 0.3265 0.1966 0.2384 -0.0385 0.0743  -0.0288 16  GLU A N    
144 C  CA   . GLU A 16 ? 0.3379 0.2567 0.2805 -0.0189 0.0476  -0.0167 16  GLU A CA   
145 C  C    . GLU A 16 ? 0.2940 0.2931 0.2976 -0.0353 0.0366  0.0076  16  GLU A C    
146 O  O    . GLU A 16 ? 0.3485 0.2788 0.2905 -0.0978 0.0461  0.0199  16  GLU A O    
147 C  CB   . GLU A 16 ? 0.3503 0.2526 0.2410 0.0141  0.0167  -0.0131 16  GLU A CB   
148 C  CG   . GLU A 16 ? 0.3698 0.2732 0.2565 0.0384  0.0033  0.0073  16  GLU A CG   
149 C  CD   . GLU A 16 ? 0.3659 0.3384 0.3168 -0.0529 -0.0096 0.0516  16  GLU A CD   
150 O  OE1  . GLU A 16 ? 0.3659 0.2705 0.3199 -0.0171 0.0477  -0.0315 16  GLU A OE1  
151 O  OE2  . GLU A 16 ? 0.4428 0.4773 0.4235 -0.0557 -0.1005 0.0203  16  GLU A OE2  
152 N  N    . VAL A 17 ? 0.3055 0.2813 0.2433 -0.0315 0.0599  -0.0305 17  VAL A N    
153 C  CA   . VAL A 17 ? 0.4019 0.2603 0.2429 -0.0398 0.0649  -0.0328 17  VAL A CA   
154 C  C    . VAL A 17 ? 0.3473 0.3431 0.2486 -0.0605 0.0727  -0.0710 17  VAL A C    
155 O  O    . VAL A 17 ? 0.5353 0.3467 0.2221 -0.0748 0.0814  -0.0373 17  VAL A O    
156 C  CB   . VAL A 17 ? 0.3839 0.2702 0.2672 -0.0421 0.0688  -0.0157 17  VAL A CB   
157 C  CG1  . VAL A 17 ? 0.4579 0.2748 0.2474 -0.0711 0.0628  -0.0307 17  VAL A CG1  
158 C  CG2  . VAL A 17 ? 0.4536 0.1817 0.2553 -0.0314 0.0804  0.0433  17  VAL A CG2  
159 N  N    . LYS A 18 ? 0.3954 0.2598 0.3015 -0.0550 0.1004  -0.0376 18  LYS A N    
160 C  CA   . LYS A 18 ? 0.5738 0.2780 0.3855 0.0125  0.1337  -0.0562 18  LYS A CA   
161 C  C    . LYS A 18 ? 0.6197 0.3095 0.3018 -0.0038 0.1392  -0.0946 18  LYS A C    
162 O  O    . LYS A 18 ? 0.6624 0.4769 0.3157 0.0142  0.1568  -0.1400 18  LYS A O    
163 C  CB   . LYS A 18 ? 0.5482 0.2395 0.4048 0.0140  0.1572  -0.0465 18  LYS A CB   
164 C  CG   . LYS A 18 ? 0.6245 0.4792 0.4195 -0.1142 0.0889  -0.0468 18  LYS A CG   
165 C  CD   . LYS A 18 ? 0.6694 0.6586 0.6123 -0.0926 -0.0067 0.0089  18  LYS A CD   
166 C  CE   . LYS A 18 ? 0.7104 0.7978 0.7306 -0.1069 -0.0631 -0.1822 18  LYS A CE   
167 N  NZ   . LYS A 18 ? 0.6583 1.0093 0.7030 -0.0169 -0.1391 -0.2763 18  LYS A NZ   
168 N  N    . LYS A 19 ? 0.5823 0.3747 0.2994 -0.0462 0.1088  -0.0998 19  LYS A N    
169 C  CA   . LYS A 19 ? 0.6398 0.4088 0.2391 -0.0737 0.0717  -0.0799 19  LYS A CA   
170 C  C    . LYS A 19 ? 0.6862 0.4881 0.2186 -0.0233 0.0652  -0.0994 19  LYS A C    
171 O  O    . LYS A 19 ? 0.8009 0.4398 0.3169 -0.0685 -0.0447 -0.0994 19  LYS A O    
172 C  CB   . LYS A 19 ? 0.6377 0.3327 0.3355 -0.0254 0.1070  -0.0050 19  LYS A CB   
173 C  CG   . LYS A 19 ? 0.7275 0.3761 0.3424 0.0273  0.0818  -0.0078 19  LYS A CG   
174 C  CD   . LYS A 19 ? 0.8079 0.4543 0.3115 0.0903  0.0943  0.0293  19  LYS A CD   
175 C  CE   . LYS A 19 ? 0.8968 0.6032 0.3260 0.1515  0.0438  0.0082  19  LYS A CE   
176 N  NZ   . LYS A 19 ? 0.7691 0.4322 0.3014 0.2386  -0.0132 0.0211  19  LYS A NZ   
177 N  N    . ASN A 20 ? 0.6408 0.4581 0.2958 -0.0512 0.0241  -0.0915 20  ASN A N    
178 C  CA   . ASN A 20 ? 0.7348 0.4800 0.3156 -0.0334 -0.0424 -0.1177 20  ASN A CA   
179 C  C    . ASN A 20 ? 0.7400 0.5513 0.2976 -0.0324 -0.0608 -0.0986 20  ASN A C    
180 O  O    . ASN A 20 ? 0.8473 0.7076 0.3063 0.0788  -0.0853 -0.1040 20  ASN A O    
181 C  CB   . ASN A 20 ? 0.8476 0.4800 0.3446 0.0398  -0.0101 -0.0553 20  ASN A CB   
182 C  CG   . ASN A 20 ? 0.9791 0.4921 0.3599 0.0644  0.0822  -0.0735 20  ASN A CG   
183 O  OD1  . ASN A 20 ? 1.3246 0.4418 0.5380 -0.0016 0.3286  0.0364  20  ASN A OD1  
184 N  ND2  . ASN A 20 ? 1.0101 0.6070 0.3472 0.1910  -0.0330 -0.1267 20  ASN A ND2  
185 N  N    . ALA A 21 ? 0.7424 0.5954 0.3906 -0.0465 -0.0170 -0.1087 21  ALA A N    
186 C  CA   . ALA A 21 ? 0.7675 0.6632 0.3603 -0.0454 0.0033  -0.2009 21  ALA A CA   
187 C  C    . ALA A 21 ? 0.7943 0.7285 0.5623 -0.0134 0.0047  -0.3039 21  ALA A C    
188 O  O    . ALA A 21 ? 1.0013 0.6880 0.7859 -0.0413 -0.0634 -0.3217 21  ALA A O    
189 C  CB   . ALA A 21 ? 0.7058 0.5826 0.3696 0.0098  0.0076  -0.1179 21  ALA A CB   
190 N  N    . GLY B 1  ? 0.6043 0.3511 0.4669 0.1701  0.0030  -0.1391 1   GLY B N    
191 C  CA   . GLY B 1  ? 0.4887 0.4095 0.3322 0.1408  -0.0141 -0.1416 1   GLY B CA   
192 C  C    . GLY B 1  ? 0.3636 0.3454 0.2487 0.1059  -0.0249 -0.0708 1   GLY B C    
193 O  O    . GLY B 1  ? 0.3727 0.2965 0.2397 0.1258  -0.0169 -0.0324 1   GLY B O    
194 N  N    . GLU B 2  ? 0.3381 0.3820 0.1909 0.0911  -0.0414 -0.0577 2   GLU B N    
195 C  CA   . GLU B 2  ? 0.2703 0.3282 0.2314 0.0519  -0.0254 -0.0237 2   GLU B CA   
196 C  C    . GLU B 2  ? 0.2444 0.2877 0.2545 0.0634  -0.0280 -0.0505 2   GLU B C    
197 O  O    . GLU B 2  ? 0.2785 0.2743 0.2347 -0.0008 -0.0110 -0.0232 2   GLU B O    
198 C  CB   . GLU B 2  ? 0.3207 0.4064 0.3298 0.0750  -0.0286 0.0629  2   GLU B CB   
199 C  CG   . GLU B 2  ? 0.5021 0.3664 0.3957 0.0978  -0.0335 0.0827  2   GLU B CG   
200 C  CD   . GLU B 2  ? 0.5117 0.4052 0.4257 0.1225  -0.0319 -0.0341 2   GLU B CD   
201 O  OE1  . GLU B 2  ? 0.5082 0.4971 0.5613 0.1944  -0.0977 -0.0064 2   GLU B OE1  
202 O  OE2  . GLU B 2  ? 0.6902 0.3792 0.3611 0.0716  0.0408  0.0086  2   GLU B OE2  
203 N  N    . CGU B 3  ? 0.2883 0.2387 0.2091 0.0289  -0.0346 -0.0110 3   CGU B N    
204 C  CA   . CGU B 3  ? 0.2696 0.2244 0.2271 0.0331  -0.0369 0.0004  3   CGU B CA   
205 C  C    . CGU B 3  ? 0.2771 0.2163 0.2285 0.0607  -0.0064 -0.0020 3   CGU B C    
206 O  O    . CGU B 3  ? 0.2594 0.2214 0.2219 0.0208  -0.0092 -0.0062 3   CGU B O    
207 C  CB   . CGU B 3  ? 0.2753 0.2512 0.2676 0.0287  -0.0459 -0.0377 3   CGU B CB   
208 C  CG   . CGU B 3  ? 0.2654 0.2246 0.2756 0.0185  -0.0469 -0.0435 3   CGU B CG   
209 C  CD1  . CGU B 3  ? 0.2839 0.2460 0.3115 -0.0360 -0.0527 -0.0226 3   CGU B CD1  
210 C  CD2  . CGU B 3  ? 0.2596 0.2250 0.2681 0.0289  -0.0716 -0.0396 3   CGU B CD2  
211 O  OE11 . CGU B 3  ? 0.2988 0.2653 0.3301 -0.0323 -0.0633 -0.0755 3   CGU B OE11 
212 O  OE12 . CGU B 3  ? 0.2805 0.2831 0.3436 -0.0100 -0.0415 0.0183  3   CGU B OE12 
213 O  OE21 . CGU B 3  ? 0.2972 0.1945 0.3031 0.0312  -0.0257 -0.0421 3   CGU B OE21 
214 O  OE22 . CGU B 3  ? 0.2487 0.2109 0.2948 0.0635  -0.0328 -0.0316 3   CGU B OE22 
215 N  N    . CGU B 4  ? 0.2464 0.1930 0.2970 0.0425  -0.0596 -0.0481 4   CGU B N    
216 C  CA   . CGU B 4  ? 0.2881 0.2085 0.3160 0.0607  -0.0659 -0.0335 4   CGU B CA   
217 C  C    . CGU B 4  ? 0.2485 0.2178 0.2510 0.0609  -0.0356 -0.0076 4   CGU B C    
218 O  O    . CGU B 4  ? 0.2828 0.1495 0.2490 0.0553  -0.0159 -0.0041 4   CGU B O    
219 C  CB   . CGU B 4  ? 0.3912 0.1955 0.3205 0.0832  -0.0459 -0.0163 4   CGU B CB   
220 C  CG   . CGU B 4  ? 0.4401 0.2263 0.4751 0.0940  -0.1014 -0.0952 4   CGU B CG   
221 C  CD1  . CGU B 4  ? 0.4546 0.2186 0.5571 0.0697  -0.0060 -0.0864 4   CGU B CD1  
222 C  CD2  . CGU B 4  ? 0.4106 0.3622 0.5356 0.0339  -0.1429 -0.0497 4   CGU B CD2  
223 O  OE11 . CGU B 4  ? 0.5058 0.3527 0.6077 0.0794  0.0657  -0.1557 4   CGU B OE11 
224 O  OE12 . CGU B 4  ? 0.5743 0.2257 1.0770 0.0289  0.0886  -0.0933 4   CGU B OE12 
225 O  OE21 . CGU B 4  ? 0.4535 0.3220 0.4028 0.0617  -0.1218 -0.1562 4   CGU B OE21 
226 O  OE22 . CGU B 4  ? 0.4069 0.4447 0.6904 0.0627  -0.1373 -0.0087 4   CGU B OE22 
227 N  N    . TYR B 5  ? 0.2421 0.2467 0.2224 0.0660  -0.0032 -0.0252 5   TYR B N    
228 C  CA   . TYR B 5  ? 0.2512 0.2204 0.1966 0.0605  -0.0202 0.0217  5   TYR B CA   
229 C  C    . TYR B 5  ? 0.1934 0.1880 0.2009 0.0111  -0.0056 0.0296  5   TYR B C    
230 O  O    . TYR B 5  ? 0.2072 0.1931 0.2010 0.0404  -0.0037 0.0289  5   TYR B O    
231 C  CB   . TYR B 5  ? 0.2606 0.2294 0.2092 0.0745  0.0150  0.0044  5   TYR B CB   
232 C  CG   . TYR B 5  ? 0.2630 0.2462 0.1716 0.0527  0.0239  0.0189  5   TYR B CG   
233 C  CD1  . TYR B 5  ? 0.2540 0.2383 0.2676 0.0495  0.0050  0.0380  5   TYR B CD1  
234 C  CD2  . TYR B 5  ? 0.2634 0.2403 0.2239 0.0585  -0.0326 -0.0192 5   TYR B CD2  
235 C  CE1  . TYR B 5  ? 0.2603 0.2647 0.2600 0.0429  0.0088  0.0104  5   TYR B CE1  
236 C  CE2  . TYR B 5  ? 0.2559 0.2504 0.2860 0.0461  -0.0147 -0.0272 5   TYR B CE2  
237 C  CZ   . TYR B 5  ? 0.2217 0.2525 0.2405 0.0001  0.0225  0.0321  5   TYR B CZ   
238 O  OH   . TYR B 5  ? 0.2214 0.2813 0.3560 -0.0307 0.0164  0.0405  5   TYR B OH   
239 N  N    . GLN B 6  ? 0.1987 0.2179 0.2159 0.0291  -0.0118 0.0176  6   GLN B N    
240 C  CA   . GLN B 6  ? 0.2141 0.1852 0.2281 0.0180  -0.0027 0.0186  6   GLN B CA   
241 C  C    . GLN B 6  ? 0.2314 0.1656 0.2024 0.0425  -0.0150 0.0150  6   GLN B C    
242 O  O    . GLN B 6  ? 0.2261 0.1929 0.2194 0.0432  -0.0157 -0.0051 6   GLN B O    
243 C  CB   . GLN B 6  ? 0.2904 0.1898 0.2241 0.0761  0.0037  0.0418  6   GLN B CB   
244 C  CG   . GLN B 6  ? 0.2706 0.2073 0.2423 0.0336  -0.0061 0.0388  6   GLN B CG   
245 C  CD   . GLN B 6  ? 0.3012 0.2323 0.2786 0.0155  -0.0264 0.0238  6   GLN B CD   
246 O  OE1  . GLN B 6  ? 0.3628 0.2353 0.3069 0.0348  -0.0242 -0.0079 6   GLN B OE1  
247 N  NE2  . GLN B 6  ? 0.2776 0.2524 0.4207 0.0050  0.0128  -0.0091 6   GLN B NE2  
248 N  N    . CGU B 7  ? 0.1998 0.1637 0.2212 0.0439  -0.0148 0.0196  7   CGU B N    
249 C  CA   . CGU B 7  ? 0.2319 0.1972 0.2103 -0.0008 -0.0118 0.0050  7   CGU B CA   
250 C  C    . CGU B 7  ? 0.2193 0.2394 0.2013 -0.0174 -0.0047 0.0243  7   CGU B C    
251 O  O    . CGU B 7  ? 0.2040 0.2314 0.2088 0.0221  -0.0029 -0.0116 7   CGU B O    
252 C  CB   . CGU B 7  ? 0.2369 0.2055 0.2048 -0.0054 -0.0003 -0.0133 7   CGU B CB   
253 C  CG   . CGU B 7  ? 0.2343 0.2012 0.2850 -0.0113 -0.0240 0.0073  7   CGU B CG   
254 C  CD1  . CGU B 7  ? 0.2329 0.2756 0.2885 0.0140  -0.0201 0.0367  7   CGU B CD1  
255 C  CD2  . CGU B 7  ? 0.2269 0.2008 0.3739 -0.0063 -0.0595 -0.0035 7   CGU B CD2  
256 O  OE11 . CGU B 7  ? 0.2502 0.2830 0.3254 0.0323  -0.0142 0.0371  7   CGU B OE11 
257 O  OE12 . CGU B 7  ? 0.2292 0.3007 0.3102 -0.0230 -0.0027 0.0776  7   CGU B OE12 
258 O  OE21 . CGU B 7  ? 0.3228 0.2139 0.3958 0.0290  -0.1146 -0.0227 7   CGU B OE21 
259 O  OE22 . CGU B 7  ? 0.2236 0.2223 0.3123 -0.0019 -0.0356 -0.0033 7   CGU B OE22 
260 N  N    . MET B 8  ? 0.2433 0.2038 0.1721 0.0374  0.0062  0.0531  8   MET B N    
261 C  CA   . MET B 8  ? 0.2498 0.1924 0.1920 0.0634  -0.0070 0.0348  8   MET B CA   
262 C  C    . MET B 8  ? 0.2001 0.1944 0.2191 0.0697  -0.0078 0.0276  8   MET B C    
263 O  O    . MET B 8  ? 0.2298 0.1894 0.2084 0.0415  0.0233  0.0237  8   MET B O    
264 C  CB   . MET B 8  ? 0.2519 0.2296 0.1777 0.0585  -0.0139 0.0050  8   MET B CB   
265 C  CG   . MET B 8  ? 0.2507 0.2506 0.1778 0.0588  -0.0128 -0.0097 8   MET B CG   
266 S  SD   . MET B 8  ? 0.2424 0.2798 0.2904 0.0389  0.0377  0.0329  8   MET B SD   
267 C  CE   . MET B 8  ? 0.2374 0.3343 0.3045 -0.0269 0.0277  0.0613  8   MET B CE   
268 N  N    . LEU B 9  ? 0.1822 0.1995 0.2100 0.0208  -0.0078 0.0263  9   LEU B N    
269 C  CA   . LEU B 9  ? 0.2298 0.2003 0.2003 0.0020  0.0305  0.0385  9   LEU B CA   
270 C  C    . LEU B 9  ? 0.2184 0.1959 0.1801 0.0021  0.0106  0.0354  9   LEU B C    
271 O  O    . LEU B 9  ? 0.2314 0.2109 0.2088 0.0552  -0.0169 0.0001  9   LEU B O    
272 C  CB   . LEU B 9  ? 0.2230 0.2303 0.2026 -0.0502 -0.0013 0.0551  9   LEU B CB   
273 C  CG   . LEU B 9  ? 0.2203 0.2317 0.2912 -0.0950 0.0288  0.0699  9   LEU B CG   
274 C  CD1  . LEU B 9  ? 0.3227 0.2768 0.2360 -0.1224 -0.0177 0.0916  9   LEU B CD1  
275 C  CD2  . LEU B 9  ? 0.2237 0.3063 0.3335 -0.0443 0.0271  0.0851  9   LEU B CD2  
276 N  N    . CGU B 10 ? 0.2101 0.1591 0.2234 0.0127  0.0065  0.0382  10  CGU B N    
277 C  CA   . CGU B 10 ? 0.2083 0.2136 0.2052 0.0101  -0.0018 0.0220  10  CGU B CA   
278 C  C    . CGU B 10 ? 0.2098 0.2186 0.1954 0.0132  -0.0048 0.0167  10  CGU B C    
279 O  O    . CGU B 10 ? 0.1891 0.2194 0.2003 0.0181  -0.0303 -0.0006 10  CGU B O    
280 C  CB   . CGU B 10 ? 0.2041 0.2415 0.1878 0.0242  0.0023  0.0084  10  CGU B CB   
281 C  CG   . CGU B 10 ? 0.2094 0.2415 0.2151 0.0386  0.0112  0.0311  10  CGU B CG   
282 C  CD1  . CGU B 10 ? 0.2233 0.3286 0.2196 -0.0135 0.0313  0.0219  10  CGU B CD1  
283 C  CD2  . CGU B 10 ? 0.1746 0.2341 0.2181 0.0566  0.0183  0.0524  10  CGU B CD2  
284 O  OE11 . CGU B 10 ? 0.2264 0.2831 0.2228 0.0255  0.0140  0.0092  10  CGU B OE11 
285 O  OE12 . CGU B 10 ? 0.2263 0.3332 0.2651 0.0173  0.0523  0.0638  10  CGU B OE12 
286 O  OE21 . CGU B 10 ? 0.2327 0.2845 0.2382 0.0395  0.0523  0.0212  10  CGU B OE21 
287 O  OE22 . CGU B 10 ? 0.2365 0.2516 0.2422 -0.0065 0.0249  0.0141  10  CGU B OE22 
288 N  N    . ASN B 11 ? 0.1959 0.2210 0.1782 0.0099  0.0063  0.0194  11  ASN B N    
289 C  CA   . ASN B 11 ? 0.1949 0.2423 0.1944 0.0406  -0.0086 0.0238  11  ASN B CA   
290 C  C    . ASN B 11 ? 0.2116 0.2133 0.2008 0.0345  -0.0115 0.0296  11  ASN B C    
291 O  O    . ASN B 11 ? 0.2413 0.2029 0.2045 0.0281  -0.0098 0.0020  11  ASN B O    
292 C  CB   . ASN B 11 ? 0.2344 0.2274 0.2207 0.0246  -0.0155 0.0172  11  ASN B CB   
293 C  CG   . ASN B 11 ? 0.2970 0.2810 0.2863 -0.0428 -0.0194 0.0100  11  ASN B CG   
294 O  OD1  . ASN B 11 ? 0.2785 0.2498 0.4210 -0.0467 -0.0108 0.0167  11  ASN B OD1  
295 N  ND2  . ASN B 11 ? 0.4263 0.2963 0.2547 -0.1207 -0.0016 0.0122  11  ASN B ND2  
296 N  N    . LEU B 12 ? 0.1866 0.1905 0.2481 0.0590  -0.0022 0.0362  12  LEU B N    
297 C  CA   . LEU B 12 ? 0.1859 0.2169 0.2598 0.0539  0.0106  0.0052  12  LEU B CA   
298 C  C    . LEU B 12 ? 0.2310 0.2039 0.2134 0.0689  0.0056  0.0318  12  LEU B C    
299 O  O    . LEU B 12 ? 0.2038 0.2358 0.2577 0.0389  -0.0376 -0.0069 12  LEU B O    
300 C  CB   . LEU B 12 ? 0.1758 0.2376 0.2737 0.0609  0.0065  0.0112  12  LEU B CB   
301 C  CG   . LEU B 12 ? 0.1827 0.2318 0.3150 0.0619  0.0347  0.0245  12  LEU B CG   
302 C  CD1  . LEU B 12 ? 0.2429 0.2256 0.2520 0.0227  0.0310  -0.0378 12  LEU B CD1  
303 C  CD2  . LEU B 12 ? 0.3085 0.2351 0.3133 0.1263  0.0354  0.0345  12  LEU B CD2  
304 N  N    . ARG B 13 ? 0.1541 0.1999 0.2662 0.0298  -0.0182 0.0164  13  ARG B N    
305 C  CA   . ARG B 13 ? 0.2450 0.2015 0.2368 0.0710  -0.0184 0.0305  13  ARG B CA   
306 C  C    . ARG B 13 ? 0.2606 0.2151 0.2173 0.0619  -0.0240 0.0131  13  ARG B C    
307 O  O    . ARG B 13 ? 0.2718 0.2332 0.2212 0.0859  -0.0504 0.0018  13  ARG B O    
308 C  CB   . ARG B 13 ? 0.3035 0.1623 0.2090 0.0625  -0.0468 -0.0073 13  ARG B CB   
309 C  CG   . ARG B 13 ? 0.2952 0.1646 0.2346 0.0676  -0.0495 -0.0081 13  ARG B CG   
310 C  CD   . ARG B 13 ? 0.2682 0.1715 0.2678 0.0559  -0.0519 0.0013  13  ARG B CD   
311 N  NE   . ARG B 13 ? 0.2667 0.1892 0.2607 0.0625  -0.0134 0.0099  13  ARG B NE   
312 C  CZ   . ARG B 13 ? 0.2563 0.3080 0.2931 0.0967  -0.0101 -0.0348 13  ARG B CZ   
313 N  NH1  . ARG B 13 ? 0.3101 0.2792 0.2881 0.1509  -0.0291 -0.0276 13  ARG B NH1  
314 N  NH2  . ARG B 13 ? 0.2104 0.4361 0.2957 0.0884  0.0002  -0.0381 13  ARG B NH2  
315 N  N    . CGU B 14 ? 0.2179 0.2355 0.2078 0.0638  -0.0391 0.0304  14  CGU B N    
316 C  CA   . CGU B 14 ? 0.2764 0.3032 0.2036 0.0413  -0.0352 0.0637  14  CGU B CA   
317 C  C    . CGU B 14 ? 0.2595 0.2899 0.1917 0.0871  -0.0167 0.0176  14  CGU B C    
318 O  O    . CGU B 14 ? 0.2806 0.3950 0.1908 0.0868  -0.0114 -0.0030 14  CGU B O    
319 C  CB   . CGU B 14 ? 0.2673 0.3093 0.2285 0.0287  -0.0352 0.0834  14  CGU B CB   
320 C  CG   . CGU B 14 ? 0.2593 0.2764 0.1913 0.0494  -0.0169 0.0563  14  CGU B CG   
321 C  CD1  . CGU B 14 ? 0.2826 0.3297 0.2311 0.0702  0.0009  0.0469  14  CGU B CD1  
322 C  CD2  . CGU B 14 ? 0.2835 0.2810 0.2695 0.0378  -0.0395 0.0547  14  CGU B CD2  
323 O  OE11 . CGU B 14 ? 0.2503 0.3665 0.2778 0.0713  -0.0096 0.0269  14  CGU B OE11 
324 O  OE12 . CGU B 14 ? 0.2980 0.3509 0.2376 0.0606  0.0268  0.0390  14  CGU B OE12 
325 O  OE21 . CGU B 14 ? 0.3331 0.3583 0.1967 -0.0065 -0.0146 0.0292  14  CGU B OE21 
326 O  OE22 . CGU B 14 ? 0.3876 0.2783 0.5390 0.0381  -0.1325 0.1068  14  CGU B OE22 
327 N  N    . ALA B 15 ? 0.2241 0.2557 0.2528 0.0513  -0.0103 0.0082  15  ALA B N    
328 C  CA   . ALA B 15 ? 0.2243 0.3331 0.3019 0.0659  -0.0444 -0.0028 15  ALA B CA   
329 C  C    . ALA B 15 ? 0.3288 0.3245 0.2453 0.0875  -0.0622 -0.0124 15  ALA B C    
330 O  O    . ALA B 15 ? 0.2913 0.3851 0.2506 0.1288  -0.0744 0.0009  15  ALA B O    
331 C  CB   . ALA B 15 ? 0.3022 0.3016 0.2809 0.1122  -0.0654 0.0066  15  ALA B CB   
332 N  N    . GLU B 16 ? 0.3053 0.2870 0.2753 0.1047  -0.1299 0.0025  16  GLU B N    
333 C  CA   . GLU B 16 ? 0.3248 0.3416 0.2976 0.0578  -0.0946 -0.0312 16  GLU B CA   
334 C  C    . GLU B 16 ? 0.3973 0.3282 0.3862 0.1163  -0.0995 -0.0585 16  GLU B C    
335 O  O    . GLU B 16 ? 0.3435 0.4035 0.3543 0.0663  -0.0399 -0.0664 16  GLU B O    
336 C  CB   . GLU B 16 ? 0.4567 0.3577 0.2920 0.0026  -0.1327 0.0068  16  GLU B CB   
337 C  CG   . GLU B 16 ? 0.5378 0.5135 0.5415 -0.1524 -0.0815 0.0006  16  GLU B CG   
338 C  CD   . GLU B 16 ? 0.4940 0.6402 0.6966 -0.1961 -0.0550 0.0246  16  GLU B CD   
339 O  OE1  . GLU B 16 ? 0.5102 0.8268 0.3267 -0.0594 0.0491  0.0816  16  GLU B OE1  
340 O  OE2  . GLU B 16 ? 0.6061 0.7611 0.9116 -0.3371 0.0633  -0.0748 16  GLU B OE2  
341 N  N    . VAL B 17 ? 0.3811 0.3376 0.2473 0.1176  -0.0497 -0.0169 17  VAL B N    
342 C  CA   . VAL B 17 ? 0.4125 0.4881 0.2542 0.1446  -0.0808 -0.1297 17  VAL B CA   
343 C  C    . VAL B 17 ? 0.4065 0.5502 0.2621 0.1326  -0.0361 -0.1117 17  VAL B C    
344 O  O    . VAL B 17 ? 0.5027 0.5828 0.2538 0.1779  -0.0566 -0.1134 17  VAL B O    
345 C  CB   . VAL B 17 ? 0.3720 0.5000 0.3305 0.1087  -0.0597 -0.0574 17  VAL B CB   
346 C  CG1  . VAL B 17 ? 0.4289 0.5282 0.3563 0.2076  -0.0587 -0.0581 17  VAL B CG1  
347 C  CG2  . VAL B 17 ? 0.3900 0.5005 0.3676 0.2884  -0.0507 -0.0325 17  VAL B CG2  
348 N  N    . LYS B 18 ? 0.4408 0.5499 0.2694 0.2186  -0.0466 -0.0824 18  LYS B N    
349 C  CA   . LYS B 18 ? 0.4643 0.6363 0.3013 0.1099  0.0021  -0.0338 18  LYS B CA   
350 C  C    . LYS B 18 ? 0.4976 0.6069 0.2315 0.1302  -0.0198 0.0102  18  LYS B C    
351 O  O    . LYS B 18 ? 0.6193 0.7052 0.2369 0.1700  -0.0209 -0.0097 18  LYS B O    
352 C  CB   . LYS B 18 ? 0.5569 0.6445 0.3656 0.0512  0.0187  -0.0004 18  LYS B CB   
353 C  CG   . LYS B 18 ? 0.5798 0.8003 0.4148 -0.1395 0.0716  0.0447  18  LYS B CG   
354 C  CD   . LYS B 18 ? 0.7214 0.7843 0.4577 -0.1207 0.1258  0.0601  18  LYS B CD   
355 C  CE   . LYS B 18 ? 0.6861 0.7525 0.6274 -0.1999 0.0882  0.1190  18  LYS B CE   
356 N  NZ   . LYS B 18 ? 0.7561 0.9329 0.7350 -0.2214 -0.2978 -0.1897 18  LYS B NZ   
357 N  N    . LYS B 19 ? 0.4727 0.5552 0.2976 0.0833  -0.0206 -0.0171 19  LYS B N    
358 C  CA   . LYS B 19 ? 0.5159 0.6274 0.3741 0.0813  -0.0686 -0.0809 19  LYS B CA   
359 C  C    . LYS B 19 ? 0.6038 0.6509 0.3349 0.0936  -0.0795 -0.0943 19  LYS B C    
360 O  O    . LYS B 19 ? 0.5702 0.7173 0.3781 0.1362  -0.1913 -0.1182 19  LYS B O    
361 C  CB   . LYS B 19 ? 0.4586 0.8432 0.4621 0.0478  -0.0698 -0.2183 19  LYS B CB   
362 C  CG   . LYS B 19 ? 0.4884 0.9099 0.6190 0.0386  -0.1447 -0.2155 19  LYS B CG   
363 C  CD   . LYS B 19 ? 0.5439 0.9063 0.6096 -0.0773 -0.2093 -0.2571 19  LYS B CD   
364 C  CE   . LYS B 19 ? 0.5602 0.9168 0.7439 -0.1190 -0.2327 -0.3779 19  LYS B CE   
365 N  NZ   . LYS B 19 ? 0.5883 0.9040 0.7348 -0.1052 -0.2269 -0.3709 19  LYS B NZ   
366 N  N    . ASN B 20 ? 0.6825 0.6365 0.3214 0.1269  -0.0987 -0.1235 20  ASN B N    
367 C  CA   . ASN B 20 ? 0.6972 0.6132 0.4249 0.0524  -0.0711 -0.1282 20  ASN B CA   
368 C  C    . ASN B 20 ? 0.8058 0.6123 0.4517 0.0864  -0.0013 -0.1721 20  ASN B C    
369 O  O    . ASN B 20 ? 1.3492 0.6259 0.6039 0.2254  0.1973  -0.1368 20  ASN B O    
370 C  CB   . ASN B 20 ? 0.7691 0.6172 0.4585 0.0506  -0.0622 -0.1031 20  ASN B CB   
371 C  CG   . ASN B 20 ? 0.7458 0.6303 0.4601 0.0408  -0.0821 -0.0637 20  ASN B CG   
372 O  OD1  . ASN B 20 ? 0.7408 0.7899 0.5327 -0.0777 -0.1321 -0.0505 20  ASN B OD1  
373 N  ND2  . ASN B 20 ? 0.8081 0.6173 0.3976 0.1825  -0.0528 -0.2437 20  ASN B ND2  
374 N  N    . ALA B 21 ? 0.6943 0.7612 0.5021 0.0249  -0.0369 -0.1406 21  ALA B N    
375 C  CA   . ALA B 21 ? 0.7964 0.8121 0.3804 0.0968  -0.0354 -0.0868 21  ALA B CA   
376 C  C    . ALA B 21 ? 0.8850 0.8311 0.4423 0.0536  -0.1385 -0.0602 21  ALA B C    
377 O  O    . ALA B 21 ? 1.1864 0.9199 0.5659 0.2160  -0.2145 -0.0468 21  ALA B O    
378 C  CB   . ALA B 21 ? 0.6197 1.0312 0.3825 0.1439  0.0073  -0.1514 21  ALA B CB   
379 CA CA   . CA  C .  ? 0.4230 0.2386 0.3053 -0.0400 -0.0882 0.0444  102 CA  A CA   
380 CA CA   . CA  D .  ? 0.2443 0.2377 0.3207 0.0219  -0.0268 0.0148  101 CA  B CA   
381 CA CA   . CA  E .  ? 0.2316 0.3655 0.2843 0.0644  0.0001  0.0260  103 CA  B CA   
382 CA CA   . CA  F .  ? 0.2611 0.2161 0.3060 0.0078  -0.0241 0.0030  104 CA  B CA   
383 O  O    . HOH G .  ? 0.3120 0.2290 0.3157 -0.0236 0.0643  -0.0055 103 HOH A O    
384 O  O    . HOH G .  ? 0.3666 0.3597 0.4374 0.0448  0.0660  0.0415  104 HOH A O    
385 O  O    . HOH G .  ? 0.3903 0.2580 0.3501 0.0129  0.0941  -0.0330 105 HOH A O    
386 O  O    . HOH G .  ? 0.2534 0.3328 0.2675 -0.0335 -0.0211 0.0280  106 HOH A O    
387 O  O    . HOH G .  ? 0.3054 0.3294 0.3717 -0.0122 0.0560  -0.0238 107 HOH A O    
388 O  O    . HOH G .  ? 0.3015 0.3006 0.4541 0.0377  0.0696  -0.0286 108 HOH A O    
389 O  O    . HOH G .  ? 0.4214 0.3693 0.7172 0.0380  -0.0994 0.0380  109 HOH A O    
390 O  O    . HOH G .  ? 0.3728 0.2716 0.3789 0.0252  0.0629  0.0403  110 HOH A O    
391 O  O    . HOH G .  ? 0.4880 0.2949 0.3845 0.0963  0.0474  -0.0631 111 HOH A O    
392 O  O    . HOH G .  ? 0.3628 0.3651 0.4312 -0.0283 -0.0279 -0.0674 112 HOH A O    
393 O  O    A HOH G .  ? 0.5950 0.3012 0.3002 -0.1089 0.0779  0.0089  113 HOH A O    
394 O  O    B HOH G .  ? 0.6922 0.4685 0.3626 -0.0192 0.0890  0.0041  113 HOH A O    
395 O  O    . HOH G .  ? 0.7253 0.5104 0.3995 -0.1098 -0.0365 0.0660  114 HOH A O    
396 O  O    . HOH G .  ? 0.2732 0.3093 0.4376 0.0256  -0.0866 -0.1048 115 HOH A O    
397 O  O    . HOH G .  ? 0.6708 0.4615 0.4321 0.0592  0.1302  -0.1002 116 HOH A O    
398 O  O    . HOH G .  ? 1.1298 0.9567 1.0078 0.0267  0.0086  -0.2015 117 HOH A O    
399 O  O    . HOH G .  ? 0.7365 0.4965 0.7169 0.0876  0.0618  -0.0408 118 HOH A O    
400 O  O    . HOH G .  ? 0.6653 0.4673 0.4877 -0.1030 -0.0667 0.1488  119 HOH A O    
401 O  O    . HOH G .  ? 0.5032 0.8422 1.0515 -0.1466 -0.0421 0.1051  120 HOH A O    
402 O  O    . HOH G .  ? 0.4372 0.4175 0.4693 0.0692  0.0501  -0.0115 121 HOH A O    
403 O  O    . HOH G .  ? 0.8811 0.5076 0.4024 -0.1640 0.0198  0.0264  122 HOH A O    
404 O  O    . HOH G .  ? 0.7118 0.4906 0.3764 -0.1154 -0.1526 0.0471  123 HOH A O    
405 O  O    . HOH G .  ? 0.6389 0.9115 0.7111 0.0279  -0.0832 -0.1352 124 HOH A O    
406 O  O    A HOH G .  ? 0.6034 0.4517 0.5578 -0.0324 0.0182  -0.0702 125 HOH A O    
407 O  O    B HOH G .  ? 0.7165 0.7114 0.8086 -0.1379 -0.0444 -0.0660 125 HOH A O    
408 O  O    . HOH G .  ? 0.8689 0.7355 0.9287 0.0431  0.0342  0.1228  126 HOH A O    
409 O  O    . HOH G .  ? 1.0448 1.2037 1.1701 -0.0115 -0.0430 -0.0533 127 HOH A O    
410 O  O    . HOH G .  ? 0.3975 0.5434 0.4303 0.0256  -0.1091 0.0802  128 HOH A O    
411 O  O    . HOH G .  ? 0.4086 0.4652 0.4418 -0.0201 -0.0147 0.0470  129 HOH A O    
412 O  O    . HOH G .  ? 0.5792 0.3756 0.5310 0.1524  -0.1044 0.1451  130 HOH A O    
413 O  O    . HOH G .  ? 0.6112 0.3567 0.8380 0.0958  -0.2439 0.0715  131 HOH A O    
414 O  O    . HOH G .  ? 1.0354 0.5852 0.4442 0.1629  0.0275  -0.0895 132 HOH A O    
415 O  O    . HOH G .  ? 0.8826 0.7031 0.7596 0.1170  0.1084  -0.1155 133 HOH A O    
416 O  O    . HOH G .  ? 0.4284 0.6554 0.8026 -0.0858 -0.0019 0.0004  134 HOH A O    
417 O  O    . HOH G .  ? 0.4182 0.7440 0.7800 -0.0573 0.1036  -0.0099 135 HOH A O    
418 O  O    . HOH G .  ? 0.3838 0.3145 0.6018 0.0794  -0.0382 -0.0241 136 HOH A O    
419 O  O    . HOH G .  ? 0.5507 0.6731 0.8111 0.1956  -0.0972 0.0155  137 HOH A O    
420 O  O    . HOH G .  ? 0.6366 0.8156 0.9336 -0.0119 0.1609  0.0762  138 HOH A O    
421 O  O    . HOH G .  ? 0.5660 0.7326 0.8010 0.2092  -0.0336 -0.0508 139 HOH A O    
422 O  O    . HOH G .  ? 0.6739 0.6368 0.8620 -0.1254 -0.2096 0.1240  140 HOH A O    
423 O  O    . HOH G .  ? 0.9395 0.8129 0.8277 0.2121  0.0848  -0.0669 141 HOH A O    
424 O  O    . HOH G .  ? 0.9537 0.7390 0.3592 -0.1145 0.0478  -0.1217 142 HOH A O    
425 O  O    . HOH G .  ? 0.9416 1.2867 1.2329 -0.0476 -0.1282 0.0102  143 HOH A O    
426 O  O    . HOH G .  ? 0.7496 0.8917 0.8396 0.0291  0.0521  -0.0276 144 HOH A O    
427 O  O    . HOH G .  ? 0.6607 0.4367 0.5547 -0.0340 0.0409  -0.0202 145 HOH A O    
428 O  O    . HOH G .  ? 0.5250 0.7636 0.7212 0.1258  -0.0338 -0.1950 146 HOH A O    
429 O  O    . HOH G .  ? 0.5730 0.7740 1.0802 -0.0051 -0.0514 -0.2164 147 HOH A O    
430 O  O    . HOH G .  ? 0.8110 0.5895 0.5021 -0.1111 -0.0325 -0.0912 148 HOH A O    
431 O  O    . HOH G .  ? 0.5983 0.9363 0.9771 0.0204  0.0177  -0.1362 149 HOH A O    
432 O  O    . HOH G .  ? 1.0031 1.1353 1.2935 -0.0129 0.0035  -0.1668 150 HOH A O    
433 O  O    . HOH G .  ? 0.9821 1.2227 1.0953 -0.0660 0.0651  -0.0440 151 HOH A O    
434 O  O    . HOH G .  ? 0.8836 0.5923 0.4883 -0.0797 -0.1175 -0.2455 152 HOH A O    
435 O  O    . HOH G .  ? 1.1347 0.9835 0.8854 0.0906  0.0686  0.0713  153 HOH A O    
436 O  O    . HOH G .  ? 0.7291 0.7242 0.9994 0.0646  0.0933  0.0510  154 HOH A O    
437 O  O    . HOH G .  ? 0.7661 0.7237 0.8583 -0.0857 0.1604  0.0891  155 HOH A O    
438 O  O    . HOH G .  ? 1.2656 0.9906 0.8535 0.0994  0.0959  -0.0606 156 HOH A O    
439 O  O    . HOH G .  ? 1.1802 1.0769 1.1379 -0.0008 0.0162  0.0716  157 HOH A O    
440 O  O    . HOH G .  ? 0.5722 0.9273 0.8327 -0.0395 0.0387  0.1159  158 HOH A O    
441 O  O    . HOH G .  ? 0.8496 0.9932 1.0543 -0.1914 -0.1333 -0.0321 159 HOH A O    
442 O  O    . HOH G .  ? 1.1894 1.1386 1.0597 -0.0023 -0.0003 0.0483  160 HOH A O    
443 O  O    . HOH G .  ? 1.2652 1.4391 1.4403 -0.0582 -0.0419 -0.0327 161 HOH A O    
444 O  O    . HOH G .  ? 1.0955 1.1598 1.0647 0.0903  -0.0443 0.0645  162 HOH A O    
445 O  O    . HOH G .  ? 0.8167 0.7914 0.7597 -0.0807 -0.1462 -0.0786 163 HOH A O    
446 O  O    . HOH G .  ? 1.0522 0.9822 0.8245 -0.1436 0.1083  0.1076  164 HOH A O    
447 O  O    . HOH G .  ? 1.5789 1.4711 1.4113 -0.0128 0.0522  0.0669  165 HOH A O    
448 O  O    . HOH G .  ? 1.0599 0.9908 0.9534 0.1181  -0.0512 0.0093  166 HOH A O    
449 O  O    . HOH G .  ? 1.5194 1.4702 1.4761 -0.0277 -0.0117 -0.0695 167 HOH A O    
450 O  O    . HOH G .  ? 1.1111 1.0116 1.1817 0.1402  -0.0563 0.0373  168 HOH A O    
451 O  O    . HOH G .  ? 1.5227 1.5202 1.4512 0.0343  -0.0143 0.0319  169 HOH A O    
452 O  O    . HOH G .  ? 0.9537 0.6730 0.6075 -0.0158 0.1678  0.0531  170 HOH A O    
453 O  O    . HOH G .  ? 1.0164 1.1529 1.2482 0.0532  -0.0844 0.1169  171 HOH A O    
454 O  O    . HOH H .  ? 0.3435 0.2368 0.3001 -0.0248 0.0423  -0.0059 105 HOH B O    
455 O  O    . HOH H .  ? 0.3206 0.3608 0.3055 -0.0152 0.0192  0.0453  106 HOH B O    
456 O  O    . HOH H .  ? 0.4830 0.4596 0.3867 0.1151  -0.1119 -0.0539 107 HOH B O    
457 O  O    . HOH H .  ? 0.9023 0.7728 0.3475 0.0642  0.0571  -0.0416 108 HOH B O    
458 O  O    . HOH H .  ? 1.0512 0.7710 0.8993 0.0055  0.0546  -0.1997 109 HOH B O    
459 O  O    . HOH H .  ? 0.4791 0.3145 0.4745 0.1035  -0.0143 0.0096  110 HOH B O    
460 O  O    A HOH H .  ? 0.5482 0.5206 0.5031 -0.0402 0.0205  0.0877  111 HOH B O    
461 O  O    B HOH H .  ? 0.6142 0.5462 0.6879 0.1057  0.0048  -0.0283 111 HOH B O    
462 O  O    C HOH H .  ? 0.7752 0.7657 0.7357 0.0266  -0.0188 0.0027  111 HOH B O    
463 O  O    . HOH H .  ? 0.3409 0.2668 0.5055 0.0090  0.0833  0.0076  112 HOH B O    
464 O  O    . HOH H .  ? 0.3683 0.2187 0.3066 0.0600  0.0352  0.0023  113 HOH B O    
465 O  O    . HOH H .  ? 0.2985 0.3451 0.3703 -0.0257 0.0047  0.1175  114 HOH B O    
466 O  O    . HOH H .  ? 0.4297 0.2864 0.3510 -0.0043 0.0602  0.1013  115 HOH B O    
467 O  O    A HOH H .  ? 0.3259 0.2901 0.5130 -0.0453 0.0071  0.1020  116 HOH B O    
468 O  O    B HOH H .  ? 0.5516 0.4878 0.6578 0.0637  0.0362  0.0050  116 HOH B O    
469 O  O    . HOH H .  ? 0.3547 0.2930 0.3650 0.0830  -0.0788 -0.0862 117 HOH B O    
470 O  O    . HOH H .  ? 0.3951 0.3778 0.2092 0.1272  0.0209  0.0362  118 HOH B O    
471 O  O    . HOH H .  ? 0.2789 0.2956 0.2933 0.0220  -0.0310 0.0348  119 HOH B O    
472 O  O    . HOH H .  ? 0.2941 0.4723 0.5516 0.0120  -0.0284 -0.1092 120 HOH B O    
473 O  O    . HOH H .  ? 0.4050 0.3239 0.5283 0.0209  -0.0938 -0.1312 121 HOH B O    
474 O  O    . HOH H .  ? 0.5724 0.3581 0.3282 -0.0498 0.0628  0.0732  122 HOH B O    
475 O  O    . HOH H .  ? 0.6233 0.5085 0.4394 -0.0448 0.0035  0.0717  123 HOH B O    
476 O  O    . HOH H .  ? 0.3894 0.6568 0.3445 -0.0586 0.0366  -0.1549 124 HOH B O    
477 O  O    . HOH H .  ? 0.6177 0.4590 0.4649 0.0545  0.0615  0.1240  125 HOH B O    
478 O  O    . HOH H .  ? 0.3761 0.3760 0.6537 0.0044  0.0315  0.0854  126 HOH B O    
479 O  O    . HOH H .  ? 1.1856 0.4439 0.7597 -0.1427 0.0289  0.4188  127 HOH B O    
480 O  O    . HOH H .  ? 0.3310 0.5028 0.4746 0.0200  -0.0744 0.1172  128 HOH B O    
481 O  O    . HOH H .  ? 0.4787 0.4394 0.5543 -0.1029 -0.0457 0.0880  129 HOH B O    
482 O  O    . HOH H .  ? 0.5071 0.6724 0.3546 0.1139  -0.1068 -0.0572 130 HOH B O    
483 O  O    . HOH H .  ? 0.5222 0.3963 0.4331 0.0234  -0.0138 0.0102  131 HOH B O    
484 O  O    A HOH H .  ? 0.5570 0.3708 0.5708 0.0246  -0.0772 0.0204  132 HOH B O    
485 O  O    B HOH H .  ? 0.7114 0.6126 0.6662 -0.0736 -0.0868 0.0094  132 HOH B O    
486 O  O    . HOH H .  ? 0.4182 0.3646 0.4180 0.1017  0.0642  0.0929  133 HOH B O    
487 O  O    . HOH H .  ? 0.3924 0.6204 0.5991 0.2108  -0.0774 -0.0886 134 HOH B O    
488 O  O    . HOH H .  ? 0.4563 0.5858 0.4368 -0.0338 0.0516  -0.0037 135 HOH B O    
489 O  O    . HOH H .  ? 0.4805 0.6452 0.3143 -0.0734 -0.0878 -0.0718 136 HOH B O    
490 O  O    . HOH H .  ? 0.3492 0.3603 0.5009 -0.0439 -0.0840 0.0272  137 HOH B O    
491 O  O    . HOH H .  ? 0.6190 0.5807 0.4138 0.1129  -0.0654 0.0699  138 HOH B O    
492 O  O    . HOH H .  ? 0.7392 0.3456 0.5440 0.0770  -0.1562 -0.0971 139 HOH B O    
493 O  O    . HOH H .  ? 0.8005 0.4517 0.5271 -0.0580 -0.0507 -0.0681 140 HOH B O    
494 O  O    . HOH H .  ? 0.7622 0.8576 0.6538 -0.1855 0.1053  0.1443  141 HOH B O    
495 O  O    . HOH H .  ? 0.6320 0.6808 0.5847 -0.0852 -0.1948 -0.0372 142 HOH B O    
496 O  O    . HOH H .  ? 0.9509 0.9146 0.5959 0.0282  -0.0344 0.0210  143 HOH B O    
497 O  O    . HOH H .  ? 0.4508 0.5795 0.7250 -0.0448 -0.0211 0.0127  144 HOH B O    
498 O  O    . HOH H .  ? 0.4909 0.7239 0.7124 -0.0955 -0.0202 -0.0492 145 HOH B O    
499 O  O    . HOH H .  ? 0.3558 0.2967 0.5886 -0.0060 -0.0264 0.1454  146 HOH B O    
500 O  O    A HOH H .  ? 0.7165 0.5546 0.7327 0.0939  0.1008  -0.0206 147 HOH B O    
501 O  O    B HOH H .  ? 0.6840 0.6693 0.9761 -0.0980 0.0128  0.1083  147 HOH B O    
502 O  O    . HOH H .  ? 0.5544 0.4461 0.2885 -0.0625 0.0877  0.0647  148 HOH B O    
503 O  O    . HOH H .  ? 0.7692 0.7954 0.4781 0.0471  -0.0646 -0.0129 149 HOH B O    
504 O  O    . HOH H .  ? 0.7777 0.7316 0.8942 0.2568  -0.0568 -0.0930 150 HOH B O    
505 O  O    . HOH H .  ? 0.6035 0.7455 0.8551 -0.1320 -0.0695 0.1445  151 HOH B O    
506 O  O    . HOH H .  ? 0.5884 0.6328 0.5790 0.0337  -0.1265 -0.0245 152 HOH B O    
507 O  O    . HOH H .  ? 0.5841 0.5955 0.8598 -0.0047 -0.0664 0.0985  153 HOH B O    
508 O  O    . HOH H .  ? 0.6527 0.5860 0.6142 0.1382  -0.0173 -0.1890 154 HOH B O    
509 O  O    . HOH H .  ? 0.6355 0.7530 1.0718 0.1275  0.0270  -0.0149 155 HOH B O    
510 O  O    . HOH H .  ? 1.4076 1.3356 1.2770 -0.0400 0.0063  -0.0100 156 HOH B O    
511 O  O    . HOH H .  ? 1.3477 1.3178 1.3499 -0.0538 0.0001  -0.0100 157 HOH B O    
512 O  O    . HOH H .  ? 0.7350 0.8970 0.8739 -0.0370 -0.0662 0.0467  158 HOH B O    
513 O  O    . HOH H .  ? 0.5363 0.8379 1.0347 -0.0024 0.0007  -0.0878 159 HOH B O    
514 O  O    . HOH H .  ? 1.1611 1.1785 1.2917 -0.0756 0.0355  0.0717  160 HOH B O    
515 O  O    . HOH H .  ? 0.8658 0.6735 0.7545 0.0650  -0.0535 0.1121  161 HOH B O    
516 O  O    . HOH H .  ? 1.2587 1.2065 0.7379 -0.0129 -0.1198 -0.3550 162 HOH B O    
517 O  O    . HOH H .  ? 0.8743 0.7930 1.0074 -0.1921 -0.0375 0.0303  163 HOH B O    
518 O  O    . HOH H .  ? 1.0577 1.1831 1.1111 -0.0267 0.0112  -0.0794 164 HOH B O    
519 O  O    . HOH H .  ? 1.0784 1.0862 0.9475 -0.0805 0.0267  -0.0229 165 HOH B O    
520 O  O    . HOH H .  ? 0.7184 0.3728 0.9382 0.0641  -0.0634 -0.0177 166 HOH B O    
521 O  O    . HOH H .  ? 0.6830 0.7428 1.0337 -0.1152 -0.2105 -0.0607 167 HOH B O    
522 O  O    . HOH H .  ? 1.2240 1.3440 1.3633 0.0523  0.0441  -0.0556 168 HOH B O    
523 O  O    . HOH H .  ? 1.2953 1.1841 1.2300 -0.0042 0.0245  0.0313  169 HOH B O    
524 O  O    . HOH H .  ? 1.0388 0.7739 0.4754 0.1046  0.0296  -0.0341 170 HOH B O    
525 O  O    . HOH H .  ? 1.2092 0.8060 0.8250 0.1548  -0.0181 -0.0578 171 HOH B O    
526 O  O    . HOH H .  ? 1.6104 1.5852 1.4986 0.0111  0.0068  0.0815  172 HOH B O    
527 O  O    . HOH H .  ? 0.8089 1.1109 0.6067 0.0085  -0.1238 -0.0470 173 HOH B O    
528 O  O    . HOH H .  ? 1.6638 1.5241 1.5313 0.0399  0.0292  0.0609  174 HOH B O    
529 O  O    . HOH H .  ? 1.1366 0.8014 1.1098 0.3432  0.0406  -0.0361 175 HOH B O    
530 O  O    . HOH H .  ? 1.1342 1.1558 1.1800 0.1166  0.0623  -0.0047 176 HOH B O    
531 O  O    . HOH H .  ? 0.6899 0.7019 0.6778 0.1222  -0.0325 0.0387  177 HOH B O    
# 
